data_7UZC
#
_entry.id   7UZC
#
_cell.length_a   54.470
_cell.length_b   165.165
_cell.length_c   93.715
_cell.angle_alpha   90.000
_cell.angle_beta   106.630
_cell.angle_gamma   90.000
#
_symmetry.space_group_name_H-M   'P 1 21 1'
#
loop_
_entity.id
_entity.type
_entity.pdbx_description
1 polymer 'Spike protein S1'
2 polymer 'M8a-34 Fab heavy chain'
3 polymer 'M8a-34 Fab light chain'
4 branched alpha-D-mannopyranose-(1-3)-alpha-D-mannopyranose-(1-6)-beta-D-mannopyranose-(1-4)-2-acetamido-2-deoxy-beta-D-glucopyranose-(1-4)-2-acetamido-2-deoxy-beta-D-glucopyranose
5 branched alpha-D-mannopyranose-(1-3)-beta-D-mannopyranose-(1-4)-2-acetamido-2-deoxy-beta-D-glucopyranose-(1-4)-2-acetamido-2-deoxy-beta-D-glucopyranose
6 water water
#
loop_
_entity_poly.entity_id
_entity_poly.type
_entity_poly.pdbx_seq_one_letter_code
_entity_poly.pdbx_strand_id
1 'polypeptide(L)'
;MGWSCIILFLVATATGVHSRFPNITNLCPFGEVFNATRFASVYAWNRKRISNCVADYSVLYNSASFSTFKCYGVSPTKLN
DLCFTNVYADSFVIRGDEVRQIAPGQTGKIADYNYKLPDDFTGCVIAWNSNNLDSKVGGNYNYLYRLFRKSNLKPFERDI
STEIYQAGSTPCNGVEGFNCYFPLQSYGFQPTNGVGYQPYRVVVLSFELLHAPATVCGPKKSTNLHHHHHH
;
A,B
2 'polypeptide(L)'
;QVQLQQPGAELVKPGASVKMSCKASGYTFITYWITWVKQRPGQGLEWIGDIYPGGGRTNYNEKFKSKATLTVDTSSSTAY
MQLRSLTSEDSAVYYCARYDGNYVGYYYAMDYWGQGTSVTVSSASTKGPSVFPLAPSSKSTSGGTAALGCLVKDYFPEPV
TVSWNSGALTSGVHTFPAVLQSSGLYSLSSVVTVPSSSLGTQTYICNVNHKPSNTKVDKRVEPKSCDKTHHHHHH
;
E,H
3 'polypeptide(L)'
;DIVLTQSPVSLAVSLGQRATISCRASESVDFYGNSFIYWYQQKPGQAPKLLIYRASNLESGIPARFSGSGSRTDFTLTIH
PVEADDVATYYCQQSIEDPRTFGGGTKLEIKRTVAAPSVFIFPPSDEQLKSGTASVVCLLNNFYPREAKVQWKVDNALQS
GNSQESVTEQDSKDSTYSLSSTLTLSKADYEKHKVYACEVTHQGLSSPVTKSFNRGEC
;
F,L
#
loop_
_chem_comp.id
_chem_comp.type
_chem_comp.name
_chem_comp.formula
BMA D-saccharide, beta linking beta-D-mannopyranose 'C6 H12 O6'
MAN D-saccharide, alpha linking alpha-D-mannopyranose 'C6 H12 O6'
NAG D-saccharide, beta linking 2-acetamido-2-deoxy-beta-D-glucopyranose 'C8 H15 N O6'
#
# COMPACT_ATOMS: atom_id res chain seq x y z
N THR A 25 19.72 12.07 40.42
CA THR A 25 20.72 13.11 40.64
C THR A 25 21.98 12.83 39.82
N ASN A 26 22.08 11.62 39.24
CA ASN A 26 23.12 11.35 38.26
C ASN A 26 22.67 11.92 36.91
N LEU A 27 22.56 13.23 36.89
CA LEU A 27 22.11 13.92 35.70
C LEU A 27 23.23 13.93 34.66
N CYS A 28 22.86 13.72 33.40
CA CYS A 28 23.86 13.78 32.35
C CYS A 28 24.49 15.17 32.36
N PRO A 29 25.78 15.29 32.10
CA PRO A 29 26.48 16.56 32.34
C PRO A 29 26.30 17.58 31.22
N PHE A 30 25.05 17.85 30.87
CA PHE A 30 24.79 18.78 29.79
C PHE A 30 25.38 20.15 30.09
N GLY A 31 25.30 20.58 31.35
CA GLY A 31 25.85 21.89 31.72
C GLY A 31 27.33 22.02 31.43
N GLU A 32 28.07 20.91 31.51
CA GLU A 32 29.49 20.97 31.21
C GLU A 32 29.74 21.28 29.74
N VAL A 33 28.87 20.80 28.84
CA VAL A 33 29.02 21.07 27.41
C VAL A 33 28.46 22.45 27.06
N PHE A 34 27.17 22.67 27.35
CA PHE A 34 26.51 23.89 26.92
C PHE A 34 27.08 25.11 27.60
N ASN A 35 27.52 24.97 28.85
CA ASN A 35 27.97 26.11 29.65
C ASN A 35 29.48 26.11 29.88
N ALA A 36 30.23 25.32 29.11
CA ALA A 36 31.68 25.38 29.23
C ALA A 36 32.15 26.79 28.95
N THR A 37 33.15 27.25 29.71
CA THR A 37 33.64 28.63 29.54
C THR A 37 34.28 28.82 28.18
N ARG A 38 35.12 27.87 27.76
CA ARG A 38 35.75 27.91 26.45
C ARG A 38 35.06 26.95 25.51
N PHE A 39 34.89 27.38 24.27
CA PHE A 39 34.42 26.51 23.20
C PHE A 39 35.54 26.32 22.19
N ALA A 40 35.50 25.20 21.47
CA ALA A 40 36.55 24.89 20.52
C ALA A 40 36.31 25.58 19.18
N SER A 41 37.39 25.77 18.42
CA SER A 41 37.23 26.11 17.01
C SER A 41 36.60 24.94 16.27
N VAL A 42 35.85 25.26 15.22
CA VAL A 42 35.08 24.24 14.52
C VAL A 42 36.00 23.20 13.86
N TYR A 43 37.16 23.62 13.34
CA TYR A 43 38.07 22.63 12.74
C TYR A 43 38.58 21.66 13.80
N ALA A 44 38.68 22.10 15.06
CA ALA A 44 39.12 21.26 16.17
C ALA A 44 37.98 20.96 17.14
N TRP A 45 36.78 20.71 16.57
CA TRP A 45 35.55 20.58 17.36
C TRP A 45 35.71 19.57 18.49
N ASN A 46 35.09 19.86 19.63
CA ASN A 46 35.21 18.97 20.78
C ASN A 46 34.13 17.91 20.72
N ARG A 47 34.42 16.76 21.33
CA ARG A 47 33.44 15.69 21.49
C ARG A 47 33.46 15.18 22.92
N LYS A 48 32.28 15.15 23.55
CA LYS A 48 32.10 14.55 24.87
C LYS A 48 31.23 13.31 24.75
N ARG A 49 31.78 12.16 25.11
CA ARG A 49 30.98 10.94 25.19
C ARG A 49 30.16 10.95 26.46
N ILE A 50 28.86 10.64 26.34
CA ILE A 50 27.89 10.71 27.43
C ILE A 50 27.22 9.34 27.55
N SER A 51 27.23 8.79 28.76
CA SER A 51 26.70 7.46 29.02
C SER A 51 26.45 7.33 30.52
N ASN A 52 25.71 6.28 30.88
CA ASN A 52 25.44 5.92 32.27
C ASN A 52 24.82 7.10 33.05
N CYS A 53 23.75 7.67 32.50
CA CYS A 53 23.12 8.79 33.19
C CYS A 53 21.69 8.99 32.70
N VAL A 54 20.96 9.77 33.48
CA VAL A 54 19.64 10.23 33.10
C VAL A 54 19.80 11.66 32.60
N ALA A 55 19.37 11.88 31.36
CA ALA A 55 19.50 13.17 30.71
C ALA A 55 18.23 13.95 30.97
N ASP A 56 18.35 15.09 31.65
CA ASP A 56 17.22 15.96 31.91
C ASP A 56 17.18 17.05 30.85
N TYR A 57 16.37 16.86 29.82
CA TYR A 57 16.28 17.84 28.74
C TYR A 57 15.50 19.09 29.14
N SER A 58 14.89 19.10 30.32
CA SER A 58 14.14 20.28 30.77
C SER A 58 15.00 21.53 30.70
N VAL A 59 16.27 21.38 31.05
CA VAL A 59 17.18 22.52 31.04
C VAL A 59 17.32 23.07 29.62
N LEU A 60 17.25 22.21 28.60
CA LEU A 60 17.26 22.71 27.24
C LEU A 60 15.93 23.34 26.85
N TYR A 61 14.82 22.68 27.18
CA TYR A 61 13.51 23.23 26.81
C TYR A 61 13.25 24.58 27.47
N ASN A 62 13.77 24.81 28.68
CA ASN A 62 13.50 26.02 29.46
C ASN A 62 14.50 27.14 29.19
N SER A 63 15.35 26.98 28.17
CA SER A 63 16.33 27.98 27.80
C SER A 63 15.75 28.94 26.74
N ALA A 64 15.91 30.22 26.98
CA ALA A 64 15.48 31.25 26.04
C ALA A 64 16.59 31.72 25.11
N SER A 65 17.79 31.17 25.25
CA SER A 65 18.93 31.62 24.44
C SER A 65 18.91 31.07 23.02
N PHE A 66 18.39 29.85 22.84
CA PHE A 66 18.59 29.08 21.61
C PHE A 66 17.86 29.71 20.42
N SER A 67 18.62 29.96 19.35
CA SER A 67 17.99 30.38 18.10
C SER A 67 17.78 29.21 17.15
N THR A 68 18.50 28.12 17.35
CA THR A 68 18.32 26.92 16.53
C THR A 68 18.20 25.73 17.47
N PHE A 69 17.18 24.92 17.23
CA PHE A 69 16.94 23.68 17.97
C PHE A 69 16.22 22.76 16.98
N LYS A 70 17.00 22.00 16.21
CA LYS A 70 16.47 21.20 15.11
C LYS A 70 16.90 19.76 15.28
N CYS A 71 15.97 18.83 15.17
CA CYS A 71 16.26 17.42 15.40
C CYS A 71 16.02 16.58 14.15
N TYR A 72 16.75 15.47 14.06
CA TYR A 72 16.69 14.60 12.88
C TYR A 72 16.66 13.16 13.35
N GLY A 73 15.66 12.42 12.86
CA GLY A 73 15.43 11.05 13.29
C GLY A 73 14.86 10.92 14.68
N VAL A 74 14.53 12.03 15.33
CA VAL A 74 14.02 12.02 16.69
C VAL A 74 13.19 13.28 16.82
N SER A 75 12.22 13.25 17.72
CA SER A 75 11.43 14.47 17.86
C SER A 75 11.90 15.26 19.08
N PRO A 76 12.00 16.58 18.95
CA PRO A 76 12.38 17.39 20.12
C PRO A 76 11.47 17.19 21.33
N THR A 77 10.16 17.03 21.14
CA THR A 77 9.27 16.85 22.29
C THR A 77 9.36 15.46 22.89
N LYS A 78 9.87 14.49 22.16
CA LYS A 78 9.90 13.10 22.61
C LYS A 78 11.22 12.70 23.27
N LEU A 79 12.17 13.63 23.44
CA LEU A 79 13.50 13.26 23.91
C LEU A 79 13.49 12.65 25.30
N ASN A 80 12.69 13.22 26.21
CA ASN A 80 12.66 12.71 27.59
C ASN A 80 12.07 11.31 27.68
N ASP A 81 11.48 10.77 26.61
CA ASP A 81 10.88 9.45 26.65
C ASP A 81 11.74 8.39 25.98
N LEU A 82 12.94 8.73 25.53
CA LEU A 82 13.70 7.81 24.70
C LEU A 82 15.01 7.44 25.39
N CYS A 83 15.51 6.26 25.04
CA CYS A 83 16.72 5.67 25.61
C CYS A 83 17.71 5.39 24.49
N PHE A 84 18.99 5.64 24.75
CA PHE A 84 20.02 5.48 23.74
C PHE A 84 21.21 4.74 24.30
N THR A 85 21.91 4.00 23.43
CA THR A 85 23.13 3.32 23.84
C THR A 85 24.20 4.33 24.23
N ASN A 86 24.44 5.33 23.38
CA ASN A 86 25.41 6.36 23.73
C ASN A 86 24.94 7.70 23.20
N VAL A 87 25.46 8.76 23.81
CA VAL A 87 25.21 10.11 23.33
C VAL A 87 26.57 10.75 23.14
N TYR A 88 26.74 11.44 22.02
CA TYR A 88 27.92 12.27 21.83
C TYR A 88 27.46 13.72 21.75
N ALA A 89 28.13 14.58 22.50
CA ALA A 89 27.84 16.00 22.47
C ALA A 89 29.05 16.71 21.88
N ASP A 90 28.92 17.16 20.63
CA ASP A 90 29.99 17.85 19.94
C ASP A 90 29.75 19.35 20.02
N SER A 91 30.81 20.11 20.23
CA SER A 91 30.62 21.55 20.40
C SER A 91 31.73 22.35 19.75
N PHE A 92 31.36 23.55 19.32
CA PHE A 92 32.27 24.45 18.59
C PHE A 92 31.59 25.79 18.36
N VAL A 93 32.36 26.72 17.81
CA VAL A 93 31.88 28.06 17.47
C VAL A 93 32.04 28.27 15.96
N ILE A 94 31.00 28.80 15.33
CA ILE A 94 31.00 29.20 13.92
C ILE A 94 30.27 30.54 13.86
N ARG A 95 30.24 31.15 12.69
CA ARG A 95 29.46 32.38 12.61
C ARG A 95 28.00 32.06 12.29
N GLY A 96 27.12 33.05 12.53
CA GLY A 96 25.68 32.79 12.51
C GLY A 96 25.15 32.33 11.16
N ASP A 97 25.61 32.97 10.09
CA ASP A 97 25.09 32.56 8.79
C ASP A 97 25.63 31.21 8.32
N GLU A 98 26.38 30.51 9.18
CA GLU A 98 26.84 29.17 8.90
C GLU A 98 26.13 28.10 9.73
N VAL A 99 25.27 28.49 10.67
CA VAL A 99 24.57 27.47 11.45
C VAL A 99 23.72 26.58 10.53
N ARG A 100 23.21 27.14 9.42
CA ARG A 100 22.43 26.34 8.47
C ARG A 100 23.25 25.20 7.87
N GLN A 101 24.58 25.27 7.93
CA GLN A 101 25.39 24.18 7.41
C GLN A 101 25.51 23.02 8.37
N ILE A 102 25.11 23.19 9.62
CA ILE A 102 25.20 22.09 10.58
C ILE A 102 23.87 21.35 10.48
N ALA A 103 23.78 20.50 9.47
CA ALA A 103 22.58 19.71 9.20
C ALA A 103 22.95 18.64 8.17
N PRO A 104 22.20 17.54 8.13
CA PRO A 104 22.50 16.50 7.14
C PRO A 104 22.46 17.02 5.71
N GLY A 105 23.39 16.53 4.89
CA GLY A 105 23.35 16.79 3.46
C GLY A 105 23.79 18.16 3.03
N GLN A 106 24.42 18.94 3.91
CA GLN A 106 24.77 20.31 3.56
C GLN A 106 26.14 20.37 2.87
N THR A 107 26.36 21.49 2.17
CA THR A 107 27.57 21.82 1.46
C THR A 107 28.04 23.21 1.92
N GLY A 108 29.28 23.56 1.58
CA GLY A 108 29.91 24.77 2.07
C GLY A 108 31.18 24.48 2.84
N LYS A 109 31.90 25.57 3.15
CA LYS A 109 33.24 25.45 3.75
C LYS A 109 33.17 24.70 5.07
N ILE A 110 32.14 24.95 5.85
CA ILE A 110 32.02 24.31 7.16
C ILE A 110 31.65 22.83 7.02
N ALA A 111 30.59 22.54 6.27
CA ALA A 111 30.13 21.16 6.11
C ALA A 111 31.17 20.31 5.38
N ASP A 112 31.87 20.90 4.41
CA ASP A 112 32.77 20.10 3.59
C ASP A 112 34.14 19.93 4.26
N TYR A 113 34.63 20.99 4.94
CA TYR A 113 36.00 21.00 5.40
C TYR A 113 36.17 21.00 6.91
N ASN A 114 35.11 21.20 7.68
CA ASN A 114 35.25 21.37 9.12
C ASN A 114 34.45 20.41 9.98
N TYR A 115 33.15 20.29 9.68
CA TYR A 115 32.28 19.46 10.51
C TYR A 115 31.12 18.98 9.64
N LYS A 116 31.04 17.67 9.45
CA LYS A 116 30.14 17.02 8.51
C LYS A 116 29.23 16.05 9.26
N LEU A 117 27.93 16.17 9.04
CA LEU A 117 26.96 15.23 9.59
C LEU A 117 26.54 14.23 8.51
N PRO A 118 26.34 12.97 8.87
CA PRO A 118 25.92 11.97 7.88
C PRO A 118 24.46 12.16 7.47
N ASP A 119 24.11 11.57 6.32
CA ASP A 119 22.73 11.63 5.82
C ASP A 119 21.75 11.04 6.82
N ASP A 120 22.11 9.95 7.49
CA ASP A 120 21.24 9.25 8.42
C ASP A 120 21.46 9.69 9.86
N PHE A 121 21.92 10.93 10.05
CA PHE A 121 22.17 11.48 11.37
C PHE A 121 20.93 11.38 12.25
N THR A 122 21.14 10.95 13.50
CA THR A 122 20.10 10.92 14.52
C THR A 122 20.54 11.78 15.71
N GLY A 123 19.86 12.91 15.90
CA GLY A 123 20.22 13.81 16.98
C GLY A 123 19.61 15.18 16.76
N CYS A 124 20.14 16.14 17.52
CA CYS A 124 19.67 17.53 17.48
C CYS A 124 20.83 18.51 17.39
N VAL A 125 20.58 19.60 16.68
CA VAL A 125 21.51 20.71 16.53
C VAL A 125 20.93 21.90 17.28
N ILE A 126 21.72 22.44 18.20
CA ILE A 126 21.31 23.54 19.03
C ILE A 126 22.36 24.63 18.92
N ALA A 127 21.93 25.84 18.62
CA ALA A 127 22.83 26.97 18.47
C ALA A 127 22.22 28.19 19.13
N TRP A 128 23.11 29.04 19.66
CA TRP A 128 22.74 30.32 20.25
C TRP A 128 23.85 31.34 20.05
N ASN A 129 23.42 32.59 19.92
CA ASN A 129 24.32 33.71 19.70
C ASN A 129 25.22 33.89 20.92
N SER A 130 26.52 33.99 20.71
CA SER A 130 27.48 34.10 21.80
C SER A 130 28.36 35.34 21.66
N ASN A 131 27.79 36.39 21.05
CA ASN A 131 28.54 37.62 20.82
C ASN A 131 29.12 38.19 22.11
N ASN A 132 28.38 38.11 23.21
CA ASN A 132 28.86 38.68 24.48
C ASN A 132 30.06 37.94 25.06
N LEU A 133 30.33 36.72 24.62
CA LEU A 133 31.42 35.93 25.16
C LEU A 133 32.59 35.79 24.22
N ASP A 134 32.35 35.71 22.91
CA ASP A 134 33.37 35.31 21.96
C ASP A 134 33.77 36.42 21.00
N SER A 135 33.26 37.63 21.16
CA SER A 135 33.83 38.76 20.45
C SER A 135 34.57 39.62 21.46
N LYS A 136 35.46 40.46 20.96
CA LYS A 136 36.16 41.44 21.79
C LYS A 136 36.53 42.63 20.93
N VAL A 137 36.90 43.75 21.60
CA VAL A 137 36.88 45.06 20.96
C VAL A 137 37.79 45.13 19.74
N GLY A 138 39.02 44.65 19.85
CA GLY A 138 39.78 44.74 18.61
C GLY A 138 39.45 43.67 17.59
N GLY A 139 38.49 42.79 17.92
CA GLY A 139 38.20 41.60 17.15
C GLY A 139 38.78 40.38 17.86
N ASN A 140 38.03 39.30 17.92
CA ASN A 140 38.55 38.04 18.43
C ASN A 140 38.93 37.19 17.23
N TYR A 141 40.20 36.78 17.17
CA TYR A 141 40.75 36.00 16.08
C TYR A 141 41.18 34.59 16.52
N ASN A 142 40.87 34.20 17.76
CA ASN A 142 41.26 32.88 18.25
C ASN A 142 40.39 31.75 17.72
N TYR A 143 39.25 32.04 17.11
CA TYR A 143 38.41 31.00 16.51
C TYR A 143 38.75 30.92 15.03
N LEU A 144 38.94 29.69 14.53
CA LEU A 144 39.38 29.48 13.16
C LEU A 144 38.58 28.37 12.50
N TYR A 145 38.61 28.37 11.17
CA TYR A 145 38.03 27.30 10.38
C TYR A 145 39.02 26.89 9.30
N ARG A 146 38.83 25.67 8.80
CA ARG A 146 39.64 25.21 7.67
C ARG A 146 39.05 25.75 6.38
N LEU A 147 39.87 26.46 5.61
CA LEU A 147 39.49 27.11 4.37
C LEU A 147 39.80 26.29 3.13
N PHE A 148 40.86 25.47 3.17
CA PHE A 148 41.34 24.70 2.03
C PHE A 148 41.51 23.24 2.41
N ARG A 149 41.05 22.35 1.54
CA ARG A 149 41.26 20.93 1.77
C ARG A 149 41.26 20.20 0.44
N LYS A 150 42.06 19.12 0.37
CA LYS A 150 42.19 18.32 -0.83
C LYS A 150 40.93 17.49 -1.10
N SER A 151 40.22 17.08 -0.06
CA SER A 151 38.95 16.35 -0.22
C SER A 151 37.99 16.73 0.91
N ASN A 152 36.73 16.40 0.71
CA ASN A 152 35.71 16.66 1.71
C ASN A 152 35.93 15.79 2.93
N LEU A 153 35.56 16.30 4.09
CA LEU A 153 35.55 15.46 5.28
C LEU A 153 34.54 14.32 5.13
N LYS A 154 34.85 13.20 5.76
CA LYS A 154 33.88 12.15 6.01
C LYS A 154 33.02 12.55 7.20
N PRO A 155 31.83 11.97 7.35
CA PRO A 155 30.99 12.31 8.51
C PRO A 155 31.73 12.12 9.83
N PHE A 156 31.61 13.10 10.71
CA PHE A 156 32.24 13.07 12.03
C PHE A 156 33.76 12.94 11.97
N GLU A 157 34.40 13.46 10.92
CA GLU A 157 35.86 13.47 10.87
C GLU A 157 36.36 14.80 11.46
N ARG A 158 37.46 14.74 12.18
CA ARG A 158 38.08 15.90 12.80
C ARG A 158 39.50 16.01 12.28
N ASP A 159 39.75 17.06 11.50
CA ASP A 159 41.05 17.26 10.86
C ASP A 159 41.72 18.46 11.51
N ILE A 160 42.84 18.21 12.19
CA ILE A 160 43.56 19.27 12.89
C ILE A 160 44.91 19.56 12.26
N SER A 161 45.11 19.16 11.02
CA SER A 161 46.41 19.38 10.39
C SER A 161 46.62 20.86 10.07
N THR A 162 47.88 21.33 10.24
CA THR A 162 48.26 22.68 9.85
C THR A 162 49.21 22.68 8.66
N GLU A 163 49.12 21.65 7.84
CA GLU A 163 50.05 21.44 6.74
C GLU A 163 49.70 22.36 5.58
N ILE A 164 50.73 22.92 4.94
CA ILE A 164 50.50 23.92 3.90
C ILE A 164 49.76 23.27 2.75
N TYR A 165 48.74 23.96 2.24
CA TYR A 165 47.88 23.40 1.19
C TYR A 165 48.46 23.73 -0.18
N GLN A 166 48.64 22.71 -1.01
CA GLN A 166 49.27 22.88 -2.31
C GLN A 166 48.21 23.08 -3.37
N ALA A 167 47.95 24.33 -3.75
CA ALA A 167 46.93 24.62 -4.75
C ALA A 167 47.40 24.42 -6.18
N GLY A 168 48.70 24.26 -6.42
CA GLY A 168 49.22 24.15 -7.77
C GLY A 168 50.13 22.97 -7.98
N SER A 169 50.82 22.94 -9.13
CA SER A 169 51.78 21.87 -9.41
C SER A 169 53.06 22.01 -8.60
N THR A 170 53.41 23.22 -8.20
CA THR A 170 54.61 23.49 -7.40
C THR A 170 54.49 22.92 -6.00
N PRO A 171 55.41 22.06 -5.56
CA PRO A 171 55.40 21.65 -4.14
C PRO A 171 55.70 22.83 -3.23
N CYS A 172 55.25 22.73 -1.98
CA CYS A 172 55.33 23.84 -1.05
C CYS A 172 56.47 23.75 -0.06
N ASN A 173 56.94 22.54 0.27
CA ASN A 173 58.11 22.34 1.15
C ASN A 173 57.90 22.96 2.53
N GLY A 174 56.64 23.04 2.97
CA GLY A 174 56.31 23.58 4.27
C GLY A 174 56.29 25.09 4.34
N VAL A 175 56.25 25.77 3.19
CA VAL A 175 56.39 27.22 3.13
C VAL A 175 55.23 27.81 2.34
N GLU A 176 54.68 28.92 2.84
CA GLU A 176 53.59 29.58 2.14
C GLU A 176 54.13 30.37 0.96
N GLY A 177 53.31 30.53 -0.07
CA GLY A 177 53.74 31.16 -1.30
C GLY A 177 52.65 31.39 -2.32
N PHE A 178 53.02 31.46 -3.61
CA PHE A 178 52.06 31.85 -4.64
C PHE A 178 50.87 30.90 -4.72
N ASN A 179 51.11 29.60 -4.84
CA ASN A 179 50.02 28.62 -4.85
C ASN A 179 50.11 27.69 -3.67
N CYS A 180 50.57 28.23 -2.54
CA CYS A 180 50.80 27.48 -1.31
C CYS A 180 50.20 28.29 -0.16
N TYR A 181 49.07 27.83 0.38
CA TYR A 181 48.34 28.61 1.38
C TYR A 181 48.28 27.84 2.70
N PHE A 182 48.39 28.58 3.79
CA PHE A 182 48.08 28.02 5.10
C PHE A 182 46.61 27.62 5.08
N PRO A 183 46.26 26.43 5.61
CA PRO A 183 44.90 25.92 5.39
C PRO A 183 43.85 26.48 6.34
N LEU A 184 44.22 27.15 7.43
CA LEU A 184 43.26 27.68 8.41
C LEU A 184 43.14 29.19 8.29
N GLN A 185 41.93 29.69 8.55
CA GLN A 185 41.68 31.13 8.52
C GLN A 185 40.86 31.51 9.75
N SER A 186 41.22 32.66 10.34
CA SER A 186 40.54 33.17 11.53
C SER A 186 39.20 33.81 11.18
N TYR A 187 38.20 33.54 12.02
CA TYR A 187 37.05 34.41 12.07
C TYR A 187 37.47 35.74 12.68
N GLY A 188 36.98 36.84 12.13
CA GLY A 188 37.15 38.09 12.85
C GLY A 188 35.84 38.48 13.48
N PHE A 189 35.68 38.23 14.78
CA PHE A 189 34.42 38.47 15.48
C PHE A 189 34.52 39.84 16.14
N GLN A 190 34.01 40.83 15.43
CA GLN A 190 33.88 42.21 15.85
C GLN A 190 32.55 42.40 16.58
N PRO A 191 32.55 42.98 17.78
CA PRO A 191 31.30 43.08 18.55
C PRO A 191 30.20 43.80 17.81
N THR A 192 30.54 44.70 16.90
CA THR A 192 29.58 45.53 16.16
C THR A 192 29.16 44.93 14.83
N ASN A 193 29.70 43.76 14.46
CA ASN A 193 29.32 43.08 13.23
C ASN A 193 27.83 42.72 13.23
N GLY A 194 27.26 42.58 12.05
CA GLY A 194 25.89 42.08 11.97
C GLY A 194 25.79 40.64 12.47
N VAL A 195 24.56 40.20 12.72
CA VAL A 195 24.37 38.89 13.34
C VAL A 195 24.83 37.77 12.42
N GLY A 196 24.70 37.93 11.11
CA GLY A 196 25.23 36.91 10.21
C GLY A 196 26.72 36.65 10.43
N TYR A 197 27.47 37.67 10.87
CA TYR A 197 28.88 37.50 11.16
C TYR A 197 29.16 37.62 12.65
N GLN A 198 28.21 37.24 13.47
CA GLN A 198 28.51 37.13 14.89
C GLN A 198 28.77 35.67 15.28
N PRO A 199 29.51 35.43 16.38
CA PRO A 199 29.78 34.06 16.80
C PRO A 199 28.55 33.40 17.39
N TYR A 200 28.35 32.16 17.01
CA TYR A 200 27.32 31.30 17.54
C TYR A 200 28.00 30.07 18.11
N ARG A 201 27.66 29.75 19.35
CA ARG A 201 28.05 28.49 19.94
C ARG A 201 27.05 27.41 19.52
N VAL A 202 27.58 26.23 19.17
CA VAL A 202 26.82 25.10 18.64
C VAL A 202 27.13 23.85 19.44
N VAL A 203 26.08 23.13 19.81
CA VAL A 203 26.15 21.79 20.38
C VAL A 203 25.33 20.85 19.48
N VAL A 204 25.95 19.75 19.08
CA VAL A 204 25.32 18.72 18.27
C VAL A 204 25.23 17.47 19.14
N LEU A 205 24.01 17.06 19.47
CA LEU A 205 23.79 15.85 20.22
C LEU A 205 23.51 14.76 19.21
N SER A 206 24.33 13.71 19.21
CA SER A 206 24.07 12.55 18.38
C SER A 206 23.71 11.37 19.28
N PHE A 207 22.63 10.70 18.93
CA PHE A 207 22.08 9.60 19.72
C PHE A 207 22.33 8.32 18.96
N GLU A 208 23.14 7.43 19.51
CA GLU A 208 23.43 6.17 18.83
C GLU A 208 22.72 5.03 19.55
N LEU A 209 21.93 4.30 18.75
CA LEU A 209 21.27 3.05 19.13
C LEU A 209 22.09 1.90 18.58
N LEU A 210 22.72 1.14 19.45
CA LEU A 210 23.34 -0.13 19.10
C LEU A 210 22.47 -1.26 19.65
N HIS A 211 22.90 -2.49 19.39
CA HIS A 211 22.19 -3.64 19.93
C HIS A 211 22.51 -3.86 21.41
N ALA A 212 23.50 -3.14 21.93
CA ALA A 212 23.89 -3.28 23.33
C ALA A 212 22.84 -2.63 24.23
N PRO A 213 22.84 -2.98 25.52
CA PRO A 213 21.91 -2.32 26.46
C PRO A 213 22.16 -0.80 26.55
N ALA A 214 21.07 -0.08 26.81
CA ALA A 214 21.10 1.37 26.85
C ALA A 214 21.69 1.86 28.17
N THR A 215 22.39 2.99 28.09
CA THR A 215 22.99 3.63 29.26
C THR A 215 22.51 5.05 29.53
N VAL A 216 21.93 5.75 28.56
CA VAL A 216 21.49 7.13 28.72
C VAL A 216 19.99 7.17 28.49
N CYS A 217 19.25 7.67 29.49
CA CYS A 217 17.80 7.81 29.30
C CYS A 217 17.31 9.09 29.94
N GLY A 218 16.29 9.70 29.35
CA GLY A 218 15.62 10.80 30.02
C GLY A 218 14.71 10.27 31.09
N PRO A 219 14.18 11.19 31.93
CA PRO A 219 13.18 10.76 32.92
C PRO A 219 11.96 10.18 32.20
N LYS A 220 11.78 8.86 32.28
CA LYS A 220 10.76 8.17 31.49
C LYS A 220 9.34 8.49 31.98
N THR B 25 -21.30 -34.88 -39.95
CA THR B 25 -22.74 -34.81 -39.70
C THR B 25 -23.19 -33.38 -39.33
N ASN B 26 -24.25 -33.29 -38.52
CA ASN B 26 -24.79 -32.01 -38.06
C ASN B 26 -23.99 -31.42 -36.90
N LEU B 27 -23.65 -30.13 -37.00
CA LEU B 27 -23.00 -29.41 -35.90
C LEU B 27 -24.06 -28.99 -34.88
N CYS B 28 -23.74 -29.11 -33.60
CA CYS B 28 -24.70 -28.79 -32.56
C CYS B 28 -25.06 -27.30 -32.59
N PRO B 29 -26.34 -26.94 -32.36
CA PRO B 29 -26.83 -25.58 -32.61
C PRO B 29 -26.56 -24.57 -31.48
N PHE B 30 -25.30 -24.52 -31.02
CA PHE B 30 -24.97 -23.65 -29.90
C PHE B 30 -25.31 -22.19 -30.20
N GLY B 31 -25.12 -21.76 -31.44
CA GLY B 31 -25.40 -20.37 -31.78
C GLY B 31 -26.84 -19.95 -31.53
N GLU B 32 -27.80 -20.88 -31.67
CA GLU B 32 -29.19 -20.54 -31.37
C GLU B 32 -29.39 -20.27 -29.88
N VAL B 33 -28.64 -20.97 -29.01
CA VAL B 33 -28.77 -20.76 -27.58
C VAL B 33 -28.01 -19.50 -27.15
N PHE B 34 -26.70 -19.45 -27.42
CA PHE B 34 -25.88 -18.34 -26.92
C PHE B 34 -26.26 -17.03 -27.55
N ASN B 35 -26.68 -17.04 -28.82
CA ASN B 35 -26.89 -15.82 -29.57
C ASN B 35 -28.36 -15.51 -29.80
N ALA B 36 -29.25 -16.15 -29.04
CA ALA B 36 -30.66 -15.84 -29.14
C ALA B 36 -30.91 -14.37 -28.83
N THR B 37 -31.83 -13.76 -29.58
CA THR B 37 -32.16 -12.36 -29.34
C THR B 37 -32.81 -12.19 -27.98
N ARG B 38 -33.73 -13.08 -27.64
CA ARG B 38 -34.48 -13.02 -26.38
C ARG B 38 -33.97 -14.09 -25.43
N PHE B 39 -33.81 -13.74 -24.16
CA PHE B 39 -33.45 -14.68 -23.12
C PHE B 39 -34.57 -14.73 -22.08
N ALA B 40 -34.68 -15.86 -21.39
CA ALA B 40 -35.76 -16.08 -20.43
C ALA B 40 -35.45 -15.47 -19.07
N SER B 41 -36.51 -15.20 -18.29
CA SER B 41 -36.36 -14.94 -16.88
C SER B 41 -35.91 -16.21 -16.17
N VAL B 42 -35.14 -16.04 -15.09
CA VAL B 42 -34.53 -17.19 -14.45
C VAL B 42 -35.58 -18.15 -13.88
N TYR B 43 -36.69 -17.63 -13.34
CA TYR B 43 -37.73 -18.54 -12.81
C TYR B 43 -38.35 -19.37 -13.93
N ALA B 44 -38.39 -18.84 -15.15
CA ALA B 44 -38.93 -19.54 -16.33
C ALA B 44 -37.82 -19.94 -17.29
N TRP B 45 -36.69 -20.40 -16.74
CA TRP B 45 -35.48 -20.66 -17.52
C TRP B 45 -35.74 -21.58 -18.71
N ASN B 46 -35.04 -21.30 -19.82
CA ASN B 46 -35.19 -22.10 -21.02
C ASN B 46 -34.29 -23.32 -21.00
N ARG B 47 -34.71 -24.39 -21.68
CA ARG B 47 -33.90 -25.58 -21.90
C ARG B 47 -33.98 -26.05 -23.35
N LYS B 48 -32.83 -26.23 -23.98
CA LYS B 48 -32.76 -26.85 -25.30
C LYS B 48 -32.04 -28.19 -25.18
N ARG B 49 -32.72 -29.25 -25.56
CA ARG B 49 -32.12 -30.58 -25.65
C ARG B 49 -31.31 -30.64 -26.93
N ILE B 50 -30.07 -31.11 -26.82
CA ILE B 50 -29.12 -31.16 -27.91
C ILE B 50 -28.65 -32.60 -28.04
N SER B 51 -28.78 -33.14 -29.25
CA SER B 51 -28.47 -34.55 -29.50
C SER B 51 -28.21 -34.76 -30.99
N ASN B 52 -27.62 -35.91 -31.31
CA ASN B 52 -27.33 -36.32 -32.68
C ASN B 52 -26.59 -35.22 -33.44
N CYS B 53 -25.45 -34.82 -32.89
CA CYS B 53 -24.65 -33.78 -33.52
C CYS B 53 -23.22 -33.75 -32.99
N VAL B 54 -22.38 -33.07 -33.75
CA VAL B 54 -21.00 -32.80 -33.38
C VAL B 54 -20.95 -31.39 -32.81
N ALA B 55 -20.48 -31.26 -31.58
CA ALA B 55 -20.40 -29.98 -30.89
C ALA B 55 -19.02 -29.39 -31.08
N ASP B 56 -18.95 -28.25 -31.76
CA ASP B 56 -17.70 -27.51 -31.93
C ASP B 56 -17.64 -26.44 -30.86
N TYR B 57 -16.90 -26.74 -29.80
CA TYR B 57 -16.74 -25.82 -28.69
C TYR B 57 -15.78 -24.68 -29.01
N SER B 58 -15.09 -24.74 -30.15
CA SER B 58 -14.15 -23.68 -30.53
C SER B 58 -14.83 -22.31 -30.53
N VAL B 59 -16.10 -22.26 -30.94
CA VAL B 59 -16.83 -21.00 -30.98
C VAL B 59 -16.91 -20.38 -29.60
N LEU B 60 -17.02 -21.21 -28.55
CA LEU B 60 -17.01 -20.74 -27.18
C LEU B 60 -15.60 -20.35 -26.74
N TYR B 61 -14.60 -21.17 -27.08
CA TYR B 61 -13.24 -20.86 -26.68
C TYR B 61 -12.78 -19.54 -27.25
N ASN B 62 -13.27 -19.19 -28.44
CA ASN B 62 -12.82 -18.00 -29.14
C ASN B 62 -13.65 -16.76 -28.82
N SER B 63 -14.57 -16.85 -27.87
CA SER B 63 -15.39 -15.70 -27.51
C SER B 63 -14.73 -14.94 -26.37
N ALA B 64 -14.52 -13.65 -26.57
CA ALA B 64 -13.89 -12.82 -25.56
C ALA B 64 -14.89 -12.15 -24.63
N SER B 65 -16.17 -12.37 -24.83
CA SER B 65 -17.19 -11.74 -23.99
C SER B 65 -17.37 -12.46 -22.65
N PHE B 66 -17.09 -13.76 -22.58
CA PHE B 66 -17.45 -14.56 -21.42
C PHE B 66 -16.68 -14.11 -20.18
N SER B 67 -17.41 -13.77 -19.11
CA SER B 67 -16.79 -13.45 -17.83
C SER B 67 -16.75 -14.62 -16.88
N THR B 68 -17.63 -15.60 -17.05
CA THR B 68 -17.60 -16.81 -16.23
C THR B 68 -17.59 -17.98 -17.20
N PHE B 69 -16.70 -18.93 -16.98
CA PHE B 69 -16.64 -20.17 -17.78
C PHE B 69 -16.06 -21.22 -16.82
N LYS B 70 -16.94 -21.91 -16.10
CA LYS B 70 -16.54 -22.82 -15.04
C LYS B 70 -17.16 -24.20 -15.29
N CYS B 71 -16.35 -25.24 -15.19
CA CYS B 71 -16.80 -26.59 -15.51
C CYS B 71 -16.68 -27.51 -14.29
N TYR B 72 -17.54 -28.52 -14.26
CA TYR B 72 -17.68 -29.42 -13.12
C TYR B 72 -17.82 -30.85 -13.64
N GLY B 73 -16.97 -31.75 -13.15
CA GLY B 73 -16.97 -33.12 -13.65
C GLY B 73 -16.41 -33.27 -15.04
N VAL B 74 -15.91 -32.20 -15.63
CA VAL B 74 -15.36 -32.21 -16.98
C VAL B 74 -14.38 -31.06 -17.08
N SER B 75 -13.44 -31.18 -17.97
CA SER B 75 -12.41 -30.18 -18.18
C SER B 75 -12.78 -29.31 -19.36
N PRO B 76 -12.70 -27.98 -19.23
CA PRO B 76 -12.99 -27.12 -20.37
C PRO B 76 -12.15 -27.42 -21.60
N THR B 77 -10.87 -27.77 -21.40
CA THR B 77 -9.99 -28.05 -22.52
C THR B 77 -10.27 -29.40 -23.21
N LYS B 78 -10.95 -30.31 -22.53
CA LYS B 78 -11.21 -31.64 -23.05
C LYS B 78 -12.53 -31.78 -23.81
N LEU B 79 -13.30 -30.69 -23.97
CA LEU B 79 -14.66 -30.81 -24.51
C LEU B 79 -14.66 -31.36 -25.94
N ASN B 80 -13.75 -30.88 -26.78
CA ASN B 80 -13.73 -31.33 -28.16
C ASN B 80 -13.36 -32.80 -28.28
N ASP B 81 -12.88 -33.42 -27.21
CA ASP B 81 -12.43 -34.81 -27.23
C ASP B 81 -13.41 -35.77 -26.52
N LEU B 82 -14.59 -35.30 -26.12
CA LEU B 82 -15.49 -36.10 -25.29
C LEU B 82 -16.82 -36.35 -26.02
N CYS B 83 -17.47 -37.43 -25.63
CA CYS B 83 -18.74 -37.85 -26.23
C CYS B 83 -19.77 -38.01 -25.11
N PHE B 84 -21.01 -37.57 -25.35
CA PHE B 84 -22.05 -37.64 -24.32
C PHE B 84 -23.36 -38.19 -24.88
N THR B 85 -24.14 -38.79 -24.00
CA THR B 85 -25.46 -39.29 -24.37
C THR B 85 -26.36 -38.14 -24.80
N ASN B 86 -26.44 -37.08 -23.97
CA ASN B 86 -27.23 -35.91 -24.33
C ASN B 86 -26.61 -34.65 -23.74
N VAL B 87 -26.95 -33.51 -24.33
CA VAL B 87 -26.53 -32.23 -23.79
C VAL B 87 -27.77 -31.38 -23.59
N TYR B 88 -27.86 -30.72 -22.45
CA TYR B 88 -28.93 -29.75 -22.25
C TYR B 88 -28.28 -28.38 -22.11
N ALA B 89 -28.83 -27.40 -22.81
CA ALA B 89 -28.38 -26.02 -22.74
C ALA B 89 -29.51 -25.20 -22.13
N ASP B 90 -29.36 -24.81 -20.86
CA ASP B 90 -30.33 -24.00 -20.15
C ASP B 90 -29.85 -22.55 -20.15
N SER B 91 -30.76 -21.62 -20.38
CA SER B 91 -30.35 -20.23 -20.48
C SER B 91 -31.35 -19.31 -19.79
N PHE B 92 -30.83 -18.19 -19.27
CA PHE B 92 -31.63 -17.22 -18.51
C PHE B 92 -30.80 -15.99 -18.15
N VAL B 93 -31.48 -15.00 -17.57
CA VAL B 93 -30.86 -13.73 -17.18
C VAL B 93 -30.95 -13.58 -15.67
N ILE B 94 -29.83 -13.23 -15.03
CA ILE B 94 -29.77 -12.91 -13.61
C ILE B 94 -28.89 -11.68 -13.44
N ARG B 95 -28.77 -11.19 -12.22
CA ARG B 95 -27.84 -10.07 -12.04
C ARG B 95 -26.43 -10.58 -11.78
N GLY B 96 -25.44 -9.68 -11.95
CA GLY B 96 -24.06 -10.11 -11.95
C GLY B 96 -23.62 -10.75 -10.65
N ASP B 97 -24.02 -10.16 -9.53
CA ASP B 97 -23.60 -10.70 -8.24
C ASP B 97 -24.33 -11.98 -7.87
N GLU B 98 -25.19 -12.51 -8.75
CA GLU B 98 -25.82 -13.80 -8.52
C GLU B 98 -25.22 -14.89 -9.38
N VAL B 99 -24.30 -14.54 -10.29
CA VAL B 99 -23.71 -15.60 -11.12
C VAL B 99 -23.01 -16.64 -10.25
N ARG B 100 -22.47 -16.23 -9.10
CA ARG B 100 -21.83 -17.19 -8.19
C ARG B 100 -22.78 -18.25 -7.66
N GLN B 101 -24.11 -18.02 -7.72
CA GLN B 101 -25.07 -19.03 -7.25
C GLN B 101 -25.35 -20.13 -8.27
N ILE B 102 -24.94 -19.96 -9.52
CA ILE B 102 -25.15 -20.99 -10.56
C ILE B 102 -23.94 -21.91 -10.50
N ALA B 103 -23.98 -22.83 -9.55
CA ALA B 103 -22.92 -23.79 -9.29
C ALA B 103 -23.46 -24.82 -8.32
N PRO B 104 -22.88 -26.02 -8.29
CA PRO B 104 -23.36 -27.05 -7.36
C PRO B 104 -23.31 -26.59 -5.91
N GLY B 105 -24.33 -26.97 -5.16
CA GLY B 105 -24.30 -26.80 -3.72
C GLY B 105 -24.46 -25.39 -3.21
N GLN B 106 -24.84 -24.43 -4.07
CA GLN B 106 -24.96 -23.05 -3.64
C GLN B 106 -26.30 -22.82 -2.95
N THR B 107 -26.36 -21.73 -2.19
CA THR B 107 -27.55 -21.29 -1.49
C THR B 107 -27.82 -19.82 -1.83
N GLY B 108 -29.02 -19.35 -1.53
CA GLY B 108 -29.50 -18.05 -1.95
C GLY B 108 -30.80 -18.16 -2.74
N LYS B 109 -31.39 -16.99 -3.00
CA LYS B 109 -32.71 -16.95 -3.62
C LYS B 109 -32.70 -17.60 -4.99
N ILE B 110 -31.62 -17.40 -5.74
CA ILE B 110 -31.57 -17.94 -7.09
C ILE B 110 -31.37 -19.45 -7.05
N ALA B 111 -30.37 -19.90 -6.30
CA ALA B 111 -30.07 -21.33 -6.21
C ALA B 111 -31.23 -22.09 -5.58
N ASP B 112 -31.89 -21.50 -4.58
CA ASP B 112 -32.94 -22.22 -3.86
C ASP B 112 -34.32 -22.12 -4.49
N TYR B 113 -34.65 -20.99 -5.12
CA TYR B 113 -36.01 -20.74 -5.58
C TYR B 113 -36.17 -20.67 -7.09
N ASN B 114 -35.09 -20.59 -7.84
CA ASN B 114 -35.20 -20.31 -9.27
C ASN B 114 -34.53 -21.35 -10.15
N TYR B 115 -33.27 -21.70 -9.86
CA TYR B 115 -32.53 -22.64 -10.70
C TYR B 115 -31.44 -23.27 -9.84
N LYS B 116 -31.55 -24.58 -9.63
CA LYS B 116 -30.69 -25.33 -8.72
C LYS B 116 -29.99 -26.43 -9.49
N LEU B 117 -28.67 -26.54 -9.32
CA LEU B 117 -27.80 -27.58 -9.89
C LEU B 117 -27.56 -28.69 -8.87
N PRO B 118 -27.51 -29.94 -9.32
CA PRO B 118 -27.24 -31.05 -8.41
C PRO B 118 -25.78 -31.08 -7.99
N ASP B 119 -25.53 -31.78 -6.88
CA ASP B 119 -24.17 -31.93 -6.39
C ASP B 119 -23.27 -32.62 -7.43
N ASP B 120 -23.81 -33.62 -8.15
CA ASP B 120 -23.04 -34.35 -9.14
C ASP B 120 -23.20 -33.76 -10.53
N PHE B 121 -23.48 -32.46 -10.60
CA PHE B 121 -23.60 -31.79 -11.88
C PHE B 121 -22.37 -32.04 -12.74
N THR B 122 -22.59 -32.41 -13.99
CA THR B 122 -21.52 -32.57 -14.96
C THR B 122 -21.82 -31.63 -16.12
N GLY B 123 -21.03 -30.58 -16.24
CA GLY B 123 -21.24 -29.60 -17.29
C GLY B 123 -20.47 -28.32 -16.98
N CYS B 124 -20.83 -27.26 -17.71
CA CYS B 124 -20.18 -25.96 -17.61
C CYS B 124 -21.21 -24.84 -17.48
N VAL B 125 -20.83 -23.79 -16.73
CA VAL B 125 -21.60 -22.57 -16.56
C VAL B 125 -20.85 -21.44 -17.25
N ILE B 126 -21.52 -20.76 -18.16
CA ILE B 126 -20.93 -19.68 -18.94
C ILE B 126 -21.81 -18.47 -18.76
N ALA B 127 -21.21 -17.33 -18.43
CA ALA B 127 -21.98 -16.12 -18.21
C ALA B 127 -21.25 -14.94 -18.83
N TRP B 128 -22.05 -13.97 -19.30
CA TRP B 128 -21.51 -12.73 -19.84
C TRP B 128 -22.48 -11.56 -19.60
N ASN B 129 -21.86 -10.38 -19.41
CA ASN B 129 -22.59 -9.15 -19.15
C ASN B 129 -23.44 -8.76 -20.37
N SER B 130 -24.71 -8.47 -20.14
CA SER B 130 -25.62 -8.13 -21.24
C SER B 130 -26.29 -6.78 -20.98
N ASN B 131 -25.58 -5.89 -20.31
CA ASN B 131 -26.14 -4.57 -20.00
C ASN B 131 -26.60 -3.85 -21.25
N ASN B 132 -25.85 -3.99 -22.35
CA ASN B 132 -26.22 -3.28 -23.58
C ASN B 132 -27.52 -3.77 -24.21
N LEU B 133 -28.00 -4.97 -23.83
CA LEU B 133 -29.22 -5.53 -24.41
C LEU B 133 -30.40 -5.57 -23.44
N ASP B 134 -30.16 -5.81 -22.15
CA ASP B 134 -31.22 -6.14 -21.21
C ASP B 134 -31.49 -5.03 -20.21
N SER B 135 -30.86 -3.88 -20.37
CA SER B 135 -31.26 -2.67 -19.67
C SER B 135 -31.88 -1.69 -20.67
N LYS B 136 -32.60 -0.71 -20.15
CA LYS B 136 -33.17 0.36 -20.95
C LYS B 136 -33.31 1.57 -20.04
N VAL B 137 -33.51 2.75 -20.64
CA VAL B 137 -33.22 4.03 -19.96
C VAL B 137 -33.98 4.15 -18.63
N GLY B 138 -35.28 3.87 -18.63
CA GLY B 138 -35.97 3.98 -17.35
C GLY B 138 -35.82 2.79 -16.40
N GLY B 139 -35.07 1.78 -16.83
CA GLY B 139 -35.03 0.49 -16.17
C GLY B 139 -35.81 -0.54 -16.94
N ASN B 140 -35.26 -1.75 -17.09
CA ASN B 140 -35.96 -2.89 -17.65
C ASN B 140 -36.48 -3.73 -16.49
N TYR B 141 -37.79 -3.94 -16.47
CA TYR B 141 -38.44 -4.68 -15.39
C TYR B 141 -39.04 -5.99 -15.86
N ASN B 142 -38.79 -6.38 -17.12
CA ASN B 142 -39.38 -7.58 -17.70
C ASN B 142 -38.69 -8.86 -17.22
N TYR B 143 -37.53 -8.76 -16.59
CA TYR B 143 -36.86 -9.94 -16.06
C TYR B 143 -37.22 -10.09 -14.60
N LEU B 144 -37.62 -11.30 -14.20
CA LEU B 144 -38.09 -11.51 -12.84
C LEU B 144 -37.43 -12.74 -12.25
N TYR B 145 -37.46 -12.81 -10.93
CA TYR B 145 -37.03 -13.98 -10.19
C TYR B 145 -38.07 -14.30 -9.12
N ARG B 146 -38.06 -15.55 -8.67
CA ARG B 146 -38.94 -15.96 -7.57
C ARG B 146 -38.30 -15.55 -6.24
N LEU B 147 -39.05 -14.80 -5.43
CA LEU B 147 -38.60 -14.29 -4.14
C LEU B 147 -39.07 -15.15 -2.98
N PHE B 148 -40.26 -15.77 -3.09
CA PHE B 148 -40.88 -16.52 -2.01
C PHE B 148 -41.23 -17.92 -2.49
N ARG B 149 -40.96 -18.91 -1.64
CA ARG B 149 -41.33 -20.28 -1.95
C ARG B 149 -41.48 -21.08 -0.67
N LYS B 150 -42.39 -22.06 -0.71
CA LYS B 150 -42.61 -22.90 0.47
C LYS B 150 -41.47 -23.88 0.71
N SER B 151 -40.79 -24.34 -0.34
CA SER B 151 -39.64 -25.21 -0.18
C SER B 151 -38.63 -24.92 -1.28
N ASN B 152 -37.42 -25.42 -1.10
CA ASN B 152 -36.38 -25.27 -2.12
C ASN B 152 -36.72 -26.05 -3.38
N LEU B 153 -36.27 -25.54 -4.52
CA LEU B 153 -36.38 -26.30 -5.75
C LEU B 153 -35.58 -27.60 -5.65
N LYS B 154 -36.05 -28.63 -6.36
CA LYS B 154 -35.21 -29.77 -6.64
C LYS B 154 -34.26 -29.42 -7.78
N PRO B 155 -33.14 -30.15 -7.92
CA PRO B 155 -32.24 -29.88 -9.05
C PRO B 155 -32.96 -29.95 -10.38
N PHE B 156 -32.69 -28.96 -11.23
CA PHE B 156 -33.27 -28.82 -12.56
C PHE B 156 -34.80 -28.73 -12.55
N GLU B 157 -35.39 -28.23 -11.48
CA GLU B 157 -36.83 -27.99 -11.46
C GLU B 157 -37.12 -26.57 -11.94
N ARG B 158 -38.21 -26.42 -12.69
CA ARG B 158 -38.64 -25.13 -13.23
C ARG B 158 -40.05 -24.83 -12.74
N ASP B 159 -40.18 -23.80 -11.90
CA ASP B 159 -41.45 -23.46 -11.27
C ASP B 159 -41.96 -22.15 -11.84
N ILE B 160 -43.08 -22.22 -12.57
CA ILE B 160 -43.63 -21.04 -13.19
C ILE B 160 -44.95 -20.62 -12.54
N SER B 161 -45.18 -21.06 -11.31
CA SER B 161 -46.41 -20.74 -10.61
C SER B 161 -46.43 -19.27 -10.19
N THR B 162 -47.62 -18.66 -10.27
CA THR B 162 -47.81 -17.30 -9.78
C THR B 162 -48.80 -17.24 -8.62
N GLU B 163 -48.94 -18.31 -7.84
CA GLU B 163 -49.90 -18.32 -6.75
C GLU B 163 -49.37 -17.49 -5.60
N ILE B 164 -50.28 -16.75 -4.95
CA ILE B 164 -49.88 -15.87 -3.88
C ILE B 164 -49.34 -16.70 -2.74
N TYR B 165 -48.23 -16.24 -2.18
CA TYR B 165 -47.49 -16.95 -1.16
C TYR B 165 -48.04 -16.60 0.21
N GLN B 166 -48.36 -17.62 1.00
CA GLN B 166 -48.98 -17.43 2.30
C GLN B 166 -47.90 -17.44 3.39
N ALA B 167 -47.50 -16.24 3.83
CA ALA B 167 -46.47 -16.13 4.86
C ALA B 167 -47.02 -16.30 6.27
N GLY B 168 -48.34 -16.26 6.46
CA GLY B 168 -48.90 -16.35 7.80
C GLY B 168 -49.98 -17.40 7.90
N SER B 169 -50.72 -17.43 9.03
CA SER B 169 -51.83 -18.37 9.18
C SER B 169 -53.07 -17.97 8.38
N THR B 170 -53.21 -16.70 8.03
CA THR B 170 -54.35 -16.23 7.22
C THR B 170 -54.27 -16.76 5.80
N PRO B 171 -55.29 -17.47 5.30
CA PRO B 171 -55.31 -17.85 3.88
C PRO B 171 -55.41 -16.61 3.01
N CYS B 172 -54.95 -16.76 1.76
CA CYS B 172 -54.84 -15.60 0.89
C CYS B 172 -55.94 -15.50 -0.17
N ASN B 173 -56.54 -16.62 -0.59
CA ASN B 173 -57.67 -16.62 -1.52
C ASN B 173 -57.33 -15.93 -2.84
N GLY B 174 -56.06 -15.95 -3.22
CA GLY B 174 -55.65 -15.37 -4.48
C GLY B 174 -55.49 -13.87 -4.49
N VAL B 175 -55.46 -13.22 -3.33
CA VAL B 175 -55.33 -11.77 -3.26
C VAL B 175 -54.18 -11.44 -2.32
N GLU B 176 -53.40 -10.43 -2.70
CA GLU B 176 -52.26 -9.98 -1.92
C GLU B 176 -52.69 -9.05 -0.80
N GLY B 177 -51.96 -9.14 0.31
CA GLY B 177 -52.28 -8.33 1.48
C GLY B 177 -51.25 -8.59 2.55
N PHE B 178 -51.64 -8.35 3.79
CA PHE B 178 -50.71 -8.58 4.88
C PHE B 178 -50.39 -10.08 4.92
N ASN B 179 -49.10 -10.41 4.88
CA ASN B 179 -48.60 -11.78 4.95
C ASN B 179 -49.02 -12.62 3.74
N CYS B 180 -49.34 -11.97 2.63
CA CYS B 180 -49.78 -12.63 1.39
C CYS B 180 -49.09 -11.93 0.23
N TYR B 181 -48.06 -12.55 -0.34
CA TYR B 181 -47.22 -11.87 -1.31
C TYR B 181 -47.28 -12.55 -2.66
N PHE B 182 -47.27 -11.74 -3.71
CA PHE B 182 -47.02 -12.26 -5.03
C PHE B 182 -45.61 -12.85 -5.03
N PRO B 183 -45.42 -14.05 -5.59
CA PRO B 183 -44.15 -14.77 -5.38
C PRO B 183 -43.00 -14.30 -6.26
N LEU B 184 -43.25 -13.53 -7.30
CA LEU B 184 -42.22 -13.08 -8.22
C LEU B 184 -41.91 -11.60 -8.02
N GLN B 185 -40.65 -11.22 -8.28
CA GLN B 185 -40.21 -9.83 -8.20
C GLN B 185 -39.33 -9.47 -9.39
N SER B 186 -39.54 -8.26 -9.94
CA SER B 186 -38.77 -7.80 -11.09
C SER B 186 -37.36 -7.36 -10.68
N TYR B 187 -36.39 -7.72 -11.51
CA TYR B 187 -35.12 -7.02 -11.49
C TYR B 187 -35.36 -5.61 -12.04
N GLY B 188 -34.71 -4.63 -11.46
CA GLY B 188 -34.69 -3.35 -12.13
C GLY B 188 -33.35 -3.10 -12.76
N PHE B 189 -33.23 -3.29 -14.08
CA PHE B 189 -31.95 -3.15 -14.77
C PHE B 189 -31.82 -1.73 -15.31
N GLN B 190 -31.18 -0.89 -14.53
CA GLN B 190 -30.84 0.49 -14.89
C GLN B 190 -29.50 0.49 -15.62
N PRO B 191 -29.41 1.14 -16.79
CA PRO B 191 -28.15 1.11 -17.54
C PRO B 191 -26.96 1.65 -16.76
N THR B 192 -27.17 2.55 -15.79
CA THR B 192 -26.09 3.18 -15.05
C THR B 192 -25.77 2.48 -13.73
N ASN B 193 -26.49 1.43 -13.35
CA ASN B 193 -26.17 0.66 -12.15
C ASN B 193 -24.77 0.04 -12.25
N GLY B 194 -24.18 -0.25 -11.08
CA GLY B 194 -22.92 -0.97 -11.03
C GLY B 194 -23.06 -2.40 -11.52
N VAL B 195 -21.92 -3.05 -11.79
CA VAL B 195 -21.93 -4.35 -12.47
C VAL B 195 -22.59 -5.44 -11.63
N GLY B 196 -22.46 -5.40 -10.31
CA GLY B 196 -23.15 -6.37 -9.47
C GLY B 196 -24.64 -6.42 -9.71
N TYR B 197 -25.24 -5.28 -10.11
CA TYR B 197 -26.66 -5.22 -10.45
C TYR B 197 -26.86 -4.99 -11.96
N GLN B 198 -25.96 -5.47 -12.79
CA GLN B 198 -26.28 -5.43 -14.20
C GLN B 198 -26.76 -6.81 -14.68
N PRO B 199 -27.49 -6.87 -15.80
CA PRO B 199 -27.96 -8.19 -16.29
C PRO B 199 -26.82 -8.99 -16.89
N TYR B 200 -26.78 -10.27 -16.56
CA TYR B 200 -25.88 -11.23 -17.15
C TYR B 200 -26.70 -12.37 -17.76
N ARG B 201 -26.40 -12.67 -19.02
CA ARG B 201 -26.93 -13.85 -19.67
C ARG B 201 -26.09 -15.07 -19.30
N VAL B 202 -26.77 -16.18 -18.99
CA VAL B 202 -26.17 -17.39 -18.49
C VAL B 202 -26.64 -18.56 -19.36
N VAL B 203 -25.68 -19.40 -19.77
CA VAL B 203 -25.95 -20.69 -20.40
C VAL B 203 -25.28 -21.76 -19.54
N VAL B 204 -26.04 -22.80 -19.21
CA VAL B 204 -25.56 -23.95 -18.45
C VAL B 204 -25.61 -25.16 -19.38
N LEU B 205 -24.46 -25.71 -19.71
CA LEU B 205 -24.40 -26.92 -20.50
C LEU B 205 -24.26 -28.10 -19.55
N SER B 206 -25.20 -29.01 -19.58
CA SER B 206 -25.09 -30.22 -18.80
C SER B 206 -24.87 -31.38 -19.76
N PHE B 207 -23.86 -32.17 -19.48
CA PHE B 207 -23.45 -33.28 -20.32
C PHE B 207 -23.86 -34.54 -19.56
N GLU B 208 -24.81 -35.29 -20.10
CA GLU B 208 -25.28 -36.49 -19.43
C GLU B 208 -24.71 -37.70 -20.16
N LEU B 209 -23.96 -38.50 -19.41
CA LEU B 209 -23.50 -39.82 -19.84
C LEU B 209 -24.35 -40.86 -19.12
N LEU B 210 -25.22 -41.54 -19.85
CA LEU B 210 -25.95 -42.70 -19.35
C LEU B 210 -25.36 -43.97 -19.95
N HIS B 211 -25.86 -45.12 -19.50
CA HIS B 211 -25.46 -46.40 -20.10
C HIS B 211 -26.23 -46.60 -21.40
N ALA B 212 -25.85 -45.81 -22.41
CA ALA B 212 -26.49 -45.78 -23.70
C ALA B 212 -25.47 -45.35 -24.75
N PRO B 213 -25.74 -45.60 -26.03
CA PRO B 213 -24.86 -45.06 -27.08
C PRO B 213 -24.85 -43.54 -27.08
N ALA B 214 -23.73 -42.97 -27.51
CA ALA B 214 -23.55 -41.54 -27.53
C ALA B 214 -24.21 -40.92 -28.76
N THR B 215 -24.72 -39.69 -28.59
CA THR B 215 -25.27 -38.90 -29.68
C THR B 215 -24.57 -37.57 -29.91
N VAL B 216 -23.81 -37.06 -28.93
CA VAL B 216 -23.13 -35.77 -29.04
C VAL B 216 -21.64 -36.00 -28.92
N CYS B 217 -20.88 -35.57 -29.92
CA CYS B 217 -19.43 -35.68 -29.83
C CYS B 217 -18.75 -34.45 -30.39
N GLY B 218 -17.59 -34.12 -29.83
CA GLY B 218 -16.77 -33.08 -30.40
C GLY B 218 -16.07 -33.57 -31.66
N PRO B 219 -15.38 -32.65 -32.35
CA PRO B 219 -14.60 -33.05 -33.53
C PRO B 219 -13.57 -34.15 -33.24
N LYS B 220 -13.41 -34.53 -31.97
CA LYS B 220 -12.45 -35.52 -31.51
C LYS B 220 -11.03 -35.12 -31.90
N GLN C 1 -9.52 -11.13 4.04
CA GLN C 1 -8.53 -11.86 4.81
C GLN C 1 -8.67 -13.39 4.58
N VAL C 2 -8.34 -13.83 3.36
CA VAL C 2 -8.41 -15.25 3.04
C VAL C 2 -7.31 -16.01 3.76
N GLN C 3 -7.69 -17.07 4.46
CA GLN C 3 -6.73 -17.86 5.21
C GLN C 3 -7.08 -19.34 5.07
N LEU C 4 -6.06 -20.15 4.82
CA LEU C 4 -6.14 -21.60 4.84
C LEU C 4 -5.15 -22.08 5.90
N GLN C 5 -5.64 -22.83 6.88
CA GLN C 5 -4.81 -23.28 8.00
C GLN C 5 -4.75 -24.79 8.06
N GLN C 6 -3.55 -25.35 8.20
CA GLN C 6 -3.21 -26.76 8.34
C GLN C 6 -2.41 -27.01 9.62
N PRO C 7 -2.56 -28.18 10.26
CA PRO C 7 -1.65 -28.53 11.36
C PRO C 7 -0.21 -28.66 10.88
N GLY C 8 0.73 -28.35 11.76
CA GLY C 8 2.13 -28.25 11.35
C GLY C 8 2.76 -29.59 10.98
N ALA C 9 2.63 -30.59 11.85
CA ALA C 9 3.29 -31.85 11.60
C ALA C 9 2.48 -33.00 12.19
N GLU C 10 2.64 -34.18 11.60
CA GLU C 10 2.06 -35.41 12.14
C GLU C 10 3.10 -36.51 12.05
N LEU C 11 3.18 -37.32 13.11
CA LEU C 11 4.01 -38.53 13.12
C LEU C 11 3.09 -39.74 13.10
N VAL C 12 3.25 -40.60 12.12
CA VAL C 12 2.34 -41.72 11.93
C VAL C 12 3.17 -42.96 11.63
N LYS C 13 2.76 -44.09 12.20
CA LYS C 13 3.48 -45.34 12.04
C LYS C 13 3.20 -45.93 10.65
N PRO C 14 4.18 -46.63 10.07
CA PRO C 14 3.99 -47.15 8.71
C PRO C 14 2.85 -48.16 8.61
N GLY C 15 2.13 -48.10 7.50
CA GLY C 15 0.98 -48.95 7.29
C GLY C 15 -0.30 -48.45 7.92
N ALA C 16 -0.24 -47.40 8.75
CA ALA C 16 -1.42 -46.79 9.33
C ALA C 16 -1.99 -45.72 8.39
N SER C 17 -2.96 -44.96 8.89
CA SER C 17 -3.62 -43.89 8.13
C SER C 17 -3.42 -42.58 8.86
N VAL C 18 -3.57 -41.50 8.09
CA VAL C 18 -3.54 -40.15 8.65
C VAL C 18 -4.62 -39.34 7.96
N LYS C 19 -5.26 -38.44 8.74
CA LYS C 19 -6.24 -37.50 8.22
C LYS C 19 -5.80 -36.09 8.58
N MET C 20 -5.67 -35.24 7.55
CA MET C 20 -5.19 -33.88 7.71
C MET C 20 -6.30 -32.92 7.34
N SER C 21 -6.31 -31.78 8.00
CA SER C 21 -7.34 -30.78 7.84
C SER C 21 -6.77 -29.53 7.17
N CYS C 22 -7.69 -28.77 6.57
CA CYS C 22 -7.41 -27.51 5.90
C CYS C 22 -8.62 -26.62 6.18
N LYS C 23 -8.48 -25.75 7.18
CA LYS C 23 -9.57 -24.91 7.64
C LYS C 23 -9.55 -23.60 6.87
N ALA C 24 -10.65 -23.30 6.18
CA ALA C 24 -10.76 -22.10 5.35
C ALA C 24 -11.47 -20.99 6.11
N SER C 25 -11.06 -19.75 5.87
CA SER C 25 -11.74 -18.58 6.43
C SER C 25 -11.53 -17.37 5.53
N GLY C 26 -12.40 -16.37 5.69
CA GLY C 26 -12.31 -15.12 4.98
C GLY C 26 -12.92 -15.07 3.60
N TYR C 27 -13.62 -16.12 3.17
CA TYR C 27 -14.28 -16.13 1.87
C TYR C 27 -15.40 -17.17 1.92
N THR C 28 -16.15 -17.27 0.83
CA THR C 28 -17.24 -18.24 0.78
C THR C 28 -16.67 -19.61 0.40
N PHE C 29 -16.61 -20.51 1.40
CA PHE C 29 -15.90 -21.77 1.27
C PHE C 29 -16.41 -22.60 0.09
N ILE C 30 -17.73 -22.63 -0.14
CA ILE C 30 -18.29 -23.51 -1.17
C ILE C 30 -18.15 -22.97 -2.59
N THR C 31 -17.53 -21.81 -2.80
CA THR C 31 -17.42 -21.29 -4.16
C THR C 31 -16.02 -21.43 -4.77
N TYR C 32 -15.05 -21.98 -4.05
CA TYR C 32 -13.72 -22.20 -4.59
C TYR C 32 -13.34 -23.67 -4.45
N TRP C 33 -12.69 -24.22 -5.48
CA TRP C 33 -12.09 -25.54 -5.36
C TRP C 33 -10.96 -25.52 -4.33
N ILE C 34 -10.82 -26.64 -3.61
CA ILE C 34 -9.68 -26.91 -2.73
C ILE C 34 -8.85 -27.99 -3.40
N THR C 35 -7.55 -27.76 -3.51
CA THR C 35 -6.63 -28.69 -4.14
C THR C 35 -5.52 -29.04 -3.16
N TRP C 36 -4.93 -30.22 -3.38
CA TRP C 36 -3.90 -30.76 -2.52
C TRP C 36 -2.73 -31.22 -3.36
N VAL C 37 -1.52 -30.91 -2.88
CA VAL C 37 -0.24 -31.13 -3.56
C VAL C 37 0.79 -31.66 -2.57
N LYS C 38 1.66 -32.54 -3.05
CA LYS C 38 2.69 -33.22 -2.27
C LYS C 38 4.06 -32.66 -2.62
N GLN C 39 4.90 -32.44 -1.61
CA GLN C 39 6.26 -31.94 -1.81
C GLN C 39 7.21 -32.81 -1.00
N ARG C 40 7.95 -33.69 -1.68
CA ARG C 40 8.90 -34.53 -0.98
C ARG C 40 10.17 -33.73 -0.66
N PRO C 41 10.86 -34.11 0.44
CA PRO C 41 11.84 -33.19 1.08
C PRO C 41 12.82 -32.46 0.17
N GLY C 42 13.26 -33.03 -0.95
CA GLY C 42 14.16 -32.22 -1.75
C GLY C 42 13.67 -31.79 -3.12
N GLN C 43 12.44 -32.15 -3.47
CA GLN C 43 11.93 -32.06 -4.83
C GLN C 43 10.79 -31.05 -4.97
N GLY C 44 10.22 -31.03 -6.17
CA GLY C 44 9.16 -30.13 -6.54
C GLY C 44 7.79 -30.62 -6.10
N LEU C 45 6.77 -30.10 -6.76
CA LEU C 45 5.40 -30.33 -6.36
C LEU C 45 4.73 -31.38 -7.22
N GLU C 46 3.83 -32.13 -6.59
CA GLU C 46 3.06 -33.19 -7.23
C GLU C 46 1.58 -33.02 -6.91
N TRP C 47 0.73 -32.97 -7.94
CA TRP C 47 -0.70 -32.77 -7.73
C TRP C 47 -1.36 -34.05 -7.25
N ILE C 48 -2.01 -33.98 -6.10
CA ILE C 48 -2.75 -35.12 -5.56
C ILE C 48 -4.20 -35.09 -6.01
N GLY C 49 -4.88 -33.98 -5.80
CA GLY C 49 -6.28 -33.98 -6.23
C GLY C 49 -7.01 -32.71 -5.85
N ASP C 50 -8.28 -32.64 -6.30
CA ASP C 50 -9.16 -31.49 -6.09
C ASP C 50 -10.53 -31.92 -5.58
N ILE C 51 -11.17 -31.04 -4.81
CA ILE C 51 -12.55 -31.22 -4.37
C ILE C 51 -13.27 -29.88 -4.44
N TYR C 52 -14.49 -29.89 -4.98
CA TYR C 52 -15.33 -28.70 -4.96
C TYR C 52 -16.22 -28.79 -3.73
N PRO C 53 -16.06 -27.91 -2.75
CA PRO C 53 -16.79 -28.07 -1.48
C PRO C 53 -18.31 -28.02 -1.60
N GLY C 54 -18.87 -27.42 -2.65
CA GLY C 54 -20.31 -27.45 -2.76
C GLY C 54 -20.78 -28.71 -3.46
N GLY C 55 -21.11 -29.73 -2.68
CA GLY C 55 -21.49 -31.03 -3.22
C GLY C 55 -20.40 -32.08 -3.19
N GLY C 56 -19.14 -31.68 -3.02
CA GLY C 56 -18.06 -32.61 -2.77
C GLY C 56 -17.53 -33.41 -3.94
N ARG C 57 -17.73 -32.96 -5.19
CA ARG C 57 -17.12 -33.65 -6.32
C ARG C 57 -15.59 -33.65 -6.22
N THR C 58 -14.98 -34.80 -6.48
CA THR C 58 -13.53 -34.97 -6.43
C THR C 58 -12.94 -35.36 -7.78
N ASN C 59 -11.67 -34.98 -7.97
CA ASN C 59 -10.84 -35.36 -9.11
C ASN C 59 -9.50 -35.77 -8.54
N TYR C 60 -8.99 -36.94 -8.93
CA TYR C 60 -7.77 -37.48 -8.36
C TYR C 60 -6.71 -37.66 -9.43
N ASN C 61 -5.47 -37.38 -9.08
CA ASN C 61 -4.35 -37.87 -9.87
C ASN C 61 -4.42 -39.38 -9.84
N GLU C 62 -4.28 -40.00 -11.01
CA GLU C 62 -4.42 -41.46 -11.10
C GLU C 62 -3.48 -42.17 -10.14
N LYS C 63 -2.27 -41.64 -9.96
CA LYS C 63 -1.30 -42.27 -9.08
C LYS C 63 -1.82 -42.38 -7.65
N PHE C 64 -2.59 -41.38 -7.19
CA PHE C 64 -2.99 -41.27 -5.80
C PHE C 64 -4.40 -41.80 -5.51
N LYS C 65 -5.08 -42.41 -6.50
CA LYS C 65 -6.47 -42.83 -6.30
C LYS C 65 -6.62 -43.85 -5.19
N SER C 66 -5.63 -44.74 -5.03
CA SER C 66 -5.70 -45.72 -3.96
C SER C 66 -5.19 -45.17 -2.65
N LYS C 67 -4.33 -44.15 -2.70
CA LYS C 67 -3.68 -43.62 -1.50
C LYS C 67 -4.54 -42.59 -0.78
N ALA C 68 -5.25 -41.72 -1.51
CA ALA C 68 -5.82 -40.50 -0.93
C ALA C 68 -7.32 -40.43 -1.09
N THR C 69 -7.98 -39.85 -0.08
CA THR C 69 -9.41 -39.57 -0.10
C THR C 69 -9.66 -38.15 0.37
N LEU C 70 -10.34 -37.36 -0.46
CA LEU C 70 -10.64 -35.98 -0.13
C LEU C 70 -12.11 -35.86 0.26
N THR C 71 -12.37 -35.19 1.39
CA THR C 71 -13.72 -34.84 1.83
C THR C 71 -13.75 -33.38 2.27
N VAL C 72 -14.96 -32.89 2.52
CA VAL C 72 -15.16 -31.58 3.13
C VAL C 72 -16.26 -31.67 4.16
N ASP C 73 -16.22 -30.75 5.10
CA ASP C 73 -17.32 -30.47 6.01
C ASP C 73 -17.69 -29.02 5.77
N THR C 74 -18.82 -28.79 5.06
CA THR C 74 -19.17 -27.42 4.69
C THR C 74 -19.56 -26.57 5.89
N SER C 75 -20.13 -27.18 6.93
CA SER C 75 -20.57 -26.41 8.09
C SER C 75 -19.38 -25.82 8.85
N SER C 76 -18.25 -26.51 8.89
CA SER C 76 -17.06 -26.00 9.55
C SER C 76 -16.06 -25.34 8.60
N SER C 77 -16.36 -25.28 7.30
CA SER C 77 -15.45 -24.71 6.30
C SER C 77 -14.08 -25.40 6.34
N THR C 78 -14.09 -26.73 6.39
CA THR C 78 -12.88 -27.53 6.53
C THR C 78 -12.82 -28.59 5.45
N ALA C 79 -11.66 -28.72 4.81
CA ALA C 79 -11.38 -29.78 3.85
C ALA C 79 -10.40 -30.78 4.45
N TYR C 80 -10.56 -32.05 4.12
CA TYR C 80 -9.74 -33.09 4.73
C TYR C 80 -9.13 -33.96 3.64
N MET C 81 -7.91 -34.40 3.86
CA MET C 81 -7.30 -35.44 3.06
C MET C 81 -6.90 -36.61 3.93
N GLN C 82 -7.34 -37.81 3.56
CA GLN C 82 -6.95 -39.04 4.24
C GLN C 82 -5.96 -39.80 3.38
N LEU C 83 -4.83 -40.20 3.98
CA LEU C 83 -3.84 -41.02 3.33
C LEU C 83 -3.78 -42.37 4.05
N ARG C 84 -3.82 -43.45 3.27
CA ARG C 84 -3.92 -44.80 3.81
C ARG C 84 -2.67 -45.62 3.52
N SER C 85 -2.37 -46.57 4.41
CA SER C 85 -1.28 -47.53 4.26
C SER C 85 0.05 -46.82 3.99
N LEU C 86 0.46 -46.02 4.97
CA LEU C 86 1.59 -45.13 4.77
C LEU C 86 2.91 -45.88 4.69
N THR C 87 3.76 -45.46 3.74
CA THR C 87 5.14 -45.90 3.62
C THR C 87 6.06 -44.69 3.80
N SER C 88 7.36 -44.95 3.76
CA SER C 88 8.34 -43.88 3.86
C SER C 88 8.25 -42.93 2.69
N GLU C 89 7.83 -43.41 1.51
CA GLU C 89 7.69 -42.55 0.34
C GLU C 89 6.55 -41.57 0.47
N ASP C 90 5.70 -41.72 1.49
CA ASP C 90 4.65 -40.75 1.74
C ASP C 90 5.08 -39.71 2.78
N SER C 91 6.29 -39.85 3.36
CA SER C 91 6.85 -38.81 4.21
C SER C 91 7.11 -37.57 3.37
N ALA C 92 6.43 -36.46 3.72
CA ALA C 92 6.48 -35.28 2.85
C ALA C 92 5.69 -34.11 3.44
N VAL C 93 5.72 -32.95 2.80
CA VAL C 93 4.84 -31.83 3.17
C VAL C 93 3.64 -31.86 2.23
N TYR C 94 2.44 -31.81 2.80
CA TYR C 94 1.20 -31.76 2.03
C TYR C 94 0.58 -30.39 2.17
N TYR C 95 0.39 -29.72 1.03
CA TYR C 95 -0.19 -28.40 0.98
C TYR C 95 -1.63 -28.52 0.48
N CYS C 96 -2.50 -27.73 1.09
CA CYS C 96 -3.79 -27.39 0.51
C CYS C 96 -3.72 -25.95 0.00
N ALA C 97 -4.48 -25.70 -1.06
CA ALA C 97 -4.60 -24.37 -1.64
C ALA C 97 -5.95 -24.28 -2.33
N ARG C 98 -6.33 -23.08 -2.72
CA ARG C 98 -7.61 -22.91 -3.39
C ARG C 98 -7.38 -22.39 -4.81
N TYR C 99 -8.30 -22.73 -5.70
CA TYR C 99 -8.36 -22.11 -7.01
C TYR C 99 -9.83 -21.92 -7.36
N ASP C 100 -10.11 -20.99 -8.27
CA ASP C 100 -11.51 -20.68 -8.57
C ASP C 100 -12.06 -21.44 -9.78
N GLY C 101 -11.20 -21.99 -10.63
CA GLY C 101 -11.67 -22.83 -11.72
C GLY C 101 -12.27 -22.09 -12.90
N ASN C 102 -12.10 -20.77 -12.99
CA ASN C 102 -12.70 -19.98 -14.07
C ASN C 102 -11.77 -19.96 -15.28
N TYR C 103 -12.20 -20.60 -16.36
CA TYR C 103 -11.38 -20.78 -17.56
C TYR C 103 -10.98 -19.47 -18.22
N VAL C 104 -11.80 -18.42 -18.09
CA VAL C 104 -11.43 -17.14 -18.66
C VAL C 104 -10.71 -16.23 -17.67
N GLY C 105 -10.48 -16.69 -16.45
CA GLY C 105 -9.75 -15.88 -15.47
C GLY C 105 -8.63 -16.68 -14.85
N TYR C 106 -8.65 -16.78 -13.52
CA TYR C 106 -7.54 -17.40 -12.80
C TYR C 106 -7.41 -18.87 -13.13
N TYR C 107 -8.53 -19.55 -13.40
CA TYR C 107 -8.56 -20.97 -13.79
C TYR C 107 -7.93 -21.77 -12.66
N TYR C 108 -6.84 -22.51 -12.90
CA TYR C 108 -6.28 -23.39 -11.89
C TYR C 108 -5.24 -22.70 -10.99
N ALA C 109 -5.07 -21.38 -11.11
CA ALA C 109 -4.05 -20.70 -10.31
C ALA C 109 -4.35 -20.80 -8.82
N MET C 110 -3.34 -21.17 -8.04
CA MET C 110 -3.46 -21.32 -6.60
C MET C 110 -3.05 -20.01 -5.96
N ASP C 111 -4.06 -19.13 -5.73
CA ASP C 111 -3.76 -17.81 -5.18
C ASP C 111 -3.60 -17.82 -3.67
N TYR C 112 -4.24 -18.73 -2.96
CA TYR C 112 -4.07 -18.80 -1.51
C TYR C 112 -3.71 -20.22 -1.10
N TRP C 113 -2.82 -20.33 -0.12
CA TRP C 113 -2.24 -21.61 0.30
C TRP C 113 -2.31 -21.78 1.81
N GLY C 114 -2.46 -23.01 2.24
CA GLY C 114 -2.07 -23.36 3.58
C GLY C 114 -0.54 -23.45 3.69
N GLN C 115 -0.04 -23.47 4.91
CA GLN C 115 1.41 -23.53 5.09
C GLN C 115 1.92 -24.96 5.15
N GLY C 116 1.06 -25.96 4.95
CA GLY C 116 1.52 -27.32 4.76
C GLY C 116 1.53 -28.10 6.06
N THR C 117 1.30 -29.40 5.93
CA THR C 117 1.43 -30.34 7.04
C THR C 117 2.56 -31.29 6.70
N SER C 118 3.59 -31.31 7.55
CA SER C 118 4.73 -32.20 7.34
C SER C 118 4.46 -33.53 8.02
N VAL C 119 4.43 -34.59 7.24
CA VAL C 119 4.13 -35.93 7.73
C VAL C 119 5.42 -36.73 7.77
N THR C 120 5.75 -37.24 8.96
CA THR C 120 6.83 -38.21 9.15
C THR C 120 6.21 -39.58 9.40
N VAL C 121 6.59 -40.54 8.55
CA VAL C 121 6.18 -41.93 8.68
C VAL C 121 7.36 -42.68 9.26
N SER C 122 7.24 -43.09 10.52
CA SER C 122 8.27 -43.84 11.21
C SER C 122 7.62 -44.65 12.33
N SER C 123 8.24 -45.79 12.65
CA SER C 123 7.79 -46.55 13.80
C SER C 123 8.52 -46.16 15.07
N ALA C 124 9.52 -45.27 14.95
CA ALA C 124 10.32 -44.86 16.11
C ALA C 124 9.49 -44.03 17.08
N SER C 125 9.90 -44.07 18.34
CA SER C 125 9.16 -43.40 19.40
C SER C 125 9.54 -41.92 19.47
N THR C 126 8.63 -41.14 20.04
CA THR C 126 8.82 -39.71 20.23
C THR C 126 9.78 -39.48 21.40
N LYS C 127 10.77 -38.60 21.21
CA LYS C 127 11.79 -38.32 22.23
C LYS C 127 12.05 -36.82 22.32
N GLY C 128 11.94 -36.28 23.53
CA GLY C 128 12.23 -34.88 23.76
C GLY C 128 13.72 -34.61 23.72
N PRO C 129 14.13 -33.41 23.30
CA PRO C 129 15.55 -33.11 23.11
C PRO C 129 16.27 -32.83 24.43
N SER C 130 17.60 -32.91 24.36
CA SER C 130 18.50 -32.45 25.42
C SER C 130 19.12 -31.15 24.92
N VAL C 131 19.12 -30.11 25.75
CA VAL C 131 19.57 -28.79 25.34
C VAL C 131 20.80 -28.42 26.15
N PHE C 132 21.92 -28.11 25.45
CA PHE C 132 23.20 -27.81 26.07
C PHE C 132 23.67 -26.40 25.69
N PRO C 133 24.35 -25.70 26.59
CA PRO C 133 24.83 -24.34 26.29
C PRO C 133 26.12 -24.35 25.46
N LEU C 134 26.16 -23.47 24.46
CA LEU C 134 27.36 -23.12 23.70
C LEU C 134 27.86 -21.80 24.28
N ALA C 135 28.74 -21.92 25.27
CA ALA C 135 29.11 -20.79 26.11
C ALA C 135 30.03 -19.82 25.37
N PRO C 136 29.80 -18.51 25.51
CA PRO C 136 30.69 -17.54 24.87
C PRO C 136 32.11 -17.64 25.40
N SER C 137 33.07 -17.36 24.53
CA SER C 137 34.48 -17.44 24.91
C SER C 137 34.92 -16.17 25.62
N SER C 138 35.79 -16.33 26.61
CA SER C 138 36.29 -15.18 27.37
C SER C 138 37.15 -14.27 26.52
N LYS C 139 37.99 -14.83 25.66
CA LYS C 139 38.86 -14.03 24.80
C LYS C 139 38.02 -13.20 23.83
N SER C 140 38.57 -12.05 23.42
CA SER C 140 37.90 -11.22 22.42
C SER C 140 37.65 -12.04 21.16
N THR C 141 36.49 -11.84 20.55
CA THR C 141 36.05 -12.73 19.48
C THR C 141 36.22 -12.13 18.09
N SER C 142 35.80 -12.92 17.09
CA SER C 142 35.88 -12.62 15.67
C SER C 142 34.82 -11.62 15.23
N GLY C 143 35.24 -10.59 14.50
CA GLY C 143 34.37 -9.48 14.11
C GLY C 143 34.07 -8.42 15.15
N GLY C 144 34.71 -8.46 16.33
CA GLY C 144 34.38 -7.52 17.40
C GLY C 144 33.20 -7.89 18.26
N THR C 145 32.48 -8.97 17.92
CA THR C 145 31.27 -9.38 18.58
C THR C 145 31.48 -10.81 19.08
N ALA C 146 30.88 -11.15 20.21
CA ALA C 146 30.92 -12.51 20.72
C ALA C 146 29.79 -13.36 20.13
N ALA C 147 29.95 -14.67 20.22
CA ALA C 147 28.92 -15.58 19.76
C ALA C 147 28.55 -16.54 20.89
N LEU C 148 27.28 -16.93 20.93
CA LEU C 148 26.88 -17.94 21.89
C LEU C 148 25.68 -18.69 21.31
N GLY C 149 25.30 -19.77 21.98
CA GLY C 149 24.22 -20.54 21.39
C GLY C 149 23.74 -21.69 22.25
N CYS C 150 22.91 -22.51 21.64
CA CYS C 150 22.34 -23.71 22.23
C CYS C 150 22.45 -24.87 21.24
N LEU C 151 22.88 -26.02 21.74
CA LEU C 151 22.88 -27.27 21.00
C LEU C 151 21.68 -28.12 21.43
N VAL C 152 20.75 -28.36 20.52
CA VAL C 152 19.54 -29.12 20.77
C VAL C 152 19.71 -30.50 20.15
N LYS C 153 19.81 -31.52 20.98
CA LYS C 153 20.35 -32.78 20.53
C LYS C 153 19.38 -33.92 20.85
N ASP C 154 19.35 -34.91 19.96
CA ASP C 154 18.73 -36.21 20.24
C ASP C 154 17.22 -36.08 20.49
N TYR C 155 16.51 -35.56 19.49
CA TYR C 155 15.07 -35.46 19.51
C TYR C 155 14.50 -36.11 18.26
N PHE C 156 13.27 -36.61 18.38
CA PHE C 156 12.50 -37.19 17.28
C PHE C 156 11.03 -37.06 17.65
N PRO C 157 10.15 -36.75 16.68
CA PRO C 157 10.46 -36.32 15.32
C PRO C 157 10.65 -34.81 15.21
N GLU C 158 10.86 -34.33 13.97
CA GLU C 158 10.83 -32.90 13.68
C GLU C 158 9.40 -32.37 13.75
N PRO C 159 9.20 -31.09 14.12
CA PRO C 159 10.21 -30.03 14.33
C PRO C 159 10.44 -29.69 15.78
N VAL C 160 11.44 -28.86 15.99
CA VAL C 160 11.71 -28.19 17.25
C VAL C 160 11.73 -26.70 16.95
N THR C 161 11.34 -25.87 17.92
CA THR C 161 11.42 -24.42 17.74
C THR C 161 12.37 -23.84 18.77
N VAL C 162 13.14 -22.84 18.35
CA VAL C 162 14.08 -22.19 19.24
C VAL C 162 13.82 -20.70 19.20
N SER C 163 13.88 -20.08 20.38
CA SER C 163 13.81 -18.64 20.56
C SER C 163 14.90 -18.20 21.52
N TRP C 164 15.23 -16.91 21.47
CA TRP C 164 16.28 -16.34 22.31
C TRP C 164 15.71 -15.20 23.15
N ASN C 165 16.03 -15.22 24.44
CA ASN C 165 15.64 -14.22 25.43
C ASN C 165 14.12 -14.10 25.52
N SER C 166 13.42 -15.15 25.10
CA SER C 166 11.97 -15.34 25.17
C SER C 166 11.28 -14.28 24.34
N GLY C 167 12.09 -13.36 23.83
CA GLY C 167 11.69 -12.00 23.53
C GLY C 167 11.76 -11.66 22.08
N ALA C 168 11.68 -12.70 21.25
CA ALA C 168 11.78 -12.52 19.81
C ALA C 168 13.00 -11.62 19.53
N LEU C 169 14.14 -12.13 19.97
CA LEU C 169 15.44 -11.58 19.60
C LEU C 169 15.75 -12.16 18.26
N THR C 170 15.61 -11.34 17.22
CA THR C 170 15.82 -11.77 15.84
C THR C 170 17.11 -11.22 15.28
N SER C 171 17.85 -10.44 16.08
CA SER C 171 19.06 -9.79 15.62
C SER C 171 20.25 -10.69 15.90
N GLY C 172 20.92 -11.15 14.84
CA GLY C 172 22.08 -12.02 14.94
C GLY C 172 21.78 -13.48 15.20
N VAL C 173 20.52 -13.88 15.19
CA VAL C 173 20.17 -15.26 15.49
C VAL C 173 20.23 -16.09 14.22
N HIS C 174 20.92 -17.22 14.30
CA HIS C 174 20.90 -18.23 13.25
C HIS C 174 20.58 -19.58 13.86
N THR C 175 19.48 -20.18 13.40
CA THR C 175 19.04 -21.51 13.78
C THR C 175 19.19 -22.41 12.54
N PHE C 176 20.12 -23.35 12.61
CA PHE C 176 20.50 -24.22 11.50
C PHE C 176 19.44 -25.31 11.24
N PRO C 177 19.35 -25.79 10.00
CA PRO C 177 18.46 -26.93 9.75
C PRO C 177 18.90 -28.10 10.61
N ALA C 178 17.93 -28.88 11.05
CA ALA C 178 18.21 -30.11 11.77
C ALA C 178 18.95 -31.09 10.87
N VAL C 179 19.87 -31.84 11.45
CA VAL C 179 20.54 -32.92 10.76
C VAL C 179 20.10 -34.24 11.40
N LEU C 180 19.80 -35.22 10.55
CA LEU C 180 19.52 -36.58 11.00
C LEU C 180 20.83 -37.30 11.28
N GLN C 181 21.02 -37.72 12.53
CA GLN C 181 22.22 -38.43 12.94
C GLN C 181 22.10 -39.93 12.59
N SER C 182 23.20 -40.66 12.76
CA SER C 182 23.16 -42.10 12.50
C SER C 182 22.24 -42.82 13.47
N SER C 183 22.02 -42.25 14.65
CA SER C 183 21.09 -42.82 15.62
C SER C 183 19.63 -42.75 15.18
N GLY C 184 19.32 -42.00 14.13
CA GLY C 184 17.92 -41.77 13.78
C GLY C 184 17.26 -40.66 14.56
N LEU C 185 18.01 -39.94 15.39
CA LEU C 185 17.53 -38.76 16.10
C LEU C 185 18.08 -37.51 15.42
N TYR C 186 17.40 -36.40 15.67
CA TYR C 186 17.74 -35.14 15.04
C TYR C 186 18.60 -34.31 15.97
N SER C 187 19.40 -33.42 15.36
CA SER C 187 20.20 -32.49 16.13
C SER C 187 20.24 -31.15 15.41
N LEU C 188 20.39 -30.07 16.20
CA LEU C 188 20.24 -28.73 15.68
C LEU C 188 21.01 -27.78 16.59
N SER C 189 21.59 -26.74 16.02
CA SER C 189 22.16 -25.67 16.82
C SER C 189 21.49 -24.34 16.51
N SER C 190 21.45 -23.48 17.53
CA SER C 190 20.99 -22.11 17.39
C SER C 190 22.04 -21.17 17.97
N VAL C 191 22.44 -20.18 17.20
CA VAL C 191 23.46 -19.25 17.67
C VAL C 191 22.96 -17.82 17.53
N VAL C 192 23.56 -16.95 18.33
CA VAL C 192 23.31 -15.52 18.25
C VAL C 192 24.65 -14.83 18.44
N THR C 193 24.92 -13.85 17.58
CA THR C 193 26.06 -12.97 17.75
C THR C 193 25.60 -11.74 18.52
N VAL C 194 26.32 -11.43 19.58
CA VAL C 194 25.94 -10.37 20.49
C VAL C 194 27.13 -9.42 20.61
N PRO C 195 26.88 -8.17 21.01
CA PRO C 195 28.00 -7.28 21.33
C PRO C 195 28.83 -7.91 22.43
N SER C 196 30.15 -7.89 22.25
CA SER C 196 31.02 -8.50 23.25
C SER C 196 30.86 -7.83 24.61
N SER C 197 30.59 -6.52 24.63
CA SER C 197 30.42 -5.81 25.90
C SER C 197 29.18 -6.28 26.66
N SER C 198 28.09 -6.56 25.96
CA SER C 198 26.82 -6.87 26.59
C SER C 198 26.82 -8.19 27.36
N LEU C 199 27.94 -8.92 27.46
CA LEU C 199 27.92 -10.19 28.21
C LEU C 199 27.63 -9.97 29.68
N GLY C 200 28.20 -8.93 30.29
CA GLY C 200 27.91 -8.67 31.70
C GLY C 200 26.53 -8.10 31.94
N THR C 201 26.10 -7.15 31.10
CA THR C 201 24.85 -6.42 31.33
C THR C 201 23.63 -7.25 30.95
N GLN C 202 23.72 -8.07 29.90
CA GLN C 202 22.58 -8.78 29.38
C GLN C 202 22.73 -10.26 29.70
N THR C 203 21.65 -10.89 30.16
CA THR C 203 21.61 -12.33 30.37
C THR C 203 20.92 -12.99 29.18
N TYR C 204 21.50 -14.09 28.71
CA TYR C 204 20.99 -14.82 27.54
C TYR C 204 20.54 -16.21 27.93
N ILE C 205 19.30 -16.53 27.55
CA ILE C 205 18.69 -17.82 27.81
C ILE C 205 17.98 -18.24 26.53
N CYS C 206 18.29 -19.43 26.04
CA CYS C 206 17.58 -19.94 24.87
C CYS C 206 16.39 -20.75 25.34
N ASN C 207 15.29 -20.65 24.60
CA ASN C 207 14.04 -21.32 24.90
C ASN C 207 13.70 -22.28 23.77
N VAL C 208 13.67 -23.58 24.08
CA VAL C 208 13.46 -24.63 23.09
C VAL C 208 12.13 -25.32 23.36
N ASN C 209 11.32 -25.48 22.32
CA ASN C 209 10.04 -26.17 22.40
C ASN C 209 9.97 -27.30 21.39
N HIS C 210 9.64 -28.50 21.88
CA HIS C 210 9.45 -29.68 21.06
C HIS C 210 7.99 -30.09 21.21
N LYS C 211 7.15 -29.62 20.28
CA LYS C 211 5.73 -29.92 20.37
C LYS C 211 5.43 -31.42 20.39
N PRO C 212 6.04 -32.27 19.55
CA PRO C 212 5.65 -33.69 19.55
C PRO C 212 5.78 -34.39 20.90
N SER C 213 6.76 -34.03 21.71
CA SER C 213 6.88 -34.58 23.05
C SER C 213 6.33 -33.64 24.11
N ASN C 214 5.75 -32.51 23.70
CA ASN C 214 5.18 -31.53 24.63
C ASN C 214 6.21 -31.16 25.69
N THR C 215 7.45 -30.92 25.25
CA THR C 215 8.57 -30.54 26.09
C THR C 215 9.00 -29.11 25.78
N LYS C 216 9.33 -28.34 26.82
CA LYS C 216 9.90 -27.01 26.67
C LYS C 216 11.03 -26.86 27.68
N VAL C 217 12.22 -26.44 27.20
CA VAL C 217 13.42 -26.30 28.02
C VAL C 217 13.95 -24.87 27.87
N ASP C 218 14.37 -24.27 28.99
CA ASP C 218 15.08 -22.98 29.01
C ASP C 218 16.50 -23.19 29.53
N LYS C 219 17.50 -22.78 28.75
CA LYS C 219 18.89 -22.99 29.14
C LYS C 219 19.60 -21.65 29.20
N ARG C 220 20.35 -21.41 30.29
CA ARG C 220 21.10 -20.18 30.45
C ARG C 220 22.51 -20.35 29.87
N VAL C 221 22.89 -19.43 29.00
CA VAL C 221 24.19 -19.49 28.36
C VAL C 221 25.07 -18.42 28.99
N GLU C 222 26.08 -18.83 29.78
CA GLU C 222 26.96 -17.87 30.44
C GLU C 222 28.40 -18.35 30.30
N PRO C 223 29.36 -17.43 30.39
CA PRO C 223 30.78 -17.80 30.35
C PRO C 223 31.18 -18.75 31.46
N LYS C 224 31.94 -19.77 31.07
CA LYS C 224 32.45 -20.78 32.00
C LYS C 224 33.57 -20.21 32.87
N SER C 225 33.64 -20.68 34.11
CA SER C 225 34.72 -20.29 35.03
C SER C 225 35.29 -21.51 35.76
N ASP D 1 1.11 -37.51 -20.19
CA ASP D 1 1.44 -36.59 -19.11
C ASP D 1 2.50 -35.61 -19.55
N ILE D 2 2.14 -34.33 -19.51
CA ILE D 2 3.06 -33.27 -19.83
C ILE D 2 4.14 -33.20 -18.76
N VAL D 3 5.39 -33.17 -19.19
CA VAL D 3 6.54 -33.00 -18.31
C VAL D 3 7.09 -31.60 -18.55
N LEU D 4 7.38 -30.89 -17.46
CA LEU D 4 7.95 -29.56 -17.53
C LEU D 4 9.40 -29.63 -17.06
N THR D 5 10.31 -29.04 -17.83
CA THR D 5 11.73 -29.06 -17.53
C THR D 5 12.23 -27.64 -17.33
N GLN D 6 12.77 -27.36 -16.15
CA GLN D 6 13.24 -26.01 -15.84
C GLN D 6 14.76 -25.97 -15.94
N SER D 7 15.25 -25.02 -16.72
CA SER D 7 16.69 -24.75 -16.73
C SER D 7 16.87 -23.24 -16.62
N PRO D 8 17.92 -22.79 -15.93
CA PRO D 8 18.88 -23.64 -15.22
C PRO D 8 18.28 -24.26 -13.97
N VAL D 9 18.90 -25.31 -13.45
CA VAL D 9 18.44 -25.89 -12.19
C VAL D 9 18.73 -24.93 -11.04
N SER D 10 19.84 -24.19 -11.12
CA SER D 10 20.22 -23.24 -10.08
C SER D 10 20.75 -21.98 -10.77
N LEU D 11 20.74 -20.87 -10.04
CA LEU D 11 21.11 -19.61 -10.66
C LEU D 11 21.63 -18.63 -9.61
N ALA D 12 22.73 -17.97 -9.92
CA ALA D 12 23.29 -16.91 -9.09
C ALA D 12 23.26 -15.63 -9.90
N VAL D 13 22.76 -14.56 -9.29
CA VAL D 13 22.61 -13.28 -9.96
C VAL D 13 22.96 -12.19 -8.97
N SER D 14 23.60 -11.12 -9.44
CA SER D 14 23.89 -9.98 -8.59
C SER D 14 22.66 -9.11 -8.40
N LEU D 15 22.65 -8.34 -7.31
CA LEU D 15 21.56 -7.39 -7.09
C LEU D 15 21.54 -6.35 -8.21
N GLY D 16 20.35 -6.00 -8.66
CA GLY D 16 20.17 -5.07 -9.75
C GLY D 16 20.20 -5.67 -11.14
N GLN D 17 20.70 -6.89 -11.28
CA GLN D 17 20.74 -7.55 -12.58
C GLN D 17 19.43 -8.28 -12.88
N ARG D 18 19.42 -8.93 -14.04
CA ARG D 18 18.28 -9.66 -14.56
C ARG D 18 18.49 -11.15 -14.40
N ALA D 19 17.45 -11.85 -13.94
CA ALA D 19 17.45 -13.30 -13.86
C ALA D 19 16.39 -13.82 -14.81
N THR D 20 16.77 -14.78 -15.65
CA THR D 20 15.83 -15.45 -16.54
C THR D 20 15.83 -16.94 -16.26
N ILE D 21 14.64 -17.48 -15.97
CA ILE D 21 14.38 -18.89 -15.69
C ILE D 21 13.47 -19.43 -16.77
N SER D 22 13.79 -20.61 -17.28
CA SER D 22 13.05 -21.19 -18.40
C SER D 22 12.24 -22.38 -17.93
N CYS D 23 11.10 -22.56 -18.57
CA CYS D 23 10.23 -23.71 -18.39
C CYS D 23 9.96 -24.26 -19.77
N ARG D 24 10.34 -25.52 -20.00
CA ARG D 24 10.17 -26.15 -21.30
C ARG D 24 9.19 -27.32 -21.15
N ALA D 25 8.17 -27.35 -22.01
CA ALA D 25 7.07 -28.30 -21.90
C ALA D 25 7.16 -29.39 -22.96
N SER D 26 6.96 -30.64 -22.54
CA SER D 26 7.03 -31.78 -23.46
C SER D 26 5.95 -31.73 -24.54
N GLU D 27 4.86 -30.99 -24.32
CA GLU D 27 3.81 -30.79 -25.29
C GLU D 27 3.39 -29.32 -25.25
N SER D 28 2.78 -28.84 -26.33
CA SER D 28 2.34 -27.45 -26.37
C SER D 28 1.28 -27.21 -25.30
N VAL D 29 1.40 -26.06 -24.63
CA VAL D 29 0.44 -25.63 -23.62
C VAL D 29 -0.49 -24.54 -24.14
N ASP D 30 -0.48 -24.28 -25.46
CA ASP D 30 -1.37 -23.27 -26.05
C ASP D 30 -2.72 -23.89 -26.32
N PHE D 31 -3.78 -23.24 -25.83
CA PHE D 31 -5.13 -23.71 -26.08
C PHE D 31 -5.94 -22.50 -26.53
N TYR D 32 -6.16 -22.40 -27.85
CA TYR D 32 -6.98 -21.34 -28.45
C TYR D 32 -6.55 -19.95 -27.96
N GLY D 33 -5.24 -19.71 -28.01
CA GLY D 33 -4.70 -18.41 -27.66
C GLY D 33 -4.29 -18.24 -26.21
N ASN D 34 -4.67 -19.17 -25.35
CA ASN D 34 -4.29 -19.11 -23.95
C ASN D 34 -3.12 -20.07 -23.69
N SER D 35 -2.13 -19.57 -22.95
CA SER D 35 -1.03 -20.39 -22.49
C SER D 35 -1.30 -20.63 -21.01
N PHE D 36 -1.63 -21.86 -20.67
CA PHE D 36 -2.00 -22.19 -19.30
C PHE D 36 -0.75 -22.56 -18.51
N ILE D 37 0.04 -21.52 -18.23
CA ILE D 37 1.27 -21.66 -17.46
C ILE D 37 1.19 -20.71 -16.27
N TYR D 38 1.62 -21.20 -15.10
CA TYR D 38 1.67 -20.43 -13.87
C TYR D 38 3.08 -20.47 -13.29
N TRP D 39 3.45 -19.41 -12.58
CA TRP D 39 4.73 -19.33 -11.89
C TRP D 39 4.50 -19.07 -10.41
N TYR D 40 5.24 -19.80 -9.58
CA TYR D 40 5.19 -19.67 -8.13
C TYR D 40 6.61 -19.48 -7.60
N GLN D 41 6.70 -18.77 -6.48
CA GLN D 41 7.93 -18.57 -5.74
C GLN D 41 7.78 -19.16 -4.35
N GLN D 42 8.69 -20.04 -3.97
CA GLN D 42 8.67 -20.69 -2.67
C GLN D 42 9.97 -20.37 -1.95
N LYS D 43 9.88 -19.59 -0.88
CA LYS D 43 10.98 -19.37 0.03
C LYS D 43 11.12 -20.58 0.93
N PRO D 44 12.31 -20.83 1.47
CA PRO D 44 12.51 -22.05 2.28
C PRO D 44 11.60 -22.05 3.49
N GLY D 45 10.98 -23.21 3.75
CA GLY D 45 10.09 -23.40 4.87
C GLY D 45 8.68 -22.84 4.73
N GLN D 46 8.28 -22.37 3.55
CA GLN D 46 6.98 -21.73 3.37
C GLN D 46 6.26 -22.33 2.17
N ALA D 47 4.96 -22.06 2.11
CA ALA D 47 4.18 -22.45 0.94
C ALA D 47 4.59 -21.62 -0.27
N PRO D 48 4.46 -22.17 -1.46
CA PRO D 48 4.64 -21.36 -2.68
C PRO D 48 3.68 -20.18 -2.70
N LYS D 49 4.09 -19.15 -3.45
CA LYS D 49 3.32 -17.94 -3.65
C LYS D 49 3.10 -17.74 -5.15
N LEU D 50 1.85 -17.50 -5.52
CA LEU D 50 1.53 -17.29 -6.94
C LEU D 50 2.14 -15.98 -7.43
N LEU D 51 2.81 -16.03 -8.58
CA LEU D 51 3.37 -14.86 -9.23
C LEU D 51 2.66 -14.53 -10.53
N ILE D 52 2.51 -15.54 -11.41
CA ILE D 52 2.06 -15.35 -12.78
C ILE D 52 0.98 -16.38 -13.08
N TYR D 53 -0.05 -15.97 -13.79
CA TYR D 53 -1.04 -16.89 -14.30
C TYR D 53 -1.25 -16.60 -15.78
N ARG D 54 -1.67 -17.62 -16.53
CA ARG D 54 -1.88 -17.56 -17.98
C ARG D 54 -0.63 -17.01 -18.67
N ALA D 55 0.54 -17.30 -18.06
CA ALA D 55 1.88 -17.10 -18.59
C ALA D 55 2.37 -15.65 -18.65
N SER D 56 1.47 -14.67 -18.61
CA SER D 56 1.88 -13.28 -18.75
C SER D 56 1.19 -12.34 -17.77
N ASN D 57 0.22 -12.82 -17.01
CA ASN D 57 -0.58 -11.94 -16.16
C ASN D 57 0.00 -11.96 -14.76
N LEU D 58 0.36 -10.78 -14.27
CA LEU D 58 0.92 -10.64 -12.94
C LEU D 58 -0.20 -10.68 -11.92
N GLU D 59 -0.04 -11.51 -10.89
CA GLU D 59 -1.01 -11.55 -9.81
C GLU D 59 -0.98 -10.24 -9.04
N SER D 60 -2.15 -9.79 -8.59
CA SER D 60 -2.21 -8.52 -7.88
C SER D 60 -1.35 -8.61 -6.63
N GLY D 61 -0.62 -7.54 -6.34
CA GLY D 61 0.29 -7.53 -5.23
C GLY D 61 1.68 -8.05 -5.54
N ILE D 62 1.92 -8.54 -6.74
CA ILE D 62 3.25 -9.04 -7.09
C ILE D 62 3.97 -7.87 -7.76
N PRO D 63 5.18 -7.49 -7.32
CA PRO D 63 5.87 -6.34 -7.94
C PRO D 63 6.10 -6.55 -9.43
N ALA D 64 6.10 -5.44 -10.17
CA ALA D 64 6.29 -5.46 -11.62
C ALA D 64 7.67 -5.91 -12.06
N ARG D 65 8.60 -6.12 -11.12
CA ARG D 65 9.89 -6.74 -11.44
C ARG D 65 9.73 -8.15 -12.03
N PHE D 66 8.68 -8.88 -11.67
CA PHE D 66 8.45 -10.22 -12.20
C PHE D 66 7.67 -10.15 -13.50
N SER D 67 8.12 -10.91 -14.50
CA SER D 67 7.45 -10.94 -15.80
C SER D 67 7.48 -12.34 -16.39
N GLY D 68 6.42 -12.69 -17.07
CA GLY D 68 6.29 -13.97 -17.73
C GLY D 68 6.08 -13.76 -19.21
N SER D 69 6.72 -14.62 -20.01
CA SER D 69 6.56 -14.60 -21.45
C SER D 69 6.64 -16.04 -21.96
N GLY D 70 6.44 -16.21 -23.26
CA GLY D 70 6.58 -17.50 -23.88
C GLY D 70 5.32 -17.95 -24.59
N SER D 71 5.46 -19.05 -25.33
CA SER D 71 4.38 -19.63 -26.09
C SER D 71 4.71 -21.09 -26.41
N ARG D 72 3.67 -21.83 -26.75
CA ARG D 72 3.78 -23.22 -27.20
C ARG D 72 4.50 -23.99 -26.11
N THR D 73 5.68 -24.54 -26.35
CA THR D 73 6.43 -25.33 -25.39
C THR D 73 7.43 -24.54 -24.54
N ASP D 74 7.77 -23.30 -24.89
CA ASP D 74 8.87 -22.61 -24.21
C ASP D 74 8.36 -21.36 -23.49
N PHE D 75 8.67 -21.23 -22.20
CA PHE D 75 8.16 -20.15 -21.36
C PHE D 75 9.27 -19.61 -20.47
N THR D 76 9.11 -18.37 -20.02
CA THR D 76 10.18 -17.66 -19.31
C THR D 76 9.63 -16.78 -18.19
N LEU D 77 10.27 -16.86 -17.03
CA LEU D 77 10.11 -15.90 -15.95
C LEU D 77 11.36 -15.04 -15.85
N THR D 78 11.17 -13.74 -15.74
CA THR D 78 12.24 -12.75 -15.67
C THR D 78 12.05 -11.93 -14.41
N ILE D 79 13.13 -11.76 -13.65
CA ILE D 79 13.17 -10.91 -12.47
C ILE D 79 14.15 -9.78 -12.74
N HIS D 80 13.64 -8.55 -12.80
CA HIS D 80 14.44 -7.35 -12.95
C HIS D 80 13.80 -6.15 -12.28
N PRO D 81 14.52 -5.45 -11.39
CA PRO D 81 15.82 -5.84 -10.86
C PRO D 81 15.71 -6.94 -9.79
N VAL D 82 16.72 -7.83 -9.76
CA VAL D 82 16.77 -8.83 -8.70
C VAL D 82 17.10 -8.15 -7.38
N GLU D 83 16.42 -8.54 -6.32
CA GLU D 83 16.61 -7.95 -5.00
C GLU D 83 16.98 -9.05 -4.01
N ALA D 84 17.41 -8.64 -2.81
CA ALA D 84 17.94 -9.59 -1.85
C ALA D 84 16.89 -10.60 -1.39
N ASP D 85 15.65 -10.15 -1.19
CA ASP D 85 14.59 -11.05 -0.73
C ASP D 85 14.01 -11.94 -1.83
N ASP D 86 14.59 -11.95 -3.05
CA ASP D 86 14.18 -12.87 -4.11
C ASP D 86 14.81 -14.25 -4.00
N VAL D 87 15.68 -14.49 -3.01
CA VAL D 87 16.20 -15.84 -2.82
C VAL D 87 15.02 -16.78 -2.55
N ALA D 88 14.85 -17.76 -3.43
CA ALA D 88 13.73 -18.70 -3.37
C ALA D 88 13.91 -19.74 -4.46
N THR D 89 13.03 -20.74 -4.46
CA THR D 89 12.92 -21.67 -5.57
C THR D 89 11.70 -21.30 -6.39
N TYR D 90 11.81 -21.37 -7.70
CA TYR D 90 10.76 -20.92 -8.60
C TYR D 90 10.25 -22.11 -9.40
N TYR D 91 8.93 -22.26 -9.44
CA TYR D 91 8.27 -23.40 -10.08
C TYR D 91 7.31 -22.92 -11.14
N CYS D 92 7.29 -23.62 -12.27
CA CYS D 92 6.24 -23.42 -13.26
C CYS D 92 5.23 -24.55 -13.16
N GLN D 93 4.02 -24.27 -13.64
CA GLN D 93 2.93 -25.22 -13.64
C GLN D 93 2.18 -25.13 -14.95
N GLN D 94 1.73 -26.26 -15.45
CA GLN D 94 0.85 -26.30 -16.62
C GLN D 94 -0.51 -26.80 -16.19
N SER D 95 -1.55 -26.31 -16.88
CA SER D 95 -2.91 -26.80 -16.62
C SER D 95 -3.68 -27.01 -17.92
N ILE D 96 -3.00 -27.29 -19.04
CA ILE D 96 -3.71 -27.52 -20.29
C ILE D 96 -4.37 -28.90 -20.30
N GLU D 97 -3.84 -29.86 -19.54
CA GLU D 97 -4.48 -31.17 -19.46
C GLU D 97 -4.24 -31.77 -18.09
N ASP D 98 -5.19 -32.68 -17.67
CA ASP D 98 -4.87 -33.37 -16.43
C ASP D 98 -4.07 -34.64 -16.73
N PRO D 99 -3.13 -35.04 -15.86
CA PRO D 99 -2.81 -34.40 -14.57
C PRO D 99 -2.06 -33.08 -14.72
N ARG D 100 -2.41 -32.08 -13.91
CA ARG D 100 -1.63 -30.86 -13.89
C ARG D 100 -0.25 -31.17 -13.32
N THR D 101 0.79 -30.62 -13.94
CA THR D 101 2.15 -30.94 -13.53
C THR D 101 2.94 -29.67 -13.30
N PHE D 102 4.00 -29.84 -12.50
CA PHE D 102 4.92 -28.79 -12.08
C PHE D 102 6.33 -29.10 -12.58
N GLY D 103 7.13 -28.06 -12.73
CA GLY D 103 8.54 -28.25 -12.98
C GLY D 103 9.32 -28.56 -11.72
N GLY D 104 10.59 -28.95 -11.93
CA GLY D 104 11.45 -29.35 -10.83
C GLY D 104 11.95 -28.21 -9.97
N GLY D 105 11.87 -27.00 -10.48
CA GLY D 105 12.28 -25.87 -9.67
C GLY D 105 13.63 -25.33 -10.08
N THR D 106 13.78 -24.01 -9.93
CA THR D 106 15.03 -23.31 -10.17
C THR D 106 15.36 -22.52 -8.91
N LYS D 107 16.50 -22.79 -8.29
CA LYS D 107 16.89 -22.09 -7.07
C LYS D 107 17.69 -20.84 -7.43
N LEU D 108 17.29 -19.71 -6.87
CA LEU D 108 17.93 -18.44 -7.13
C LEU D 108 18.78 -18.05 -5.93
N GLU D 109 20.04 -17.74 -6.20
CA GLU D 109 20.99 -17.29 -5.19
C GLU D 109 21.40 -15.86 -5.54
N ILE D 110 21.62 -15.05 -4.51
CA ILE D 110 22.06 -13.68 -4.67
C ILE D 110 23.59 -13.67 -4.69
N LYS D 111 24.17 -13.12 -5.76
CA LYS D 111 25.60 -12.85 -5.78
C LYS D 111 25.87 -11.50 -5.13
N ARG D 112 26.69 -11.49 -4.10
CA ARG D 112 27.08 -10.29 -3.38
C ARG D 112 28.61 -10.27 -3.28
N THR D 113 29.15 -9.23 -2.65
CA THR D 113 30.59 -9.16 -2.46
C THR D 113 31.08 -10.26 -1.53
N VAL D 114 32.33 -10.67 -1.73
CA VAL D 114 32.93 -11.66 -0.85
C VAL D 114 32.95 -11.16 0.59
N ALA D 115 32.64 -12.05 1.53
CA ALA D 115 32.67 -11.71 2.96
C ALA D 115 33.21 -12.92 3.71
N ALA D 116 34.28 -12.70 4.45
CA ALA D 116 34.90 -13.79 5.17
C ALA D 116 34.05 -14.19 6.38
N PRO D 117 34.03 -15.47 6.74
CA PRO D 117 33.30 -15.88 7.93
C PRO D 117 33.95 -15.35 9.20
N SER D 118 33.12 -15.05 10.19
CA SER D 118 33.61 -14.90 11.55
C SER D 118 33.56 -16.28 12.19
N VAL D 119 34.65 -16.71 12.81
CA VAL D 119 34.81 -18.08 13.26
C VAL D 119 34.80 -18.14 14.78
N PHE D 120 34.02 -19.08 15.33
CA PHE D 120 33.96 -19.34 16.76
C PHE D 120 33.96 -20.84 17.03
N ILE D 121 34.63 -21.27 18.09
CA ILE D 121 34.61 -22.66 18.50
C ILE D 121 34.04 -22.75 19.91
N PHE D 122 33.25 -23.79 20.16
CA PHE D 122 32.55 -24.02 21.41
C PHE D 122 32.90 -25.40 21.97
N PRO D 123 33.44 -25.46 23.18
CA PRO D 123 33.68 -26.76 23.81
C PRO D 123 32.37 -27.40 24.25
N PRO D 124 32.36 -28.70 24.49
CA PRO D 124 31.17 -29.33 25.06
C PRO D 124 30.91 -28.83 26.46
N SER D 125 29.62 -28.71 26.80
CA SER D 125 29.25 -28.30 28.15
C SER D 125 29.53 -29.42 29.13
N ASP D 126 29.78 -29.04 30.38
CA ASP D 126 30.05 -30.04 31.41
C ASP D 126 28.84 -30.91 31.67
N GLU D 127 27.64 -30.41 31.36
CA GLU D 127 26.44 -31.24 31.50
C GLU D 127 26.45 -32.39 30.49
N GLN D 128 26.76 -32.10 29.23
CA GLN D 128 26.78 -33.18 28.24
C GLN D 128 27.81 -34.24 28.62
N LEU D 129 28.93 -33.81 29.19
CA LEU D 129 29.96 -34.74 29.64
C LEU D 129 29.45 -35.67 30.74
N LYS D 130 28.40 -35.27 31.46
CA LYS D 130 27.75 -36.20 32.39
C LYS D 130 27.26 -37.43 31.65
N SER D 131 26.78 -37.24 30.43
CA SER D 131 26.45 -38.33 29.52
C SER D 131 27.75 -38.86 28.91
N GLY D 132 27.63 -39.85 28.03
CA GLY D 132 28.86 -40.37 27.46
C GLY D 132 29.34 -39.72 26.18
N THR D 133 28.71 -38.62 25.75
CA THR D 133 29.04 -37.98 24.47
C THR D 133 29.46 -36.52 24.67
N ALA D 134 30.40 -36.07 23.84
CA ALA D 134 30.86 -34.69 23.81
C ALA D 134 30.71 -34.18 22.38
N SER D 135 30.05 -33.03 22.25
CA SER D 135 29.89 -32.35 20.98
C SER D 135 30.74 -31.09 21.00
N VAL D 136 31.60 -30.91 20.01
CA VAL D 136 32.41 -29.72 19.83
C VAL D 136 31.90 -29.01 18.60
N VAL D 137 31.66 -27.70 18.69
CA VAL D 137 31.00 -27.00 17.61
C VAL D 137 31.90 -25.90 17.05
N CYS D 138 31.95 -25.80 15.73
CA CYS D 138 32.62 -24.72 15.03
C CYS D 138 31.57 -23.96 14.22
N LEU D 139 31.53 -22.64 14.37
CA LEU D 139 30.58 -21.75 13.72
C LEU D 139 31.31 -20.79 12.78
N LEU D 140 30.83 -20.73 11.54
CA LEU D 140 31.25 -19.78 10.50
C LEU D 140 30.06 -18.85 10.23
N ASN D 141 30.21 -17.58 10.56
CA ASN D 141 29.07 -16.69 10.55
C ASN D 141 29.21 -15.66 9.43
N ASN D 142 28.13 -15.53 8.66
CA ASN D 142 27.89 -14.43 7.73
C ASN D 142 28.99 -14.33 6.66
N PHE D 143 29.03 -15.35 5.81
CA PHE D 143 30.05 -15.41 4.78
C PHE D 143 29.39 -15.59 3.42
N TYR D 144 30.13 -15.16 2.39
CA TYR D 144 29.80 -15.33 1.01
C TYR D 144 31.12 -15.40 0.27
N PRO D 145 31.26 -16.29 -0.72
CA PRO D 145 30.30 -17.29 -1.21
C PRO D 145 30.13 -18.53 -0.30
N ARG D 146 29.26 -19.44 -0.72
CA ARG D 146 28.85 -20.57 0.09
C ARG D 146 29.99 -21.56 0.34
N GLU D 147 30.80 -21.82 -0.67
CA GLU D 147 31.88 -22.80 -0.51
C GLU D 147 32.81 -22.39 0.63
N ALA D 148 33.01 -23.31 1.57
CA ALA D 148 33.94 -23.12 2.67
C ALA D 148 34.43 -24.49 3.10
N LYS D 149 35.69 -24.58 3.52
CA LYS D 149 36.23 -25.83 4.02
C LYS D 149 36.52 -25.70 5.52
N VAL D 150 35.99 -26.63 6.30
CA VAL D 150 36.20 -26.68 7.74
C VAL D 150 36.95 -27.96 8.08
N GLN D 151 38.12 -27.82 8.69
CA GLN D 151 38.94 -28.98 9.08
C GLN D 151 39.07 -29.03 10.59
N TRP D 152 38.70 -30.16 11.19
CA TRP D 152 38.90 -30.34 12.63
C TRP D 152 40.31 -30.88 12.90
N LYS D 153 40.95 -30.33 13.92
CA LYS D 153 42.27 -30.78 14.34
C LYS D 153 42.22 -31.06 15.83
N VAL D 154 42.60 -32.27 16.21
CA VAL D 154 42.64 -32.69 17.61
C VAL D 154 44.08 -33.07 17.93
N ASP D 155 44.67 -32.35 18.89
CA ASP D 155 46.10 -32.46 19.22
C ASP D 155 46.96 -32.34 17.96
N ASN D 156 46.56 -31.42 17.07
CA ASN D 156 47.23 -31.07 15.83
C ASN D 156 47.06 -32.12 14.74
N ALA D 157 46.30 -33.19 15.00
CA ALA D 157 46.00 -34.22 14.02
C ALA D 157 44.65 -33.93 13.35
N LEU D 158 44.65 -33.86 12.01
CA LEU D 158 43.42 -33.65 11.27
C LEU D 158 42.47 -34.83 11.49
N GLN D 159 41.22 -34.54 11.83
CA GLN D 159 40.21 -35.56 12.05
C GLN D 159 39.22 -35.50 10.90
N SER D 160 38.92 -36.66 10.31
CA SER D 160 37.88 -36.74 9.31
C SER D 160 36.99 -37.94 9.62
N GLY D 161 35.73 -37.83 9.22
CA GLY D 161 34.77 -38.91 9.33
C GLY D 161 33.93 -38.90 10.59
N ASN D 162 34.19 -38.00 11.52
CA ASN D 162 33.36 -37.91 12.71
C ASN D 162 32.74 -36.52 12.88
N SER D 163 32.51 -35.78 11.80
CA SER D 163 31.92 -34.44 11.89
C SER D 163 30.79 -34.28 10.86
N GLN D 164 29.84 -33.40 11.17
CA GLN D 164 28.71 -33.15 10.29
C GLN D 164 28.46 -31.66 10.18
N GLU D 165 28.13 -31.19 8.97
CA GLU D 165 27.92 -29.78 8.71
C GLU D 165 26.45 -29.50 8.40
N SER D 166 25.95 -28.36 8.87
CA SER D 166 24.68 -27.85 8.37
C SER D 166 24.78 -26.36 8.12
N VAL D 167 24.12 -25.91 7.06
CA VAL D 167 24.22 -24.55 6.56
C VAL D 167 22.83 -23.92 6.54
N THR D 168 22.74 -22.62 6.85
CA THR D 168 21.49 -21.87 6.73
C THR D 168 21.18 -21.56 5.27
N GLU D 169 19.94 -21.15 5.03
CA GLU D 169 19.55 -20.57 3.76
C GLU D 169 20.18 -19.18 3.62
N GLN D 170 20.46 -18.80 2.37
CA GLN D 170 21.00 -17.47 2.13
C GLN D 170 20.09 -16.41 2.74
N ASP D 171 20.66 -15.54 3.56
CA ASP D 171 19.85 -14.61 4.33
C ASP D 171 19.16 -13.60 3.40
N SER D 172 17.90 -13.31 3.71
CA SER D 172 17.06 -12.52 2.81
C SER D 172 17.45 -11.04 2.76
N LYS D 173 18.26 -10.56 3.70
CA LYS D 173 18.74 -9.17 3.73
C LYS D 173 20.21 -9.01 3.34
N ASP D 174 21.15 -9.70 4.00
CA ASP D 174 22.56 -9.48 3.67
C ASP D 174 23.13 -10.52 2.72
N SER D 175 22.32 -11.50 2.31
CA SER D 175 22.70 -12.47 1.28
C SER D 175 23.92 -13.32 1.68
N THR D 176 24.15 -13.49 2.98
CA THR D 176 25.20 -14.37 3.44
C THR D 176 24.66 -15.72 3.90
N TYR D 177 25.59 -16.65 4.13
CA TYR D 177 25.33 -17.94 4.73
C TYR D 177 25.97 -18.01 6.10
N SER D 178 25.50 -18.94 6.91
CA SER D 178 26.22 -19.31 8.12
C SER D 178 26.24 -20.82 8.20
N LEU D 179 27.29 -21.36 8.82
CA LEU D 179 27.55 -22.80 8.79
C LEU D 179 28.01 -23.27 10.16
N SER D 180 27.47 -24.39 10.60
CA SER D 180 27.96 -25.07 11.79
C SER D 180 28.57 -26.40 11.36
N SER D 181 29.65 -26.76 12.03
CA SER D 181 30.28 -28.07 11.90
C SER D 181 30.38 -28.65 13.29
N THR D 182 29.84 -29.85 13.48
CA THR D 182 29.80 -30.47 14.80
C THR D 182 30.62 -31.75 14.78
N LEU D 183 31.59 -31.83 15.70
CA LEU D 183 32.45 -32.99 15.90
C LEU D 183 31.95 -33.76 17.11
N THR D 184 31.66 -35.05 16.92
CA THR D 184 31.05 -35.86 17.97
C THR D 184 32.04 -36.92 18.43
N LEU D 185 32.30 -36.96 19.74
CA LEU D 185 33.23 -37.94 20.30
C LEU D 185 32.63 -38.53 21.55
N SER D 186 33.07 -39.73 21.89
CA SER D 186 32.74 -40.24 23.20
C SER D 186 33.40 -39.37 24.27
N LYS D 187 32.86 -39.43 25.48
CA LYS D 187 33.47 -38.71 26.58
C LYS D 187 34.92 -39.17 26.77
N ALA D 188 35.16 -40.49 26.72
CA ALA D 188 36.51 -41.02 26.90
C ALA D 188 37.47 -40.43 25.88
N ASP D 189 37.09 -40.48 24.61
CA ASP D 189 37.96 -39.93 23.58
C ASP D 189 38.17 -38.44 23.79
N TYR D 190 37.11 -37.72 24.16
CA TYR D 190 37.24 -36.29 24.42
C TYR D 190 38.30 -36.03 25.48
N GLU D 191 38.27 -36.81 26.57
CA GLU D 191 39.20 -36.67 27.67
C GLU D 191 40.62 -37.09 27.29
N LYS D 192 40.79 -37.91 26.26
CA LYS D 192 42.14 -38.34 25.88
C LYS D 192 43.00 -37.22 25.28
N HIS D 193 42.43 -36.07 24.91
CA HIS D 193 43.16 -35.07 24.13
C HIS D 193 43.05 -33.69 24.75
N LYS D 194 43.99 -32.81 24.39
CA LYS D 194 44.10 -31.47 24.96
C LYS D 194 43.65 -30.35 24.03
N VAL D 195 44.19 -30.24 22.83
CA VAL D 195 43.93 -29.10 21.95
C VAL D 195 42.87 -29.45 20.91
N TYR D 196 41.82 -28.63 20.83
CA TYR D 196 40.74 -28.79 19.89
C TYR D 196 40.68 -27.55 19.02
N ALA D 197 40.67 -27.72 17.70
CA ALA D 197 40.73 -26.56 16.83
C ALA D 197 39.92 -26.83 15.58
N CYS D 198 39.34 -25.78 15.01
CA CYS D 198 38.86 -25.86 13.64
C CYS D 198 39.55 -24.80 12.80
N GLU D 199 39.93 -25.23 11.61
CA GLU D 199 40.62 -24.42 10.62
C GLU D 199 39.70 -24.21 9.43
N VAL D 200 39.51 -22.95 9.05
CA VAL D 200 38.54 -22.57 8.05
C VAL D 200 39.27 -21.97 6.86
N THR D 201 38.99 -22.50 5.69
CA THR D 201 39.47 -21.99 4.41
C THR D 201 38.29 -21.39 3.66
N HIS D 202 38.48 -20.18 3.16
CA HIS D 202 37.41 -19.48 2.48
C HIS D 202 38.02 -18.39 1.60
N GLN D 203 37.35 -18.11 0.48
CA GLN D 203 37.86 -17.12 -0.47
C GLN D 203 38.07 -15.75 0.18
N GLY D 204 37.28 -15.42 1.20
CA GLY D 204 37.40 -14.15 1.88
C GLY D 204 38.57 -14.03 2.84
N LEU D 205 39.31 -15.13 3.05
CA LEU D 205 40.44 -15.15 3.95
C LEU D 205 41.72 -15.33 3.14
N SER D 206 42.69 -14.42 3.35
CA SER D 206 43.95 -14.51 2.59
C SER D 206 44.72 -15.77 2.95
N SER D 207 44.54 -16.30 4.15
CA SER D 207 45.04 -17.61 4.53
C SER D 207 44.10 -18.20 5.59
N PRO D 208 44.15 -19.52 5.81
CA PRO D 208 43.17 -20.16 6.70
C PRO D 208 43.17 -19.59 8.11
N VAL D 209 42.01 -19.62 8.76
CA VAL D 209 41.82 -19.08 10.10
C VAL D 209 41.59 -20.23 11.05
N THR D 210 42.29 -20.23 12.19
CA THR D 210 42.15 -21.31 13.15
C THR D 210 41.66 -20.77 14.48
N LYS D 211 40.60 -21.37 15.00
CA LYS D 211 40.11 -21.09 16.34
C LYS D 211 40.25 -22.36 17.17
N SER D 212 40.74 -22.21 18.40
CA SER D 212 41.09 -23.38 19.19
C SER D 212 40.80 -23.11 20.66
N PHE D 213 40.75 -24.21 21.42
CA PHE D 213 40.72 -24.19 22.88
C PHE D 213 41.48 -25.40 23.40
N ASN D 214 41.86 -25.34 24.67
CA ASN D 214 42.48 -26.45 25.38
C ASN D 214 41.46 -27.00 26.36
N ARG D 215 41.25 -28.31 26.36
CA ARG D 215 40.22 -28.92 27.21
C ARG D 215 40.45 -28.56 28.67
N GLY D 216 39.39 -28.11 29.33
CA GLY D 216 39.49 -27.66 30.71
C GLY D 216 40.03 -26.26 30.90
N GLU D 217 39.98 -25.42 29.86
CA GLU D 217 40.56 -24.07 29.87
C GLU D 217 42.04 -24.10 30.28
N CYS D 218 42.79 -25.01 29.67
CA CYS D 218 44.24 -25.10 29.86
C CYS D 218 45.02 -24.12 28.97
N GLN E 1 10.83 35.03 -3.50
CA GLN E 1 9.63 34.42 -4.06
C GLN E 1 9.66 32.92 -3.82
N VAL E 2 9.35 32.50 -2.60
CA VAL E 2 9.29 31.07 -2.29
C VAL E 2 8.10 30.47 -3.05
N GLN E 3 8.36 29.38 -3.76
CA GLN E 3 7.33 28.73 -4.57
C GLN E 3 7.45 27.21 -4.52
N LEU E 4 6.31 26.54 -4.32
CA LEU E 4 6.20 25.08 -4.48
C LEU E 4 5.17 24.82 -5.57
N GLN E 5 5.57 24.13 -6.63
CA GLN E 5 4.70 23.90 -7.78
C GLN E 5 4.47 22.41 -7.95
N GLN E 6 3.21 22.02 -8.09
CA GLN E 6 2.72 20.67 -8.31
C GLN E 6 1.89 20.63 -9.58
N PRO E 7 1.91 19.51 -10.33
CA PRO E 7 0.97 19.37 -11.45
C PRO E 7 -0.46 19.35 -10.95
N GLY E 8 -1.36 19.91 -11.76
CA GLY E 8 -2.72 20.13 -11.29
C GLY E 8 -3.51 18.85 -11.07
N ALA E 9 -3.52 17.96 -12.06
CA ALA E 9 -4.38 16.79 -11.98
C ALA E 9 -3.70 15.60 -12.61
N GLU E 10 -4.06 14.42 -12.11
CA GLU E 10 -3.62 13.15 -12.67
C GLU E 10 -4.80 12.19 -12.74
N LEU E 11 -4.88 11.46 -13.84
CA LEU E 11 -5.83 10.36 -14.00
C LEU E 11 -5.02 9.07 -14.05
N VAL E 12 -5.31 8.14 -13.13
CA VAL E 12 -4.53 6.91 -13.02
C VAL E 12 -5.48 5.73 -12.85
N LYS E 13 -5.13 4.58 -13.46
CA LYS E 13 -6.00 3.42 -13.43
C LYS E 13 -5.91 2.73 -12.07
N PRO E 14 -6.99 2.11 -11.63
CA PRO E 14 -6.97 1.43 -10.32
C PRO E 14 -5.97 0.28 -10.31
N GLY E 15 -5.29 0.12 -9.18
CA GLY E 15 -4.25 -0.89 -9.05
C GLY E 15 -2.92 -0.49 -9.63
N ALA E 16 -2.86 0.62 -10.38
CA ALA E 16 -1.60 1.13 -10.87
C ALA E 16 -0.98 2.05 -9.83
N SER E 17 0.09 2.74 -10.21
CA SER E 17 0.85 3.62 -9.35
C SER E 17 0.89 5.01 -9.98
N VAL E 18 1.16 6.01 -9.14
CA VAL E 18 1.32 7.37 -9.64
C VAL E 18 2.47 8.02 -8.90
N LYS E 19 3.26 8.81 -9.61
CA LYS E 19 4.35 9.57 -9.02
C LYS E 19 4.11 11.05 -9.29
N MET E 20 4.09 11.86 -8.22
CA MET E 20 3.78 13.28 -8.29
C MET E 20 4.98 14.09 -7.83
N SER E 21 5.14 15.26 -8.45
CA SER E 21 6.28 16.12 -8.22
C SER E 21 5.86 17.40 -7.50
N CYS E 22 6.84 17.99 -6.82
CA CYS E 22 6.71 19.22 -6.06
C CYS E 22 8.03 19.98 -6.27
N LYS E 23 8.01 20.93 -7.18
CA LYS E 23 9.19 21.67 -7.61
C LYS E 23 9.34 22.91 -6.73
N ALA E 24 10.46 23.00 -6.01
CA ALA E 24 10.69 24.11 -5.09
C ALA E 24 11.61 25.15 -5.73
N SER E 25 11.35 26.42 -5.43
CA SER E 25 12.19 27.51 -5.91
C SER E 25 12.12 28.67 -4.95
N GLY E 26 13.11 29.55 -5.03
CA GLY E 26 13.15 30.75 -4.21
C GLY E 26 13.75 30.59 -2.84
N TYR E 27 14.30 29.42 -2.51
CA TYR E 27 14.96 29.23 -1.23
C TYR E 27 15.88 28.03 -1.38
N THR E 28 16.67 27.75 -0.34
CA THR E 28 17.62 26.63 -0.37
C THR E 28 16.88 25.34 -0.04
N PHE E 29 16.65 24.53 -1.08
CA PHE E 29 15.76 23.38 -1.01
C PHE E 29 16.15 22.42 0.10
N ILE E 30 17.45 22.18 0.30
CA ILE E 30 17.89 21.16 1.25
C ILE E 30 17.86 21.58 2.71
N THR E 31 17.44 22.82 3.04
CA THR E 31 17.38 23.23 4.45
C THR E 31 15.97 23.27 5.03
N TYR E 32 14.94 22.89 4.26
CA TYR E 32 13.59 22.79 4.81
C TYR E 32 13.01 21.42 4.55
N TRP E 33 12.31 20.89 5.55
CA TRP E 33 11.50 19.68 5.36
C TRP E 33 10.40 19.92 4.35
N ILE E 34 10.09 18.88 3.57
CA ILE E 34 8.92 18.84 2.70
C ILE E 34 7.95 17.84 3.29
N THR E 35 6.69 18.23 3.41
CA THR E 35 5.67 17.35 3.97
C THR E 35 4.55 17.21 2.95
N TRP E 36 3.79 16.12 3.07
CA TRP E 36 2.72 15.80 2.14
C TRP E 36 1.44 15.50 2.92
N VAL E 37 0.33 16.00 2.39
CA VAL E 37 -0.97 15.99 3.07
C VAL E 37 -2.06 15.61 2.08
N LYS E 38 -3.02 14.82 2.54
CA LYS E 38 -4.11 14.29 1.72
C LYS E 38 -5.43 14.96 2.10
N GLN E 39 -6.22 15.34 1.10
CA GLN E 39 -7.54 15.93 1.35
C GLN E 39 -8.56 15.30 0.41
N ARG E 40 -9.40 14.44 0.99
CA ARG E 40 -10.43 13.80 0.20
C ARG E 40 -11.60 14.77 0.00
N PRO E 41 -12.33 14.68 -1.15
CA PRO E 41 -13.30 15.71 -1.53
C PRO E 41 -14.26 16.07 -0.41
N GLY E 42 -14.25 17.30 0.09
CA GLY E 42 -15.17 17.69 1.13
C GLY E 42 -14.76 17.35 2.54
N GLN E 43 -13.55 16.82 2.75
CA GLN E 43 -13.08 16.33 4.04
C GLN E 43 -11.91 17.18 4.51
N GLY E 44 -11.36 16.79 5.65
CA GLY E 44 -10.26 17.50 6.25
C GLY E 44 -8.94 17.00 5.70
N LEU E 45 -7.87 17.33 6.40
CA LEU E 45 -6.53 17.07 5.95
C LEU E 45 -5.98 15.88 6.73
N GLU E 46 -5.14 15.12 6.06
CA GLU E 46 -4.51 13.94 6.65
C GLU E 46 -3.03 13.97 6.31
N TRP E 47 -2.17 13.83 7.32
CA TRP E 47 -0.72 13.86 7.12
C TRP E 47 -0.23 12.53 6.55
N ILE E 48 0.50 12.58 5.43
CA ILE E 48 1.08 11.39 4.81
C ILE E 48 2.50 11.12 5.31
N GLY E 49 3.39 12.11 5.23
CA GLY E 49 4.77 11.93 5.67
C GLY E 49 5.62 13.14 5.34
N ASP E 50 6.88 13.08 5.78
CA ASP E 50 7.85 14.16 5.61
C ASP E 50 9.16 13.61 5.06
N ILE E 51 9.90 14.46 4.35
CA ILE E 51 11.24 14.14 3.88
C ILE E 51 12.15 15.36 4.08
N TYR E 52 13.34 15.12 4.61
CA TYR E 52 14.34 16.19 4.69
C TYR E 52 15.22 16.10 3.46
N PRO E 53 15.18 17.06 2.55
CA PRO E 53 15.91 16.91 1.28
C PRO E 53 17.42 16.78 1.43
N GLY E 54 18.02 17.20 2.55
CA GLY E 54 19.43 16.94 2.69
C GLY E 54 19.69 15.57 3.27
N GLY E 55 19.90 14.58 2.40
CA GLY E 55 20.12 13.21 2.83
C GLY E 55 18.90 12.32 2.73
N GLY E 56 17.70 12.90 2.61
CA GLY E 56 16.50 12.14 2.32
C GLY E 56 15.89 11.35 3.45
N ARG E 57 16.17 11.70 4.70
CA ARG E 57 15.46 11.03 5.78
C ARG E 57 13.95 11.24 5.63
N THR E 58 13.19 10.16 5.78
CA THR E 58 11.74 10.19 5.67
C THR E 58 11.12 9.81 7.00
N ASN E 59 9.91 10.29 7.20
CA ASN E 59 9.07 9.94 8.34
C ASN E 59 7.68 9.72 7.80
N TYR E 60 7.03 8.61 8.12
CA TYR E 60 5.75 8.24 7.51
C TYR E 60 4.66 8.12 8.57
N ASN E 61 3.46 8.58 8.21
CA ASN E 61 2.28 8.18 8.95
C ASN E 61 2.09 6.68 8.80
N GLU E 62 1.86 6.00 9.92
CA GLU E 62 1.74 4.54 9.89
C GLU E 62 0.65 4.09 8.93
N LYS E 63 -0.43 4.87 8.78
CA LYS E 63 -1.49 4.55 7.84
C LYS E 63 -1.01 4.50 6.39
N PHE E 64 0.09 5.18 6.06
CA PHE E 64 0.48 5.34 4.67
C PHE E 64 1.81 4.70 4.29
N LYS E 65 2.48 4.00 5.21
CA LYS E 65 3.80 3.47 4.87
C LYS E 65 3.73 2.40 3.77
N SER E 66 2.60 1.71 3.63
CA SER E 66 2.48 0.77 2.53
C SER E 66 2.05 1.45 1.24
N LYS E 67 1.35 2.59 1.35
CA LYS E 67 0.80 3.26 0.17
C LYS E 67 1.81 4.21 -0.49
N ALA E 68 2.60 4.93 0.30
CA ALA E 68 3.34 6.08 -0.19
C ALA E 68 4.83 5.91 0.01
N THR E 69 5.60 6.42 -0.94
CA THR E 69 7.04 6.49 -0.83
C THR E 69 7.50 7.89 -1.23
N LEU E 70 8.26 8.53 -0.36
CA LEU E 70 8.71 9.90 -0.60
C LEU E 70 10.18 9.88 -1.00
N THR E 71 10.50 10.60 -2.08
CA THR E 71 11.89 10.77 -2.51
C THR E 71 12.13 12.24 -2.85
N VAL E 72 13.40 12.58 -3.06
CA VAL E 72 13.77 13.90 -3.59
C VAL E 72 14.88 13.75 -4.62
N ASP E 73 14.96 14.74 -5.50
CA ASP E 73 16.11 14.92 -6.40
C ASP E 73 16.68 16.30 -6.08
N THR E 74 17.81 16.34 -5.33
CA THR E 74 18.33 17.65 -4.90
C THR E 74 18.86 18.46 -6.07
N SER E 75 19.36 17.81 -7.12
CA SER E 75 19.92 18.58 -8.24
C SER E 75 18.85 19.41 -8.94
N SER E 76 17.60 18.93 -8.97
CA SER E 76 16.48 19.65 -9.57
C SER E 76 15.58 20.37 -8.57
N SER E 77 15.86 20.30 -7.27
CA SER E 77 15.02 20.90 -6.22
C SER E 77 13.57 20.44 -6.33
N THR E 78 13.40 19.13 -6.47
CA THR E 78 12.09 18.52 -6.68
C THR E 78 11.90 17.39 -5.68
N ALA E 79 10.73 17.38 -5.04
CA ALA E 79 10.33 16.30 -4.17
C ALA E 79 9.25 15.49 -4.86
N TYR E 80 9.19 14.20 -4.57
CA TYR E 80 8.25 13.30 -5.23
C TYR E 80 7.54 12.46 -4.19
N MET E 81 6.27 12.19 -4.45
CA MET E 81 5.53 11.16 -3.72
C MET E 81 4.99 10.14 -4.70
N GLN E 82 5.29 8.86 -4.44
CA GLN E 82 4.76 7.75 -5.23
C GLN E 82 3.69 7.06 -4.42
N LEU E 83 2.53 6.85 -5.03
CA LEU E 83 1.42 6.12 -4.43
C LEU E 83 1.24 4.82 -5.19
N ARG E 84 1.11 3.72 -4.45
CA ARG E 84 1.10 2.37 -5.01
C ARG E 84 -0.28 1.74 -4.85
N SER E 85 -0.62 0.87 -5.81
CA SER E 85 -1.83 0.03 -5.82
C SER E 85 -3.08 0.86 -5.50
N LEU E 86 -3.36 1.79 -6.41
CA LEU E 86 -4.36 2.81 -6.15
C LEU E 86 -5.77 2.22 -6.19
N THR E 87 -6.60 2.66 -5.24
CA THR E 87 -8.03 2.39 -5.21
C THR E 87 -8.80 3.71 -5.25
N SER E 88 -10.13 3.60 -5.28
CA SER E 88 -10.95 4.81 -5.32
C SER E 88 -10.80 5.65 -4.07
N GLU E 89 -10.40 5.04 -2.95
CA GLU E 89 -10.18 5.73 -1.67
C GLU E 89 -8.93 6.61 -1.71
N ASP E 90 -8.09 6.45 -2.71
CA ASP E 90 -6.92 7.29 -2.91
C ASP E 90 -7.20 8.45 -3.86
N SER E 91 -8.41 8.53 -4.43
CA SER E 91 -8.79 9.72 -5.19
C SER E 91 -8.93 10.90 -4.24
N ALA E 92 -8.13 11.95 -4.47
CA ALA E 92 -8.04 13.03 -3.49
C ALA E 92 -7.12 14.13 -4.03
N VAL E 93 -7.01 15.25 -3.30
CA VAL E 93 -6.01 16.25 -3.60
C VAL E 93 -4.83 16.01 -2.66
N TYR E 94 -3.64 15.94 -3.24
CA TYR E 94 -2.41 15.77 -2.47
C TYR E 94 -1.61 17.07 -2.53
N TYR E 95 -1.31 17.63 -1.35
CA TYR E 95 -0.55 18.87 -1.19
C TYR E 95 0.86 18.55 -0.71
N CYS E 96 1.83 19.25 -1.27
CA CYS E 96 3.14 19.34 -0.65
C CYS E 96 3.26 20.71 -0.01
N ALA E 97 4.06 20.77 1.05
CA ALA E 97 4.30 22.03 1.74
C ALA E 97 5.65 21.92 2.43
N ARG E 98 6.17 23.04 2.90
CA ARG E 98 7.46 23.02 3.58
C ARG E 98 7.33 23.47 5.03
N TYR E 99 8.21 22.94 5.88
CA TYR E 99 8.35 23.46 7.24
C TYR E 99 9.83 23.45 7.60
N ASP E 100 10.21 24.30 8.56
CA ASP E 100 11.62 24.44 8.88
C ASP E 100 12.08 23.55 10.03
N GLY E 101 11.16 23.02 10.84
CA GLY E 101 11.51 22.06 11.87
C GLY E 101 12.20 22.63 13.10
N ASN E 102 12.23 23.96 13.26
CA ASN E 102 12.97 24.60 14.35
C ASN E 102 12.07 24.68 15.59
N TYR E 103 12.46 23.94 16.64
CA TYR E 103 11.63 23.84 17.83
C TYR E 103 11.41 25.19 18.51
N VAL E 104 12.35 26.13 18.38
CA VAL E 104 12.20 27.45 18.98
C VAL E 104 11.65 28.48 17.99
N GLY E 105 11.25 28.05 16.80
CA GLY E 105 10.66 28.96 15.84
C GLY E 105 9.37 28.42 15.25
N TYR E 106 9.30 28.36 13.92
CA TYR E 106 8.06 27.95 13.26
C TYR E 106 7.74 26.48 13.51
N TYR E 107 8.75 25.65 13.73
CA TYR E 107 8.61 24.23 14.04
C TYR E 107 7.87 23.56 12.89
N TYR E 108 6.70 22.96 13.10
CA TYR E 108 6.01 22.20 12.07
C TYR E 108 5.06 23.06 11.23
N ALA E 109 5.07 24.37 11.40
CA ALA E 109 4.17 25.25 10.67
C ALA E 109 4.44 25.17 9.17
N MET E 110 3.38 25.00 8.40
CA MET E 110 3.49 24.92 6.94
C MET E 110 3.23 26.33 6.39
N ASP E 111 4.33 27.09 6.19
CA ASP E 111 4.16 28.46 5.76
C ASP E 111 3.97 28.57 4.25
N TYR E 112 4.55 27.67 3.47
CA TYR E 112 4.38 27.71 2.02
C TYR E 112 3.88 26.36 1.51
N TRP E 113 2.97 26.42 0.54
CA TRP E 113 2.27 25.23 0.04
C TRP E 113 2.33 25.17 -1.46
N GLY E 114 2.39 23.94 -2.00
CA GLY E 114 1.98 23.75 -3.37
C GLY E 114 0.47 23.82 -3.48
N GLN E 115 -0.05 24.00 -4.69
CA GLN E 115 -1.49 24.15 -4.90
C GLN E 115 -2.20 22.81 -5.09
N GLY E 116 -1.50 21.71 -4.96
CA GLY E 116 -2.13 20.41 -4.89
C GLY E 116 -2.22 19.72 -6.24
N THR E 117 -2.14 18.40 -6.21
CA THR E 117 -2.35 17.55 -7.38
C THR E 117 -3.62 16.75 -7.15
N SER E 118 -4.62 16.93 -7.99
CA SER E 118 -5.88 16.21 -7.82
C SER E 118 -5.79 14.89 -8.58
N VAL E 119 -5.86 13.78 -7.86
CA VAL E 119 -5.72 12.45 -8.40
C VAL E 119 -7.08 11.80 -8.48
N THR E 120 -7.45 11.38 -9.70
CA THR E 120 -8.64 10.58 -9.95
C THR E 120 -8.21 9.16 -10.29
N VAL E 121 -8.76 8.19 -9.55
CA VAL E 121 -8.52 6.78 -9.81
C VAL E 121 -9.75 6.24 -10.52
N SER E 122 -9.62 5.94 -11.81
CA SER E 122 -10.71 5.45 -12.63
C SER E 122 -10.13 4.67 -13.81
N SER E 123 -10.89 3.69 -14.32
CA SER E 123 -10.47 3.02 -15.54
C SER E 123 -11.07 3.64 -16.79
N ALA E 124 -11.95 4.64 -16.66
CA ALA E 124 -12.63 5.22 -17.82
C ALA E 124 -11.66 6.00 -18.70
N SER E 125 -12.04 6.13 -19.97
CA SER E 125 -11.17 6.80 -20.92
C SER E 125 -11.36 8.32 -20.86
N THR E 126 -10.34 9.03 -21.35
CA THR E 126 -10.35 10.48 -21.38
C THR E 126 -11.27 10.97 -22.48
N LYS E 127 -12.13 11.94 -22.18
CA LYS E 127 -13.08 12.44 -23.16
C LYS E 127 -13.19 13.95 -23.05
N GLY E 128 -12.92 14.65 -24.16
CA GLY E 128 -13.04 16.07 -24.25
C GLY E 128 -14.50 16.50 -24.27
N PRO E 129 -14.78 17.73 -23.82
CA PRO E 129 -16.17 18.17 -23.68
C PRO E 129 -16.81 18.61 -24.99
N SER E 130 -18.14 18.63 -24.95
CA SER E 130 -18.96 19.27 -25.96
C SER E 130 -19.43 20.59 -25.37
N VAL E 131 -19.30 21.66 -26.14
CA VAL E 131 -19.61 23.00 -25.64
C VAL E 131 -20.79 23.54 -26.43
N PHE E 132 -21.86 23.88 -25.72
CA PHE E 132 -23.08 24.36 -26.32
C PHE E 132 -23.41 25.75 -25.80
N PRO E 133 -23.99 26.61 -26.62
CA PRO E 133 -24.33 27.96 -26.14
C PRO E 133 -25.58 27.98 -25.27
N LEU E 134 -25.54 28.79 -24.22
CA LEU E 134 -26.72 29.19 -23.45
C LEU E 134 -27.00 30.62 -23.93
N ALA E 135 -27.84 30.74 -24.95
CA ALA E 135 -28.01 31.96 -25.72
C ALA E 135 -28.82 33.00 -24.94
N PRO E 136 -28.41 34.27 -24.97
CA PRO E 136 -29.20 35.32 -24.30
C PRO E 136 -30.58 35.42 -24.92
N SER E 137 -31.54 35.76 -24.09
CA SER E 137 -32.93 35.87 -24.51
C SER E 137 -33.21 37.22 -25.17
N SER E 138 -34.12 37.19 -26.15
CA SER E 138 -34.52 38.41 -26.85
C SER E 138 -35.24 39.39 -25.92
N LYS E 139 -36.02 38.91 -24.95
CA LYS E 139 -36.55 39.79 -23.93
C LYS E 139 -35.41 40.48 -23.21
N SER E 140 -35.59 41.78 -22.95
CA SER E 140 -34.48 42.64 -22.56
C SER E 140 -34.63 43.14 -21.13
N THR E 141 -33.49 43.21 -20.45
CA THR E 141 -33.37 43.75 -19.08
C THR E 141 -34.26 43.02 -18.07
N SER E 142 -34.14 41.69 -17.99
CA SER E 142 -34.70 40.98 -16.85
C SER E 142 -33.65 40.98 -15.74
N GLY E 143 -34.02 41.46 -14.55
CA GLY E 143 -33.01 41.73 -13.55
C GLY E 143 -32.19 42.97 -13.86
N GLY E 144 -32.54 43.71 -14.93
CA GLY E 144 -31.80 44.82 -15.51
C GLY E 144 -30.69 44.45 -16.50
N THR E 145 -30.28 43.18 -16.57
CA THR E 145 -29.18 42.74 -17.41
C THR E 145 -29.61 41.48 -18.17
N ALA E 146 -28.94 41.20 -19.28
CA ALA E 146 -29.07 39.92 -19.94
C ALA E 146 -28.09 38.90 -19.34
N ALA E 147 -28.39 37.61 -19.54
CA ALA E 147 -27.48 36.55 -19.13
C ALA E 147 -27.20 35.65 -20.33
N LEU E 148 -25.98 35.13 -20.38
CA LEU E 148 -25.61 34.18 -21.43
C LEU E 148 -24.56 33.25 -20.85
N GLY E 149 -24.21 32.20 -21.58
CA GLY E 149 -23.29 31.24 -21.02
C GLY E 149 -22.89 30.14 -21.98
N CYS E 150 -22.18 29.16 -21.42
CA CYS E 150 -21.73 27.97 -22.10
C CYS E 150 -22.07 26.77 -21.23
N LEU E 151 -22.63 25.73 -21.86
CA LEU E 151 -22.83 24.43 -21.23
C LEU E 151 -21.72 23.49 -21.72
N VAL E 152 -20.89 23.04 -20.79
CA VAL E 152 -19.75 22.17 -21.05
C VAL E 152 -20.13 20.78 -20.55
N LYS E 153 -20.30 19.83 -21.48
CA LYS E 153 -20.97 18.58 -21.16
C LYS E 153 -20.14 17.39 -21.61
N ASP E 154 -20.25 16.30 -20.85
CA ASP E 154 -19.80 14.97 -21.26
C ASP E 154 -18.29 14.93 -21.46
N TYR E 155 -17.57 15.28 -20.40
CA TYR E 155 -16.12 15.25 -20.37
C TYR E 155 -15.65 14.42 -19.18
N PHE E 156 -14.44 13.88 -19.32
CA PHE E 156 -13.79 13.12 -18.26
C PHE E 156 -12.27 13.14 -18.46
N PRO E 157 -11.48 13.20 -17.38
CA PRO E 157 -11.88 13.48 -16.01
C PRO E 157 -11.89 15.00 -15.77
N GLU E 158 -12.12 15.43 -14.53
CA GLU E 158 -11.90 16.83 -14.18
C GLU E 158 -10.40 17.11 -14.25
N PRO E 159 -9.99 18.38 -14.47
CA PRO E 159 -10.86 19.55 -14.55
C PRO E 159 -11.03 20.16 -15.94
N VAL E 160 -11.98 21.05 -16.03
CA VAL E 160 -12.13 21.92 -17.18
C VAL E 160 -12.00 23.34 -16.62
N THR E 161 -11.42 24.24 -17.41
CA THR E 161 -11.35 25.65 -17.05
C THR E 161 -12.05 26.47 -18.13
N VAL E 162 -12.75 27.51 -17.70
CA VAL E 162 -13.46 28.38 -18.61
C VAL E 162 -13.06 29.82 -18.34
N SER E 163 -12.83 30.55 -19.42
CA SER E 163 -12.62 31.99 -19.38
C SER E 163 -13.49 32.58 -20.46
N TRP E 164 -13.68 33.88 -20.40
CA TRP E 164 -14.52 34.57 -21.35
C TRP E 164 -13.69 35.63 -22.06
N ASN E 165 -13.75 35.62 -23.39
CA ASN E 165 -13.08 36.65 -24.18
C ASN E 165 -11.57 36.69 -23.85
N SER E 166 -10.99 35.51 -23.66
CA SER E 166 -9.57 35.29 -23.42
C SER E 166 -9.10 35.83 -22.07
N GLY E 167 -10.04 36.07 -21.16
CA GLY E 167 -9.78 36.67 -19.86
C GLY E 167 -10.03 38.15 -19.76
N ALA E 168 -10.54 38.78 -20.81
CA ALA E 168 -10.86 40.20 -20.74
C ALA E 168 -12.20 40.42 -20.05
N LEU E 169 -13.14 39.48 -20.21
CA LEU E 169 -14.42 39.51 -19.49
C LEU E 169 -14.30 38.68 -18.21
N THR E 170 -14.18 39.34 -17.06
CA THR E 170 -14.16 38.65 -15.77
C THR E 170 -15.26 39.06 -14.83
N SER E 171 -15.99 40.14 -15.12
CA SER E 171 -16.97 40.67 -14.18
C SER E 171 -18.33 40.07 -14.47
N GLY E 172 -18.95 39.52 -13.43
CA GLY E 172 -20.23 38.88 -13.61
C GLY E 172 -20.15 37.47 -14.11
N VAL E 173 -18.95 36.89 -14.19
CA VAL E 173 -18.76 35.51 -14.63
C VAL E 173 -18.99 34.59 -13.44
N HIS E 174 -19.81 33.56 -13.63
CA HIS E 174 -19.97 32.51 -12.63
C HIS E 174 -19.74 31.15 -13.30
N THR E 175 -18.74 30.42 -12.82
CA THR E 175 -18.44 29.09 -13.32
C THR E 175 -18.80 28.09 -12.23
N PHE E 176 -19.84 27.28 -12.49
CA PHE E 176 -20.38 26.38 -11.48
C PHE E 176 -19.45 25.18 -11.30
N PRO E 177 -19.44 24.58 -10.12
CA PRO E 177 -18.73 23.31 -9.96
C PRO E 177 -19.32 22.27 -10.89
N ALA E 178 -18.45 21.37 -11.37
CA ALA E 178 -18.91 20.25 -12.19
C ALA E 178 -19.78 19.32 -11.36
N VAL E 179 -20.77 18.74 -12.04
CA VAL E 179 -21.63 17.69 -11.49
C VAL E 179 -21.31 16.37 -12.19
N LEU E 180 -21.17 15.30 -11.41
CA LEU E 180 -21.00 13.97 -11.98
C LEU E 180 -22.37 13.39 -12.36
N GLN E 181 -22.59 13.15 -13.64
CA GLN E 181 -23.86 12.62 -14.10
C GLN E 181 -23.92 11.11 -13.92
N SER E 182 -25.11 10.53 -14.09
CA SER E 182 -25.24 9.09 -13.97
C SER E 182 -24.43 8.38 -15.05
N SER E 183 -24.17 9.04 -16.17
CA SER E 183 -23.36 8.48 -17.23
C SER E 183 -21.90 8.29 -16.83
N GLY E 184 -21.46 8.80 -15.69
CA GLY E 184 -20.06 8.78 -15.34
C GLY E 184 -19.24 9.88 -15.97
N LEU E 185 -19.87 10.78 -16.72
CA LEU E 185 -19.20 11.93 -17.30
C LEU E 185 -19.60 13.19 -16.53
N TYR E 186 -18.74 14.21 -16.61
CA TYR E 186 -18.93 15.46 -15.90
C TYR E 186 -19.62 16.47 -16.80
N SER E 187 -20.34 17.38 -16.15
CA SER E 187 -20.99 18.49 -16.81
C SER E 187 -20.88 19.72 -15.92
N LEU E 188 -20.88 20.88 -16.57
CA LEU E 188 -20.58 22.17 -15.98
C LEU E 188 -21.22 23.26 -16.83
N SER E 189 -21.65 24.33 -16.19
CA SER E 189 -22.06 25.53 -16.90
C SER E 189 -21.22 26.70 -16.44
N SER E 190 -20.96 27.63 -17.36
CA SER E 190 -20.34 28.92 -17.06
C SER E 190 -21.23 30.02 -17.63
N VAL E 191 -21.60 30.99 -16.80
CA VAL E 191 -22.52 32.05 -17.22
C VAL E 191 -21.91 33.42 -16.92
N VAL E 192 -22.39 34.43 -17.65
CA VAL E 192 -22.02 35.82 -17.42
C VAL E 192 -23.23 36.70 -17.69
N THR E 193 -23.47 37.68 -16.80
CA THR E 193 -24.49 38.71 -17.02
C THR E 193 -23.87 39.93 -17.69
N VAL E 194 -24.47 40.39 -18.77
CA VAL E 194 -23.97 41.50 -19.57
C VAL E 194 -25.09 42.50 -19.79
N PRO E 195 -24.77 43.74 -20.18
CA PRO E 195 -25.82 44.69 -20.56
C PRO E 195 -26.64 44.20 -21.74
N SER E 196 -27.96 44.33 -21.63
CA SER E 196 -28.84 43.89 -22.71
C SER E 196 -28.57 44.63 -24.01
N SER E 197 -28.16 45.90 -23.93
CA SER E 197 -27.84 46.68 -25.12
C SER E 197 -26.62 46.12 -25.85
N SER E 198 -25.60 45.69 -25.10
CA SER E 198 -24.35 45.21 -25.70
C SER E 198 -24.51 43.90 -26.46
N LEU E 199 -25.71 43.34 -26.54
CA LEU E 199 -25.90 42.05 -27.19
C LEU E 199 -25.55 42.12 -28.68
N GLY E 200 -25.91 43.22 -29.32
CA GLY E 200 -25.53 43.46 -30.71
C GLY E 200 -24.09 43.91 -30.90
N THR E 201 -23.63 44.81 -30.02
CA THR E 201 -22.34 45.47 -30.22
C THR E 201 -21.14 44.57 -29.87
N GLN E 202 -21.26 43.74 -28.84
CA GLN E 202 -20.13 43.00 -28.30
C GLN E 202 -20.25 41.50 -28.57
N THR E 203 -19.13 40.87 -28.95
CA THR E 203 -19.08 39.43 -29.14
C THR E 203 -18.60 38.79 -27.85
N TYR E 204 -19.24 37.68 -27.48
CA TYR E 204 -18.90 36.93 -26.28
C TYR E 204 -18.46 35.53 -26.69
N ILE E 205 -17.31 35.12 -26.21
CA ILE E 205 -16.69 33.86 -26.59
C ILE E 205 -16.25 33.18 -25.30
N CYS E 206 -16.75 31.98 -25.06
CA CYS E 206 -16.23 31.23 -23.93
C CYS E 206 -15.07 30.37 -24.39
N ASN E 207 -14.00 30.34 -23.61
CA ASN E 207 -12.81 29.59 -23.94
C ASN E 207 -12.76 28.46 -22.93
N VAL E 208 -12.91 27.24 -23.41
CA VAL E 208 -12.99 26.06 -22.58
C VAL E 208 -11.70 25.29 -22.80
N ASN E 209 -11.05 24.89 -21.72
CA ASN E 209 -9.79 24.18 -21.84
C ASN E 209 -9.91 22.89 -21.04
N HIS E 210 -9.68 21.75 -21.70
CA HIS E 210 -9.69 20.45 -21.06
C HIS E 210 -8.32 19.84 -21.28
N LYS E 211 -7.39 20.17 -20.39
CA LYS E 211 -6.02 19.67 -20.51
C LYS E 211 -5.94 18.15 -20.52
N PRO E 212 -6.69 17.39 -19.71
CA PRO E 212 -6.53 15.92 -19.76
C PRO E 212 -6.69 15.33 -21.15
N SER E 213 -7.58 15.89 -21.99
CA SER E 213 -7.72 15.45 -23.37
C SER E 213 -7.06 16.37 -24.38
N ASN E 214 -6.30 17.37 -23.91
CA ASN E 214 -5.64 18.34 -24.79
C ASN E 214 -6.64 18.96 -25.76
N THR E 215 -7.76 19.39 -25.21
CA THR E 215 -8.81 20.02 -25.99
C THR E 215 -8.99 21.46 -25.59
N LYS E 216 -9.15 22.33 -26.59
CA LYS E 216 -9.46 23.74 -26.37
C LYS E 216 -10.57 24.08 -27.34
N VAL E 217 -11.68 24.58 -26.79
CA VAL E 217 -12.82 24.99 -27.57
C VAL E 217 -13.06 26.46 -27.28
N ASP E 218 -13.19 27.26 -28.32
CA ASP E 218 -13.60 28.64 -28.23
C ASP E 218 -14.96 28.67 -28.90
N LYS E 219 -16.01 28.95 -28.14
CA LYS E 219 -17.37 28.92 -28.66
C LYS E 219 -17.95 30.32 -28.54
N ARG E 220 -18.24 30.93 -29.69
CA ARG E 220 -19.00 32.17 -29.71
C ARG E 220 -20.45 31.90 -29.30
N VAL E 221 -21.00 32.81 -28.52
CA VAL E 221 -22.37 32.73 -28.01
C VAL E 221 -23.11 33.96 -28.49
N GLU E 222 -24.17 33.72 -29.24
CA GLU E 222 -24.97 34.69 -29.97
C GLU E 222 -26.44 34.56 -29.62
N PRO E 223 -27.20 35.65 -29.70
CA PRO E 223 -28.65 35.50 -29.58
C PRO E 223 -29.19 34.64 -30.73
N LYS E 224 -30.17 33.79 -30.41
CA LYS E 224 -30.77 32.94 -31.44
C LYS E 224 -31.54 33.76 -32.47
N SER E 225 -31.51 33.32 -33.71
CA SER E 225 -32.29 33.93 -34.80
C SER E 225 -31.90 35.39 -35.02
N ASP F 1 -3.00 8.39 18.71
CA ASP F 1 -3.30 9.42 17.73
C ASP F 1 -4.22 10.46 18.36
N ILE F 2 -3.75 11.70 18.46
CA ILE F 2 -4.57 12.79 18.99
C ILE F 2 -5.69 13.12 18.01
N VAL F 3 -6.91 13.17 18.50
CA VAL F 3 -8.05 13.56 17.70
C VAL F 3 -8.42 15.00 18.02
N LEU F 4 -8.55 15.82 16.98
CA LEU F 4 -8.94 17.20 17.13
C LEU F 4 -10.36 17.36 16.61
N THR F 5 -11.22 17.99 17.41
CA THR F 5 -12.62 18.14 17.07
C THR F 5 -12.93 19.62 17.00
N GLN F 6 -13.42 20.07 15.85
CA GLN F 6 -13.74 21.47 15.63
C GLN F 6 -15.23 21.68 15.71
N SER F 7 -15.64 22.67 16.48
CA SER F 7 -17.01 23.16 16.53
C SER F 7 -17.02 24.68 16.44
N PRO F 8 -18.04 25.28 15.79
CA PRO F 8 -19.12 24.56 15.10
C PRO F 8 -18.63 23.98 13.79
N VAL F 9 -19.36 23.02 13.22
CA VAL F 9 -19.01 22.53 11.88
C VAL F 9 -19.18 23.63 10.85
N SER F 10 -20.20 24.47 11.02
CA SER F 10 -20.47 25.58 10.12
C SER F 10 -20.87 26.79 10.97
N LEU F 11 -20.69 27.97 10.41
CA LEU F 11 -20.90 29.18 11.19
C LEU F 11 -21.22 30.33 10.23
N ALA F 12 -22.24 31.10 10.58
CA ALA F 12 -22.62 32.28 9.82
C ALA F 12 -22.43 33.51 10.72
N VAL F 13 -21.77 34.53 10.18
CA VAL F 13 -21.44 35.75 10.92
C VAL F 13 -21.61 36.95 9.98
N SER F 14 -22.14 38.06 10.52
CA SER F 14 -22.32 39.29 9.77
C SER F 14 -20.99 40.06 9.68
N LEU F 15 -20.89 40.94 8.68
CA LEU F 15 -19.69 41.77 8.56
C LEU F 15 -19.55 42.65 9.78
N GLY F 16 -18.32 42.75 10.29
CA GLY F 16 -18.04 43.49 11.48
C GLY F 16 -18.21 42.72 12.76
N GLN F 17 -18.91 41.59 12.73
CA GLN F 17 -19.12 40.83 13.93
C GLN F 17 -17.93 39.89 14.19
N ARG F 18 -18.06 39.09 15.25
CA ARG F 18 -17.00 38.22 15.72
C ARG F 18 -17.31 36.77 15.39
N ALA F 19 -16.30 36.05 14.89
CA ALA F 19 -16.40 34.61 14.67
C ALA F 19 -15.43 33.91 15.61
N THR F 20 -15.91 32.93 16.37
CA THR F 20 -15.04 32.15 17.24
C THR F 20 -15.21 30.68 16.88
N ILE F 21 -14.09 30.05 16.53
CA ILE F 21 -14.02 28.65 16.12
C ILE F 21 -13.21 27.91 17.17
N SER F 22 -13.70 26.76 17.62
CA SER F 22 -13.03 26.06 18.69
C SER F 22 -12.46 24.74 18.18
N CYS F 23 -11.33 24.37 18.77
CA CYS F 23 -10.62 23.12 18.52
C CYS F 23 -10.40 22.44 19.86
N ARG F 24 -10.87 21.19 19.98
CA ARG F 24 -10.72 20.41 21.19
C ARG F 24 -9.82 19.21 20.93
N ALA F 25 -8.80 19.03 21.76
CA ALA F 25 -7.83 17.96 21.56
C ALA F 25 -8.11 16.83 22.53
N SER F 26 -8.05 15.60 22.01
CA SER F 26 -8.28 14.43 22.85
C SER F 26 -7.21 14.28 23.92
N GLU F 27 -6.06 14.94 23.75
CA GLU F 27 -5.02 14.97 24.76
C GLU F 27 -4.39 16.35 24.80
N SER F 28 -3.73 16.67 25.91
CA SER F 28 -3.06 17.95 26.02
C SER F 28 -1.97 18.08 24.97
N VAL F 29 -1.91 19.26 24.34
CA VAL F 29 -0.85 19.60 23.41
C VAL F 29 0.16 20.58 24.03
N ASP F 30 0.12 20.75 25.35
CA ASP F 30 1.06 21.64 26.02
C ASP F 30 2.36 20.94 26.36
N PHE F 31 3.46 21.57 25.95
CA PHE F 31 4.81 21.05 26.19
C PHE F 31 5.67 22.22 26.66
N TYR F 32 6.02 22.22 27.95
CA TYR F 32 6.94 23.21 28.52
C TYR F 32 6.54 24.64 28.15
N GLY F 33 5.27 24.95 28.34
CA GLY F 33 4.75 26.28 28.12
C GLY F 33 4.28 26.56 26.72
N ASN F 34 4.57 25.68 25.77
CA ASN F 34 4.16 25.84 24.39
C ASN F 34 2.94 25.00 24.10
N SER F 35 2.00 25.57 23.37
CA SER F 35 0.86 24.85 22.83
C SER F 35 1.12 24.70 21.34
N PHE F 36 1.35 23.46 20.89
CA PHE F 36 1.71 23.22 19.50
C PHE F 36 0.45 23.03 18.66
N ILE F 37 -0.24 24.15 18.46
CA ILE F 37 -1.48 24.23 17.69
C ILE F 37 -1.23 25.23 16.58
N TYR F 38 -1.70 24.90 15.38
CA TYR F 38 -1.60 25.77 14.22
C TYR F 38 -2.98 25.93 13.61
N TRP F 39 -3.24 27.10 13.05
CA TRP F 39 -4.50 27.39 12.38
C TRP F 39 -4.22 27.75 10.92
N TYR F 40 -5.04 27.19 10.02
CA TYR F 40 -4.94 27.44 8.60
C TYR F 40 -6.30 27.85 8.04
N GLN F 41 -6.27 28.64 6.97
CA GLN F 41 -7.48 29.09 6.27
C GLN F 41 -7.44 28.58 4.84
N GLN F 42 -8.49 27.90 4.42
CA GLN F 42 -8.54 27.37 3.06
C GLN F 42 -9.76 27.90 2.34
N LYS F 43 -9.52 28.74 1.37
CA LYS F 43 -10.52 29.15 0.41
C LYS F 43 -10.72 28.04 -0.61
N PRO F 44 -11.91 27.94 -1.21
CA PRO F 44 -12.20 26.81 -2.10
C PRO F 44 -11.26 26.75 -3.30
N GLY F 45 -10.80 25.54 -3.62
CA GLY F 45 -9.91 25.33 -4.76
C GLY F 45 -8.46 25.75 -4.55
N GLN F 46 -8.06 26.08 -3.33
CA GLN F 46 -6.73 26.61 -3.07
C GLN F 46 -6.08 25.81 -1.95
N ALA F 47 -4.75 25.93 -1.85
CA ALA F 47 -4.06 25.34 -0.73
C ALA F 47 -4.44 26.07 0.55
N PRO F 48 -4.38 25.40 1.69
CA PRO F 48 -4.53 26.09 2.96
C PRO F 48 -3.46 27.16 3.13
N LYS F 49 -3.78 28.17 3.94
CA LYS F 49 -2.88 29.28 4.22
C LYS F 49 -2.65 29.37 5.73
N LEU F 50 -1.38 29.44 6.12
CA LEU F 50 -1.05 29.49 7.54
C LEU F 50 -1.51 30.82 8.16
N LEU F 51 -2.20 30.72 9.29
CA LEU F 51 -2.63 31.92 10.02
C LEU F 51 -1.90 32.10 11.33
N ILE F 52 -1.87 31.05 12.16
CA ILE F 52 -1.42 31.09 13.54
C ILE F 52 -0.52 29.88 13.75
N TYR F 53 0.57 30.08 14.47
CA TYR F 53 1.42 28.98 14.90
C TYR F 53 1.65 29.10 16.41
N ARG F 54 1.91 27.96 17.06
CA ARG F 54 2.14 27.95 18.51
C ARG F 54 0.97 28.59 19.27
N ALA F 55 -0.22 28.37 18.71
CA ALA F 55 -1.55 28.65 19.27
C ALA F 55 -1.93 30.12 19.36
N SER F 56 -0.97 31.03 19.38
CA SER F 56 -1.30 32.44 19.50
C SER F 56 -0.44 33.37 18.66
N ASN F 57 0.57 32.86 17.95
CA ASN F 57 1.50 33.71 17.24
C ASN F 57 1.03 33.89 15.80
N LEU F 58 0.87 35.13 15.41
CA LEU F 58 0.35 35.47 14.10
C LEU F 58 1.45 35.35 13.06
N GLU F 59 1.16 34.63 11.97
CA GLU F 59 2.12 34.56 10.87
C GLU F 59 2.23 35.94 10.23
N SER F 60 3.44 36.29 9.79
CA SER F 60 3.63 37.61 9.19
C SER F 60 2.77 37.74 7.94
N GLY F 61 2.20 38.92 7.75
CA GLY F 61 1.30 39.17 6.66
C GLY F 61 -0.16 38.87 6.97
N ILE F 62 -0.45 38.28 8.13
CA ILE F 62 -1.84 37.97 8.47
C ILE F 62 -2.41 39.10 9.33
N PRO F 63 -3.59 39.64 8.97
CA PRO F 63 -4.15 40.76 9.75
C PRO F 63 -4.42 40.39 11.20
N ALA F 64 -4.31 41.39 12.08
CA ALA F 64 -4.55 41.19 13.50
C ALA F 64 -6.03 40.93 13.82
N ARG F 65 -6.93 41.05 12.84
CA ARG F 65 -8.30 40.58 13.03
C ARG F 65 -8.34 39.11 13.43
N PHE F 66 -7.34 38.33 13.02
CA PHE F 66 -7.20 36.94 13.46
C PHE F 66 -6.41 36.87 14.77
N SER F 67 -6.90 36.07 15.72
CA SER F 67 -6.21 35.87 16.99
C SER F 67 -6.41 34.44 17.45
N GLY F 68 -5.41 33.89 18.11
CA GLY F 68 -5.48 32.52 18.60
C GLY F 68 -5.32 32.50 20.11
N SER F 69 -6.09 31.65 20.77
CA SER F 69 -5.96 31.51 22.21
C SER F 69 -6.31 30.09 22.65
N GLY F 70 -6.13 29.82 23.94
CA GLY F 70 -6.44 28.53 24.51
C GLY F 70 -5.21 27.89 25.13
N SER F 71 -5.45 26.76 25.77
CA SER F 71 -4.37 25.95 26.35
C SER F 71 -4.85 24.53 26.56
N ARG F 72 -3.87 23.62 26.67
CA ARG F 72 -4.13 22.21 26.94
C ARG F 72 -5.04 21.60 25.90
N THR F 73 -6.28 21.29 26.27
CA THR F 73 -7.22 20.67 25.33
C THR F 73 -8.08 21.64 24.54
N ASP F 74 -8.26 22.90 24.95
CA ASP F 74 -9.24 23.77 24.28
C ASP F 74 -8.54 24.97 23.67
N PHE F 75 -8.81 25.20 22.38
CA PHE F 75 -8.17 26.27 21.62
C PHE F 75 -9.23 26.96 20.77
N THR F 76 -8.96 28.21 20.43
CA THR F 76 -9.92 29.05 19.75
C THR F 76 -9.21 29.93 18.74
N LEU F 77 -9.79 30.02 17.56
CA LEU F 77 -9.44 31.02 16.57
C LEU F 77 -10.56 32.05 16.57
N THR F 78 -10.20 33.32 16.65
CA THR F 78 -11.17 34.41 16.69
C THR F 78 -10.89 35.32 15.51
N ILE F 79 -11.95 35.68 14.79
CA ILE F 79 -11.89 36.65 13.72
C ILE F 79 -12.77 37.81 14.12
N HIS F 80 -12.16 38.96 14.40
CA HIS F 80 -12.89 40.16 14.76
C HIS F 80 -12.07 41.36 14.27
N PRO F 81 -12.63 42.22 13.40
CA PRO F 81 -13.92 42.08 12.70
C PRO F 81 -13.92 41.11 11.51
N VAL F 82 -15.02 40.37 11.32
CA VAL F 82 -15.15 39.52 10.15
C VAL F 82 -15.42 40.35 8.91
N GLU F 83 -14.78 39.98 7.81
CA GLU F 83 -14.91 40.66 6.53
C GLU F 83 -15.40 39.68 5.48
N ALA F 84 -15.75 40.22 4.30
CA ALA F 84 -16.37 39.43 3.24
C ALA F 84 -15.44 38.34 2.71
N ASP F 85 -14.15 38.65 2.56
CA ASP F 85 -13.19 37.70 2.01
C ASP F 85 -12.71 36.65 3.02
N ASP F 86 -13.32 36.58 4.22
CA ASP F 86 -13.03 35.53 5.17
C ASP F 86 -13.81 34.25 4.87
N VAL F 87 -14.63 34.23 3.83
CA VAL F 87 -15.29 33.00 3.42
C VAL F 87 -14.23 31.94 3.15
N ALA F 88 -14.23 30.87 3.95
CA ALA F 88 -13.26 29.79 3.85
C ALA F 88 -13.61 28.73 4.89
N THR F 89 -12.90 27.61 4.80
CA THR F 89 -12.91 26.61 5.87
C THR F 89 -11.64 26.78 6.68
N TYR F 90 -11.75 26.62 7.99
CA TYR F 90 -10.65 26.86 8.92
C TYR F 90 -10.30 25.54 9.61
N TYR F 91 -9.00 25.23 9.66
CA TYR F 91 -8.51 23.97 10.18
C TYR F 91 -7.51 24.19 11.31
N CYS F 92 -7.62 23.38 12.36
CA CYS F 92 -6.56 23.34 13.35
C CYS F 92 -5.70 22.10 13.15
N GLN F 93 -4.45 22.20 13.59
CA GLN F 93 -3.47 21.12 13.49
C GLN F 93 -2.70 21.05 14.79
N GLN F 94 -2.38 19.84 15.23
CA GLN F 94 -1.50 19.64 16.38
C GLN F 94 -0.19 19.02 15.91
N SER F 95 0.89 19.38 16.62
CA SER F 95 2.19 18.79 16.33
C SER F 95 2.94 18.44 17.62
N ILE F 96 2.22 18.15 18.71
CA ILE F 96 2.91 17.73 19.92
C ILE F 96 3.39 16.29 19.78
N GLU F 97 2.71 15.48 18.98
CA GLU F 97 3.11 14.09 18.78
C GLU F 97 2.79 13.65 17.36
N ASP F 98 3.48 12.74 16.93
CA ASP F 98 3.15 12.14 15.65
C ASP F 98 2.20 10.96 15.83
N PRO F 99 1.29 10.71 14.89
CA PRO F 99 1.13 11.48 13.66
C PRO F 99 0.51 12.85 13.93
N ARG F 100 0.98 13.87 13.22
CA ARG F 100 0.33 15.16 13.29
C ARG F 100 -1.06 15.03 12.68
N THR F 101 -2.04 15.60 13.34
CA THR F 101 -3.41 15.45 12.91
C THR F 101 -4.07 16.80 12.82
N PHE F 102 -5.13 16.84 12.02
CA PHE F 102 -5.91 18.03 11.75
C PHE F 102 -7.34 17.81 12.23
N GLY F 103 -8.02 18.94 12.54
CA GLY F 103 -9.42 18.90 12.79
C GLY F 103 -10.19 18.80 11.48
N GLY F 104 -11.49 18.50 11.60
CA GLY F 104 -12.36 18.30 10.45
C GLY F 104 -12.72 19.56 9.69
N GLY F 105 -12.50 20.73 10.29
CA GLY F 105 -12.75 21.97 9.59
C GLY F 105 -14.01 22.67 10.08
N THR F 106 -13.99 24.01 10.01
CA THR F 106 -15.16 24.84 10.30
C THR F 106 -15.37 25.76 9.10
N LYS F 107 -16.54 25.66 8.49
CA LYS F 107 -16.84 26.48 7.32
C LYS F 107 -17.51 27.77 7.77
N LEU F 108 -16.96 28.91 7.32
CA LEU F 108 -17.47 30.21 7.69
C LEU F 108 -18.27 30.82 6.55
N GLU F 109 -19.48 31.27 6.86
CA GLU F 109 -20.35 31.93 5.90
C GLU F 109 -20.59 33.36 6.37
N ILE F 110 -20.66 34.29 5.44
CA ILE F 110 -20.94 35.69 5.75
C ILE F 110 -22.45 35.90 5.69
N LYS F 111 -23.04 36.41 6.78
CA LYS F 111 -24.42 36.88 6.75
C LYS F 111 -24.47 38.28 6.18
N ARG F 112 -25.27 38.48 5.14
CA ARG F 112 -25.48 39.79 4.52
C ARG F 112 -26.99 40.01 4.40
N THR F 113 -27.37 41.19 3.87
CA THR F 113 -28.78 41.47 3.66
C THR F 113 -29.36 40.56 2.60
N VAL F 114 -30.66 40.29 2.72
CA VAL F 114 -31.36 39.47 1.74
C VAL F 114 -31.23 40.10 0.36
N ALA F 115 -31.02 39.24 -0.65
CA ALA F 115 -30.95 39.68 -2.05
C ALA F 115 -31.63 38.61 -2.90
N ALA F 116 -32.60 39.05 -3.69
CA ALA F 116 -33.36 38.14 -4.52
C ALA F 116 -32.53 37.66 -5.71
N PRO F 117 -32.72 36.43 -6.16
CA PRO F 117 -32.05 35.97 -7.39
C PRO F 117 -32.60 36.66 -8.62
N SER F 118 -31.74 36.93 -9.59
CA SER F 118 -32.19 37.21 -10.95
C SER F 118 -32.28 35.88 -11.69
N VAL F 119 -33.41 35.63 -12.35
CA VAL F 119 -33.74 34.32 -12.89
C VAL F 119 -33.71 34.39 -14.42
N PHE F 120 -33.03 33.43 -15.04
CA PHE F 120 -32.97 33.30 -16.49
C PHE F 120 -33.18 31.84 -16.85
N ILE F 121 -33.84 31.58 -17.98
CA ILE F 121 -34.01 30.23 -18.49
C ILE F 121 -33.38 30.16 -19.87
N PHE F 122 -32.73 29.04 -20.17
CA PHE F 122 -32.03 28.81 -21.42
C PHE F 122 -32.57 27.54 -22.08
N PRO F 123 -33.10 27.64 -23.30
CA PRO F 123 -33.54 26.43 -24.01
C PRO F 123 -32.34 25.62 -24.46
N PRO F 124 -32.52 24.34 -24.78
CA PRO F 124 -31.40 23.59 -25.36
C PRO F 124 -31.05 24.16 -26.72
N SER F 125 -29.76 24.14 -27.03
CA SER F 125 -29.27 24.58 -28.32
C SER F 125 -29.63 23.55 -29.39
N ASP F 126 -29.70 24.02 -30.63
CA ASP F 126 -29.95 23.08 -31.73
C ASP F 126 -28.79 22.10 -31.89
N GLU F 127 -27.56 22.55 -31.66
CA GLU F 127 -26.42 21.63 -31.75
C GLU F 127 -26.58 20.44 -30.81
N GLN F 128 -26.99 20.69 -29.57
CA GLN F 128 -27.17 19.58 -28.65
C GLN F 128 -28.28 18.63 -29.09
N LEU F 129 -29.38 19.19 -29.63
CA LEU F 129 -30.50 18.35 -30.04
C LEU F 129 -30.10 17.37 -31.13
N LYS F 130 -29.07 17.71 -31.93
CA LYS F 130 -28.54 16.75 -32.89
C LYS F 130 -28.01 15.49 -32.22
N SER F 131 -27.43 15.59 -31.01
CA SER F 131 -26.93 14.41 -30.30
C SER F 131 -28.02 13.56 -29.65
N GLY F 132 -29.28 14.01 -29.62
CA GLY F 132 -30.34 13.23 -29.02
C GLY F 132 -30.64 13.51 -27.56
N THR F 133 -29.96 14.48 -26.94
CA THR F 133 -30.23 14.88 -25.57
C THR F 133 -30.49 16.39 -25.55
N ALA F 134 -31.39 16.80 -24.66
CA ALA F 134 -31.75 18.20 -24.47
C ALA F 134 -31.53 18.59 -23.02
N SER F 135 -30.75 19.64 -22.81
CA SER F 135 -30.51 20.19 -21.49
C SER F 135 -31.17 21.56 -21.42
N VAL F 136 -32.05 21.77 -20.46
CA VAL F 136 -32.70 23.05 -20.23
C VAL F 136 -32.15 23.61 -18.94
N VAL F 137 -31.72 24.88 -18.97
CA VAL F 137 -30.99 25.42 -17.82
C VAL F 137 -31.73 26.60 -17.21
N CYS F 138 -31.81 26.59 -15.88
CA CYS F 138 -32.35 27.69 -15.13
C CYS F 138 -31.24 28.26 -14.23
N LEU F 139 -31.02 29.56 -14.32
CA LEU F 139 -29.97 30.25 -13.60
C LEU F 139 -30.58 31.22 -12.60
N LEU F 140 -30.12 31.12 -11.34
CA LEU F 140 -30.45 32.04 -10.25
C LEU F 140 -29.16 32.77 -9.90
N ASN F 141 -29.13 34.06 -10.15
CA ASN F 141 -27.90 34.81 -10.05
C ASN F 141 -27.94 35.75 -8.87
N ASN F 142 -26.86 35.71 -8.07
CA ASN F 142 -26.52 36.74 -7.06
C ASN F 142 -27.62 36.90 -6.00
N PHE F 143 -27.81 35.83 -5.22
CA PHE F 143 -28.86 35.81 -4.21
C PHE F 143 -28.28 35.44 -2.85
N TYR F 144 -29.00 35.85 -1.80
CA TYR F 144 -28.72 35.53 -0.40
C TYR F 144 -30.07 35.57 0.31
N PRO F 145 -30.31 34.64 1.24
CA PRO F 145 -29.52 33.50 1.68
C PRO F 145 -29.51 32.32 0.69
N ARG F 146 -28.82 31.26 1.10
CA ARG F 146 -28.56 30.11 0.24
C ARG F 146 -29.84 29.35 -0.11
N GLU F 147 -30.76 29.19 0.85
CA GLU F 147 -31.99 28.44 0.61
C GLU F 147 -32.78 29.03 -0.54
N ALA F 148 -33.06 28.20 -1.55
CA ALA F 148 -33.89 28.57 -2.68
C ALA F 148 -34.55 27.30 -3.18
N LYS F 149 -35.72 27.42 -3.78
CA LYS F 149 -36.44 26.29 -4.33
C LYS F 149 -36.62 26.51 -5.83
N VAL F 150 -36.16 25.57 -6.65
CA VAL F 150 -36.34 25.62 -8.10
C VAL F 150 -37.25 24.48 -8.51
N GLN F 151 -38.39 24.81 -9.10
CA GLN F 151 -39.37 23.82 -9.55
C GLN F 151 -39.47 23.89 -11.07
N TRP F 152 -39.23 22.78 -11.75
CA TRP F 152 -39.40 22.71 -13.18
C TRP F 152 -40.84 22.36 -13.53
N LYS F 153 -41.40 23.03 -14.53
CA LYS F 153 -42.74 22.76 -15.03
C LYS F 153 -42.69 22.61 -16.55
N VAL F 154 -43.22 21.49 -17.04
CA VAL F 154 -43.28 21.19 -18.47
C VAL F 154 -44.74 20.99 -18.85
N ASP F 155 -45.24 21.81 -19.79
CA ASP F 155 -46.67 21.85 -20.14
C ASP F 155 -47.52 21.95 -18.88
N ASN F 156 -47.03 22.75 -17.92
CA ASN F 156 -47.64 23.09 -16.64
C ASN F 156 -47.63 21.97 -15.62
N ALA F 157 -47.02 20.83 -15.93
CA ALA F 157 -46.86 19.74 -14.97
C ALA F 157 -45.50 19.86 -14.27
N LEU F 158 -45.53 19.88 -12.94
CA LEU F 158 -44.31 19.88 -12.15
C LEU F 158 -43.53 18.61 -12.45
N GLN F 159 -42.23 18.76 -12.71
CA GLN F 159 -41.36 17.63 -13.00
C GLN F 159 -40.44 17.42 -11.80
N SER F 160 -40.33 16.19 -11.33
CA SER F 160 -39.31 15.91 -10.33
C SER F 160 -38.55 14.64 -10.70
N GLY F 161 -37.27 14.63 -10.31
CA GLY F 161 -36.41 13.47 -10.49
C GLY F 161 -35.52 13.48 -11.71
N ASN F 162 -35.64 14.46 -12.60
CA ASN F 162 -34.79 14.56 -13.78
C ASN F 162 -34.01 15.89 -13.83
N SER F 163 -33.72 16.49 -12.68
CA SER F 163 -32.99 17.75 -12.65
C SER F 163 -31.86 17.69 -11.62
N GLN F 164 -30.82 18.47 -11.86
CA GLN F 164 -29.65 18.51 -10.97
C GLN F 164 -29.25 19.95 -10.73
N GLU F 165 -28.86 20.26 -9.49
CA GLU F 165 -28.50 21.61 -9.12
C GLU F 165 -27.01 21.71 -8.80
N SER F 166 -26.41 22.83 -9.17
CA SER F 166 -25.07 23.17 -8.71
C SER F 166 -25.02 24.63 -8.25
N VAL F 167 -24.27 24.88 -7.17
CA VAL F 167 -24.20 26.20 -6.54
C VAL F 167 -22.75 26.66 -6.47
N THR F 168 -22.52 27.95 -6.71
CA THR F 168 -21.17 28.49 -6.48
C THR F 168 -20.89 28.67 -4.99
N GLU F 169 -19.61 28.84 -4.68
CA GLU F 169 -19.22 29.28 -3.35
C GLU F 169 -19.62 30.73 -3.15
N GLN F 170 -19.89 31.08 -1.89
CA GLN F 170 -20.27 32.44 -1.55
C GLN F 170 -19.24 33.42 -2.07
N ASP F 171 -19.70 34.42 -2.82
CA ASP F 171 -18.79 35.31 -3.50
C ASP F 171 -17.95 36.08 -2.49
N SER F 172 -16.65 36.23 -2.80
CA SER F 172 -15.73 36.78 -1.82
C SER F 172 -15.90 38.29 -1.64
N LYS F 173 -16.58 38.97 -2.56
CA LYS F 173 -16.81 40.41 -2.51
C LYS F 173 -18.24 40.78 -2.12
N ASP F 174 -19.28 40.27 -2.82
CA ASP F 174 -20.64 40.65 -2.49
C ASP F 174 -21.39 39.62 -1.64
N SER F 175 -20.75 38.49 -1.31
CA SER F 175 -21.32 37.50 -0.40
C SER F 175 -22.63 36.87 -0.92
N THR F 176 -22.86 36.84 -2.23
CA THR F 176 -24.02 36.16 -2.76
C THR F 176 -23.65 34.76 -3.27
N TYR F 177 -24.68 33.99 -3.60
CA TYR F 177 -24.56 32.70 -4.26
C TYR F 177 -25.17 32.82 -5.66
N SER F 178 -24.77 31.90 -6.53
CA SER F 178 -25.44 31.69 -7.79
C SER F 178 -25.64 30.20 -7.97
N LEU F 179 -26.71 29.85 -8.71
CA LEU F 179 -27.17 28.48 -8.80
C LEU F 179 -27.63 28.16 -10.21
N SER F 180 -27.25 27.00 -10.70
CA SER F 180 -27.80 26.46 -11.93
C SER F 180 -28.63 25.23 -11.59
N SER F 181 -29.76 25.08 -12.28
CA SER F 181 -30.56 23.87 -12.24
C SER F 181 -30.70 23.39 -13.67
N THR F 182 -30.31 22.16 -13.93
CA THR F 182 -30.32 21.60 -15.27
C THR F 182 -31.33 20.46 -15.33
N LEU F 183 -32.28 20.59 -16.26
CA LEU F 183 -33.27 19.56 -16.53
C LEU F 183 -32.83 18.81 -17.79
N THR F 184 -32.70 17.49 -17.69
CA THR F 184 -32.19 16.65 -18.78
C THR F 184 -33.30 15.77 -19.32
N LEU F 185 -33.51 15.85 -20.63
CA LEU F 185 -34.54 15.09 -21.32
C LEU F 185 -33.93 14.48 -22.57
N SER F 186 -34.51 13.35 -23.01
CA SER F 186 -34.17 12.86 -24.34
C SER F 186 -34.68 13.84 -25.37
N LYS F 187 -34.10 13.80 -26.57
CA LYS F 187 -34.61 14.69 -27.60
C LYS F 187 -36.09 14.43 -27.86
N ALA F 188 -36.49 13.16 -27.95
CA ALA F 188 -37.89 12.85 -28.24
C ALA F 188 -38.80 13.47 -27.20
N ASP F 189 -38.49 13.27 -25.90
CA ASP F 189 -39.33 13.82 -24.85
C ASP F 189 -39.38 15.35 -24.90
N TYR F 190 -38.23 15.99 -25.15
CA TYR F 190 -38.23 17.44 -25.29
C TYR F 190 -39.19 17.88 -26.38
N GLU F 191 -39.13 17.22 -27.53
CA GLU F 191 -40.00 17.55 -28.64
C GLU F 191 -41.46 17.19 -28.39
N LYS F 192 -41.79 16.41 -27.35
CA LYS F 192 -43.22 16.15 -27.10
C LYS F 192 -43.92 17.29 -26.35
N HIS F 193 -43.22 18.32 -25.89
CA HIS F 193 -43.86 19.33 -25.05
C HIS F 193 -43.58 20.72 -25.58
N LYS F 194 -44.42 21.68 -25.19
CA LYS F 194 -44.33 23.04 -25.71
C LYS F 194 -43.76 24.01 -24.68
N VAL F 195 -44.36 24.11 -23.49
CA VAL F 195 -44.03 25.16 -22.53
C VAL F 195 -43.03 24.62 -21.52
N TYR F 196 -41.90 25.32 -21.37
CA TYR F 196 -40.87 24.97 -20.41
C TYR F 196 -40.70 26.13 -19.46
N ALA F 197 -40.77 25.87 -18.15
CA ALA F 197 -40.72 26.94 -17.18
C ALA F 197 -39.95 26.46 -15.96
N CYS F 198 -39.22 27.40 -15.33
CA CYS F 198 -38.72 27.17 -13.98
C CYS F 198 -39.26 28.26 -13.07
N GLU F 199 -39.72 27.82 -11.89
CA GLU F 199 -40.32 28.67 -10.87
C GLU F 199 -39.43 28.68 -9.64
N VAL F 200 -39.07 29.87 -9.18
CA VAL F 200 -38.11 30.05 -8.11
C VAL F 200 -38.81 30.66 -6.91
N THR F 201 -38.68 30.00 -5.77
CA THR F 201 -39.14 30.50 -4.49
C THR F 201 -37.90 30.87 -3.68
N HIS F 202 -37.90 32.06 -3.09
CA HIS F 202 -36.76 32.57 -2.33
C HIS F 202 -37.23 33.67 -1.39
N GLN F 203 -36.54 33.77 -0.26
CA GLN F 203 -36.96 34.72 0.77
C GLN F 203 -36.97 36.16 0.25
N GLY F 204 -36.10 36.48 -0.71
CA GLY F 204 -36.06 37.83 -1.29
C GLY F 204 -37.15 38.16 -2.29
N LEU F 205 -37.99 37.18 -2.66
CA LEU F 205 -39.08 37.38 -3.61
C LEU F 205 -40.38 37.34 -2.84
N SER F 206 -41.20 38.38 -3.00
CA SER F 206 -42.48 38.45 -2.28
C SER F 206 -43.43 37.33 -2.71
N SER F 207 -43.28 36.83 -3.93
CA SER F 207 -43.94 35.60 -4.35
C SER F 207 -43.07 34.95 -5.43
N PRO F 208 -43.29 33.68 -5.73
CA PRO F 208 -42.38 32.96 -6.65
C PRO F 208 -42.31 33.62 -8.03
N VAL F 209 -41.14 33.48 -8.67
CA VAL F 209 -40.89 34.09 -9.98
C VAL F 209 -40.77 32.98 -11.01
N THR F 210 -41.43 33.12 -12.14
CA THR F 210 -41.40 32.10 -13.18
C THR F 210 -40.82 32.64 -14.47
N LYS F 211 -39.83 31.93 -15.01
CA LYS F 211 -39.26 32.22 -16.32
C LYS F 211 -39.56 31.05 -17.24
N SER F 212 -39.99 31.37 -18.46
CA SER F 212 -40.47 30.30 -19.33
C SER F 212 -40.15 30.63 -20.77
N PHE F 213 -40.24 29.59 -21.60
CA PHE F 213 -40.19 29.73 -23.05
C PHE F 213 -41.11 28.67 -23.68
N ASN F 214 -41.45 28.89 -24.95
CA ASN F 214 -42.17 27.90 -25.74
C ASN F 214 -41.20 27.30 -26.75
N ARG F 215 -41.13 25.97 -26.81
CA ARG F 215 -40.17 25.30 -27.68
C ARG F 215 -40.35 25.74 -29.13
N GLY F 216 -39.22 26.06 -29.78
CA GLY F 216 -39.25 26.58 -31.13
C GLY F 216 -39.52 28.06 -31.25
N GLU F 217 -39.37 28.82 -30.16
CA GLU F 217 -39.62 30.25 -30.12
C GLU F 217 -41.03 30.59 -30.63
N CYS F 218 -42.02 29.89 -30.09
CA CYS F 218 -43.43 30.17 -30.39
C CYS F 218 -43.98 31.32 -29.53
C1 NAG G . 23.69 27.21 31.81
C2 NAG G . 22.55 26.23 32.01
C3 NAG G . 21.24 26.98 32.21
C4 NAG G . 21.36 28.01 33.33
C5 NAG G . 22.55 28.92 33.11
C6 NAG G . 22.82 29.84 34.29
C7 NAG G . 22.69 23.98 31.01
C8 NAG G . 22.50 23.18 29.75
N2 NAG G . 22.44 25.29 30.90
O3 NAG G . 20.22 26.05 32.52
O4 NAG G . 20.19 28.83 33.31
O5 NAG G . 23.74 28.14 32.91
O6 NAG G . 23.32 29.15 35.43
O7 NAG G . 23.04 23.46 32.07
C1 NAG G . 19.30 28.58 34.41
C2 NAG G . 18.42 29.82 34.43
C3 NAG G . 17.37 29.70 35.51
C4 NAG G . 16.55 28.42 35.39
C5 NAG G . 17.46 27.20 35.26
C6 NAG G . 16.73 25.94 34.85
C7 NAG G . 19.67 31.80 33.71
C8 NAG G . 20.46 33.00 34.16
N2 NAG G . 19.22 31.00 34.68
O3 NAG G . 16.50 30.83 35.46
O4 NAG G . 15.88 28.46 36.63
O5 NAG G . 18.47 27.41 34.26
O6 NAG G . 17.56 24.80 34.87
O7 NAG G . 19.45 31.57 32.52
C1 BMA G . 14.75 27.68 37.15
C2 BMA G . 13.64 28.72 37.53
C3 BMA G . 12.97 28.06 38.71
C4 BMA G . 12.66 26.51 38.46
C5 BMA G . 13.53 25.75 37.28
C6 BMA G . 12.79 24.64 36.54
O2 BMA G . 12.65 28.86 36.52
O3 BMA G . 11.82 28.80 39.14
O4 BMA G . 12.79 25.80 39.71
O5 BMA G . 14.09 26.69 36.31
O6 BMA G . 11.49 24.61 37.06
C1 MAN G . 11.01 23.25 37.10
C2 MAN G . 9.50 23.38 37.13
C3 MAN G . 9.10 24.25 38.35
C4 MAN G . 9.77 23.80 39.70
C5 MAN G . 11.22 23.15 39.55
C6 MAN G . 11.53 22.08 40.61
O2 MAN G . 8.83 22.10 37.27
O3 MAN G . 7.69 24.30 38.55
O4 MAN G . 9.82 24.92 40.60
O5 MAN G . 11.47 22.54 38.23
O6 MAN G . 11.10 20.79 40.13
C1 MAN G . 7.01 24.87 37.41
C2 MAN G . 5.82 25.69 38.00
C3 MAN G . 4.73 24.75 38.54
C4 MAN G . 4.33 23.65 37.51
C5 MAN G . 5.61 22.89 36.97
C6 MAN G . 5.33 21.90 35.84
O2 MAN G . 5.19 26.51 37.01
O3 MAN G . 3.56 25.47 38.96
O4 MAN G . 3.41 22.74 38.14
O5 MAN G . 6.57 23.86 36.48
O6 MAN G . 5.05 22.64 34.64
C1 NAG H . -22.54 -15.51 -31.70
C2 NAG H . -21.55 -16.66 -31.91
C3 NAG H . -20.14 -16.11 -32.11
C4 NAG H . -20.11 -15.04 -33.21
C5 NAG H . -21.15 -13.97 -32.92
C6 NAG H . -21.26 -12.90 -34.00
C7 NAG H . -21.96 -18.85 -30.84
C8 NAG H . -21.90 -19.63 -29.56
N2 NAG H . -21.58 -17.57 -30.76
O3 NAG H . -19.25 -17.16 -32.42
O4 NAG H . -18.84 -14.42 -33.21
O5 NAG H . -22.43 -14.58 -32.79
O6 NAG H . -21.34 -13.44 -35.31
O7 NAG H . -22.35 -19.36 -31.89
C1 NAG H . -17.93 -14.84 -34.24
C2 NAG H . -16.70 -13.96 -33.99
C3 NAG H . -15.58 -14.35 -34.93
C4 NAG H . -15.27 -15.83 -34.77
C5 NAG H . -16.53 -16.64 -35.09
C6 NAG H . -16.35 -18.13 -34.88
C7 NAG H . -17.08 -11.72 -33.10
C8 NAG H . -17.45 -10.29 -33.42
N2 NAG H . -17.03 -12.55 -34.13
O3 NAG H . -14.43 -13.57 -34.59
O4 NAG H . -14.13 -16.30 -35.50
O5 NAG H . -17.58 -16.23 -34.20
O6 NAG H . -15.43 -18.41 -33.85
O7 NAG H . -16.85 -12.08 -31.95
C1 BMA H . -13.87 -15.74 -36.81
C2 BMA H . -12.67 -14.80 -36.69
C3 BMA H . -12.67 -14.01 -37.95
C4 BMA H . -12.37 -14.94 -39.16
C5 BMA H . -13.39 -16.15 -39.19
C6 BMA H . -13.04 -17.27 -40.20
O2 BMA H . -11.43 -15.53 -36.65
O3 BMA H . -11.81 -12.86 -37.85
O4 BMA H . -12.46 -14.22 -40.38
O5 BMA H . -13.59 -16.71 -37.83
O6 BMA H . -11.88 -17.98 -39.75
C1 MAN H . -12.52 -11.86 -37.06
C2 MAN H . -13.37 -10.98 -38.04
C3 MAN H . -13.50 -9.53 -37.50
C4 MAN H . -13.59 -9.54 -35.95
C5 MAN H . -12.23 -10.03 -35.37
C6 MAN H . -12.34 -10.56 -33.94
O2 MAN H . -14.72 -11.48 -38.16
O3 MAN H . -14.59 -8.81 -38.08
O4 MAN H . -13.93 -8.25 -35.44
O5 MAN H . -11.63 -11.08 -36.23
O6 MAN H . -13.63 -10.22 -33.42
#